data_7FHN
#
_entry.id   7FHN
#
_cell.length_a   1.00
_cell.length_b   1.00
_cell.length_c   1.00
_cell.angle_alpha   90.00
_cell.angle_beta   90.00
_cell.angle_gamma   90.00
#
_symmetry.space_group_name_H-M   'P 1'
#
loop_
_entity.id
_entity.type
_entity.pdbx_description
1 polymer 'Two pore calcium channel protein 1,GFP'
2 non-polymer 'CALCIUM ION'
#
_entity_poly.entity_id   1
_entity_poly.type   'polypeptide(L)'
_entity_poly.pdbx_seq_one_letter_code
;MEDPLIGRDSLGGGGTDRVRRSEAITHGTPFQKAAALVDLAEDGIGLPVEILDQSSFGESARYYFIFTRLDLIWSLNYFA
LLFLNFFEQPLWCEKNPKPSCKDRDYYYLGELPYLTNAESIIYEVITLAILLVHTFFPISYEGSRIFWTSRLNLVKVACV
VILFVDVLVDFLYLSPLAFDFLPFRIAPYVRVIIFILSIRELRDTLVLLSGMLGTYLNILALWMLFLLFASWIAFVMFEA
TQQGLTVFTSYGATLYQMFILFTTSNNPDVWIPAYKSSRWSSVFFVLYVLIGVYFVTNLILAVVYDSFKEQLAKQVSGMD
QMKRRMLEKAFGLIDSDKNGEIDKNQCIKLFEQLTNYRTLPKISKEEFGLIFDELDDTRDFKINKDEFADLCQAIALRFQ
KEEVPSLFEHFPQIYHSALSQQLRAFVRSPNFGYAISFILIINFIAVVVETTLAIEESSAQKPWQVAEFVFGWIYVLEMA
LKIYTYGFENYWREGANRFDFLVTWVIVIGETATFITPDENTFFSNGAWIRYLLLARMLRLIRLLMNVQRYRAFIATFIT
LIPSLMPYLGTIFCVLCIYCSIGVQVFGGLVNAGNKKLFETELAEDDYLLFNFNDYPNGMVTLFNLLVMGNWQVWMESYK
DLTGTWWSITYFVSFYVITILLLLNLVVAFVLEAFFTELDLEEEEKCQGQDSQEKRNRRRSAGSKSRSQRVDTLLHHMLG
DELSKPECSTSDTSTAGLVPRGSAAAAVSKGEELFTGVVPILVELDGDVNGHKFSVSGEGEGDATYGKLTLKFICTTGKL
PVPWPTLVTTLTYGVQCFSRYPDHMKQHDFFKSAMPEGYVQERTIFFKDDGNYKTRAEVKFEGDTLVNRIELKGIDFKED
GNILGHKLEYNYNSHNVYIMADKQKNGIKVNFKIRHNIEDGSVQLADHYQQNTPIGDGPVLLPDNHYLSTQSKLSKDPNE
KRDHMVLLEFVTAAGITLGMDELYKSGLRSHHHHHHHH
;
_entity_poly.pdbx_strand_id   A,C
#
loop_
_chem_comp.id
_chem_comp.type
_chem_comp.name
_chem_comp.formula
CA non-polymer 'CALCIUM ION' 'Ca 2'
#
# COMPACT_ATOMS: atom_id res chain seq x y z
N GLY A 28 -12.33 1.42 -57.51
CA GLY A 28 -12.30 1.27 -56.07
C GLY A 28 -13.56 1.76 -55.39
N THR A 29 -14.26 0.86 -54.72
CA THR A 29 -15.50 1.24 -54.05
C THR A 29 -15.20 2.13 -52.85
N PRO A 30 -15.82 3.30 -52.76
CA PRO A 30 -15.58 4.17 -51.59
C PRO A 30 -15.98 3.52 -50.28
N PHE A 31 -17.00 2.65 -50.30
CA PHE A 31 -17.41 1.99 -49.06
C PHE A 31 -16.33 1.05 -48.55
N GLN A 32 -15.57 0.43 -49.44
CA GLN A 32 -14.45 -0.40 -49.01
C GLN A 32 -13.38 0.43 -48.31
N LYS A 33 -13.05 1.59 -48.86
CA LYS A 33 -12.10 2.48 -48.21
C LYS A 33 -12.62 2.96 -46.86
N ALA A 34 -13.92 3.25 -46.79
CA ALA A 34 -14.52 3.66 -45.53
C ALA A 34 -14.45 2.54 -44.50
N ALA A 35 -14.69 1.29 -44.93
CA ALA A 35 -14.59 0.17 -44.01
C ALA A 35 -13.17 -0.01 -43.50
N ALA A 36 -12.18 0.13 -44.39
CA ALA A 36 -10.79 0.07 -43.95
C ALA A 36 -10.47 1.18 -42.95
N LEU A 37 -10.98 2.39 -43.22
CA LEU A 37 -10.74 3.51 -42.32
C LEU A 37 -11.41 3.29 -40.97
N VAL A 38 -12.60 2.70 -40.95
CA VAL A 38 -13.26 2.41 -39.68
C VAL A 38 -12.49 1.35 -38.90
N ASP A 39 -11.97 0.35 -39.61
CA ASP A 39 -11.11 -0.65 -38.96
C ASP A 39 -9.89 0.02 -38.34
N LEU A 40 -9.30 0.98 -39.05
CA LEU A 40 -8.14 1.68 -38.52
C LEU A 40 -8.53 2.66 -37.41
N ALA A 41 -9.78 3.11 -37.41
CA ALA A 41 -10.24 4.03 -36.37
C ALA A 41 -10.55 3.30 -35.07
N GLU A 42 -11.03 2.06 -35.16
CA GLU A 42 -11.22 1.27 -33.95
C GLU A 42 -9.91 1.10 -33.19
N ASP A 43 -8.83 0.84 -33.90
CA ASP A 43 -7.51 0.74 -33.31
C ASP A 43 -6.47 0.98 -34.41
N GLY A 44 -5.30 1.45 -33.99
CA GLY A 44 -4.26 1.82 -34.93
C GLY A 44 -3.76 0.71 -35.83
N ILE A 45 -4.24 -0.52 -35.62
CA ILE A 45 -3.89 -1.64 -36.47
C ILE A 45 -4.79 -1.64 -37.70
N GLY A 46 -4.19 -1.64 -38.88
CA GLY A 46 -4.97 -1.66 -40.10
C GLY A 46 -4.10 -1.38 -41.31
N LEU A 47 -4.75 -1.10 -42.43
CA LEU A 47 -4.06 -0.77 -43.66
C LEU A 47 -3.43 0.62 -43.55
N PRO A 48 -2.34 0.86 -44.27
CA PRO A 48 -1.75 2.21 -44.26
C PRO A 48 -2.67 3.22 -44.93
N VAL A 49 -2.59 4.46 -44.47
CA VAL A 49 -3.46 5.50 -45.02
C VAL A 49 -3.01 5.90 -46.42
N GLU A 50 -1.79 5.56 -46.80
CA GLU A 50 -1.21 5.99 -48.07
C GLU A 50 -1.61 5.12 -49.25
N ILE A 51 -2.30 4.00 -49.00
CA ILE A 51 -2.76 3.13 -50.07
C ILE A 51 -4.25 3.28 -50.36
N LEU A 52 -4.94 4.18 -49.65
CA LEU A 52 -6.38 4.27 -49.79
C LEU A 52 -6.79 4.74 -51.19
N ASP A 53 -6.13 5.78 -51.71
CA ASP A 53 -6.47 6.34 -53.00
C ASP A 53 -5.78 5.64 -54.16
N GLN A 54 -4.77 4.81 -53.89
CA GLN A 54 -3.99 4.22 -54.96
C GLN A 54 -4.79 3.14 -55.68
N SER A 55 -4.40 2.87 -56.93
CA SER A 55 -5.07 1.87 -57.73
C SER A 55 -4.78 0.47 -57.19
N SER A 56 -5.60 -0.49 -57.62
CA SER A 56 -5.49 -1.89 -57.22
C SER A 56 -5.64 -2.03 -55.70
N PHE A 57 -6.83 -1.68 -55.21
CA PHE A 57 -7.15 -1.79 -53.80
C PHE A 57 -7.62 -3.19 -53.40
N GLY A 58 -8.49 -3.80 -54.23
CA GLY A 58 -9.04 -5.09 -53.87
C GLY A 58 -8.00 -6.18 -53.74
N GLU A 59 -6.92 -6.08 -54.52
CA GLU A 59 -5.83 -7.04 -54.38
C GLU A 59 -5.21 -6.97 -52.98
N SER A 60 -4.99 -5.76 -52.48
CA SER A 60 -4.48 -5.60 -51.12
C SER A 60 -5.53 -6.02 -50.09
N ALA A 61 -6.79 -5.69 -50.34
CA ALA A 61 -7.86 -5.98 -49.38
C ALA A 61 -8.02 -7.48 -49.17
N ARG A 62 -8.03 -8.26 -50.26
CA ARG A 62 -8.21 -9.70 -50.13
C ARG A 62 -7.05 -10.34 -49.39
N TYR A 63 -5.82 -9.89 -49.70
CA TYR A 63 -4.66 -10.42 -48.98
C TYR A 63 -4.73 -10.08 -47.50
N TYR A 64 -5.14 -8.86 -47.16
CA TYR A 64 -5.32 -8.48 -45.76
C TYR A 64 -6.38 -9.34 -45.09
N PHE A 65 -7.49 -9.57 -45.78
CA PHE A 65 -8.57 -10.34 -45.18
C PHE A 65 -8.13 -11.77 -44.92
N ILE A 66 -7.43 -12.37 -45.87
CA ILE A 66 -6.93 -13.72 -45.69
C ILE A 66 -5.92 -13.76 -44.54
N PHE A 67 -5.08 -12.74 -44.45
CA PHE A 67 -4.13 -12.66 -43.35
C PHE A 67 -4.84 -12.61 -42.00
N THR A 68 -5.87 -11.78 -41.89
CA THR A 68 -6.61 -11.66 -40.63
C THR A 68 -7.42 -12.91 -40.31
N ARG A 69 -7.76 -13.71 -41.31
CA ARG A 69 -8.44 -14.97 -41.03
C ARG A 69 -7.58 -15.93 -40.22
N LEU A 70 -6.28 -15.69 -40.13
CA LEU A 70 -5.34 -16.58 -39.45
C LEU A 70 -4.74 -15.95 -38.21
N ASP A 71 -5.44 -14.99 -37.60
CA ASP A 71 -4.91 -14.34 -36.41
C ASP A 71 -4.79 -15.33 -35.25
N LEU A 72 -5.71 -16.28 -35.14
CA LEU A 72 -5.62 -17.29 -34.09
C LEU A 72 -4.37 -18.16 -34.30
N ILE A 73 -4.09 -18.52 -35.55
CA ILE A 73 -2.87 -19.28 -35.85
C ILE A 73 -1.63 -18.47 -35.48
N TRP A 74 -1.63 -17.19 -35.82
CA TRP A 74 -0.48 -16.34 -35.47
C TRP A 74 -0.30 -16.26 -33.96
N SER A 75 -1.40 -16.12 -33.22
CA SER A 75 -1.32 -16.04 -31.76
C SER A 75 -0.79 -17.33 -31.18
N LEU A 76 -1.27 -18.48 -31.67
CA LEU A 76 -0.75 -19.75 -31.19
C LEU A 76 0.74 -19.88 -31.49
N ASN A 77 1.16 -19.43 -32.68
CA ASN A 77 2.58 -19.50 -33.02
C ASN A 77 3.42 -18.65 -32.08
N TYR A 78 2.97 -17.42 -31.80
CA TYR A 78 3.75 -16.56 -30.92
C TYR A 78 3.81 -17.13 -29.51
N PHE A 79 2.71 -17.66 -29.01
CA PHE A 79 2.73 -18.24 -27.67
C PHE A 79 3.61 -19.48 -27.61
N ALA A 80 3.61 -20.29 -28.67
CA ALA A 80 4.52 -21.44 -28.71
C ALA A 80 5.97 -20.98 -28.74
N LEU A 81 6.26 -19.91 -29.49
CA LEU A 81 7.61 -19.36 -29.50
C LEU A 81 8.03 -18.92 -28.10
N LEU A 82 7.14 -18.22 -27.39
CA LEU A 82 7.48 -17.79 -26.04
C LEU A 82 7.67 -18.98 -25.10
N PHE A 83 6.80 -19.98 -25.19
CA PHE A 83 6.87 -21.12 -24.28
C PHE A 83 7.96 -22.11 -24.65
N LEU A 84 8.63 -21.92 -25.79
CA LEU A 84 9.81 -22.73 -26.09
C LEU A 84 10.86 -22.61 -25.00
N ASN A 85 11.00 -21.44 -24.39
CA ASN A 85 12.07 -21.22 -23.42
C ASN A 85 11.93 -22.12 -22.21
N PHE A 86 10.70 -22.49 -21.84
CA PHE A 86 10.51 -23.35 -20.68
C PHE A 86 11.11 -24.74 -20.85
N PHE A 87 11.30 -25.18 -22.08
CA PHE A 87 11.74 -26.55 -22.36
C PHE A 87 13.14 -26.62 -22.93
N GLU A 88 13.76 -25.48 -23.24
CA GLU A 88 15.09 -25.46 -23.84
C GLU A 88 16.15 -25.95 -22.86
N GLN A 89 17.12 -26.69 -23.37
CA GLN A 89 18.20 -27.18 -22.54
C GLN A 89 19.03 -26.01 -22.05
N PRO A 90 19.38 -25.97 -20.75
CA PRO A 90 20.18 -24.84 -20.25
C PRO A 90 21.58 -24.84 -20.85
N LEU A 91 22.15 -23.63 -20.95
CA LEU A 91 23.44 -23.47 -21.59
C LEU A 91 24.54 -24.19 -20.81
N TRP A 92 24.45 -24.20 -19.48
CA TRP A 92 25.47 -24.86 -18.69
C TRP A 92 25.46 -26.38 -18.90
N CYS A 93 24.41 -26.93 -19.50
CA CYS A 93 24.45 -28.31 -19.96
C CYS A 93 25.15 -28.47 -21.29
N GLU A 94 25.25 -27.40 -22.10
CA GLU A 94 25.94 -27.51 -23.38
C GLU A 94 27.42 -27.83 -23.18
N LYS A 95 27.97 -27.48 -22.02
CA LYS A 95 29.33 -27.84 -21.66
C LYS A 95 29.32 -29.29 -21.17
N ASN A 96 30.42 -29.73 -20.55
CA ASN A 96 30.57 -31.10 -20.09
C ASN A 96 30.88 -31.11 -18.60
N PRO A 97 29.86 -31.00 -17.74
CA PRO A 97 30.10 -31.13 -16.30
C PRO A 97 30.47 -32.57 -15.95
N LYS A 98 31.04 -32.73 -14.76
CA LYS A 98 31.50 -34.05 -14.35
C LYS A 98 30.36 -35.08 -14.36
N PRO A 99 29.20 -34.82 -13.74
CA PRO A 99 28.02 -35.61 -14.11
C PRO A 99 27.17 -34.90 -15.15
N SER A 100 26.64 -35.64 -16.12
CA SER A 100 25.74 -35.04 -17.09
C SER A 100 24.46 -34.59 -16.41
N CYS A 101 23.87 -33.51 -16.89
CA CYS A 101 22.72 -32.92 -16.22
C CYS A 101 21.43 -33.69 -16.46
N LYS A 102 21.51 -34.93 -16.94
CA LYS A 102 20.36 -35.82 -16.90
C LYS A 102 20.02 -36.21 -15.47
N ASP A 103 20.96 -36.03 -14.54
CA ASP A 103 20.70 -36.26 -13.12
C ASP A 103 19.89 -35.10 -12.57
N ARG A 104 18.56 -35.19 -12.67
CA ARG A 104 17.68 -34.11 -12.26
C ARG A 104 17.77 -33.81 -10.77
N ASP A 105 18.31 -34.74 -9.98
CA ASP A 105 18.40 -34.57 -8.54
C ASP A 105 19.74 -33.98 -8.09
N TYR A 106 20.79 -34.13 -8.89
CA TYR A 106 22.08 -33.59 -8.50
C TYR A 106 22.06 -32.06 -8.53
N TYR A 107 21.42 -31.48 -9.53
CA TYR A 107 21.39 -30.03 -9.69
C TYR A 107 20.06 -29.42 -9.28
N TYR A 108 19.22 -30.16 -8.58
CA TYR A 108 17.91 -29.67 -8.12
C TYR A 108 17.05 -29.16 -9.27
N LEU A 109 17.06 -29.90 -10.37
CA LEU A 109 16.17 -29.64 -11.49
C LEU A 109 14.88 -30.43 -11.29
N GLY A 110 14.00 -30.45 -12.28
CA GLY A 110 12.88 -31.37 -12.23
C GLY A 110 11.58 -30.97 -12.90
N GLU A 111 10.81 -31.99 -13.31
CA GLU A 111 9.41 -31.97 -13.70
C GLU A 111 9.11 -31.36 -15.08
N LEU A 112 10.11 -30.93 -15.85
CA LEU A 112 9.79 -30.55 -17.21
C LEU A 112 10.78 -31.15 -18.19
N PRO A 113 10.31 -31.80 -19.24
CA PRO A 113 11.21 -32.55 -20.13
C PRO A 113 12.08 -31.63 -20.97
N TYR A 114 13.23 -32.17 -21.38
CA TYR A 114 14.15 -31.46 -22.25
C TYR A 114 14.06 -32.00 -23.67
N LEU A 115 13.97 -31.10 -24.63
CA LEU A 115 13.99 -31.46 -26.04
C LEU A 115 15.41 -31.78 -26.48
N THR A 116 15.56 -32.94 -27.11
CA THR A 116 16.84 -33.29 -27.73
C THR A 116 17.11 -32.36 -28.90
N ASN A 117 18.29 -32.54 -29.50
CA ASN A 117 18.70 -31.65 -30.58
C ASN A 117 17.73 -31.70 -31.76
N ALA A 118 17.30 -32.91 -32.13
CA ALA A 118 16.38 -33.03 -33.27
C ALA A 118 15.04 -32.37 -32.97
N GLU A 119 14.49 -32.62 -31.79
CA GLU A 119 13.20 -32.02 -31.44
C GLU A 119 13.29 -30.50 -31.40
N SER A 120 14.36 -29.99 -30.78
CA SER A 120 14.54 -28.54 -30.72
C SER A 120 14.67 -27.94 -32.10
N ILE A 121 15.45 -28.60 -32.98
CA ILE A 121 15.67 -28.07 -34.32
C ILE A 121 14.37 -28.05 -35.11
N ILE A 122 13.61 -29.14 -35.07
CA ILE A 122 12.38 -29.18 -35.85
C ILE A 122 11.35 -28.19 -35.31
N TYR A 123 11.26 -28.06 -33.98
CA TYR A 123 10.35 -27.10 -33.39
C TYR A 123 10.73 -25.68 -33.78
N GLU A 124 12.03 -25.36 -33.71
CA GLU A 124 12.49 -24.02 -34.08
C GLU A 124 12.24 -23.74 -35.54
N VAL A 125 12.45 -24.73 -36.42
CA VAL A 125 12.22 -24.53 -37.84
C VAL A 125 10.74 -24.30 -38.12
N ILE A 126 9.86 -25.07 -37.47
CA ILE A 126 8.43 -24.86 -37.65
C ILE A 126 8.03 -23.45 -37.25
N THR A 127 8.45 -23.05 -36.05
CA THR A 127 8.09 -21.72 -35.55
C THR A 127 8.68 -20.63 -36.43
N LEU A 128 9.93 -20.81 -36.86
CA LEU A 128 10.60 -19.80 -37.68
C LEU A 128 9.94 -19.66 -39.04
N ALA A 129 9.52 -20.78 -39.64
CA ALA A 129 8.82 -20.70 -40.92
C ALA A 129 7.51 -19.96 -40.77
N ILE A 130 6.74 -20.29 -39.71
CA ILE A 130 5.46 -19.61 -39.52
C ILE A 130 5.68 -18.12 -39.28
N LEU A 131 6.67 -17.78 -38.47
CA LEU A 131 6.91 -16.38 -38.14
C LEU A 131 7.49 -15.62 -39.34
N LEU A 132 8.25 -16.30 -40.19
CA LEU A 132 8.74 -15.68 -41.42
C LEU A 132 7.60 -15.37 -42.36
N VAL A 133 6.65 -16.29 -42.50
CA VAL A 133 5.46 -15.99 -43.30
C VAL A 133 4.69 -14.83 -42.70
N HIS A 134 4.55 -14.80 -41.38
CA HIS A 134 3.82 -13.72 -40.73
C HIS A 134 4.50 -12.37 -40.94
N THR A 135 5.83 -12.35 -40.83
CA THR A 135 6.56 -11.07 -40.85
C THR A 135 6.63 -10.49 -42.25
N PHE A 136 6.90 -11.31 -43.25
CA PHE A 136 7.13 -10.84 -44.61
C PHE A 136 5.87 -10.82 -45.47
N PHE A 137 4.73 -11.19 -44.91
CA PHE A 137 3.48 -11.15 -45.68
C PHE A 137 3.00 -9.73 -45.93
N PRO A 138 3.12 -8.78 -44.97
CA PRO A 138 2.65 -7.41 -45.22
C PRO A 138 3.19 -6.76 -46.49
N ILE A 139 4.23 -7.33 -47.10
CA ILE A 139 4.76 -6.77 -48.33
C ILE A 139 3.72 -6.82 -49.45
N SER A 140 2.78 -7.76 -49.37
CA SER A 140 1.81 -7.94 -50.45
C SER A 140 0.80 -6.80 -50.48
N TYR A 141 0.23 -6.45 -49.33
CA TYR A 141 -0.83 -5.47 -49.26
C TYR A 141 -0.37 -4.09 -48.80
N GLU A 142 0.93 -3.85 -48.74
CA GLU A 142 1.46 -2.55 -48.35
C GLU A 142 2.45 -1.99 -49.37
N GLY A 143 2.49 -2.55 -50.58
CA GLY A 143 3.50 -2.10 -51.51
C GLY A 143 4.88 -2.54 -51.04
N SER A 144 5.89 -1.87 -51.58
CA SER A 144 7.28 -2.15 -51.21
C SER A 144 7.90 -1.06 -50.36
N ARG A 145 7.79 0.20 -50.78
CA ARG A 145 8.41 1.28 -50.03
C ARG A 145 7.77 1.48 -48.66
N ILE A 146 6.45 1.31 -48.57
CA ILE A 146 5.76 1.54 -47.30
C ILE A 146 6.20 0.51 -46.26
N PHE A 147 6.43 -0.73 -46.70
CA PHE A 147 6.86 -1.77 -45.77
C PHE A 147 8.22 -1.47 -45.18
N TRP A 148 9.13 -0.94 -45.97
CA TRP A 148 10.50 -0.69 -45.53
C TRP A 148 10.69 0.69 -44.93
N THR A 149 9.62 1.47 -44.77
CA THR A 149 9.72 2.79 -44.19
C THR A 149 9.03 2.88 -42.82
N SER A 150 8.75 1.75 -42.18
CA SER A 150 8.12 1.73 -40.87
C SER A 150 9.09 1.17 -39.85
N ARG A 151 9.24 1.88 -38.72
CA ARG A 151 10.20 1.48 -37.70
C ARG A 151 9.83 0.11 -37.12
N LEU A 152 8.54 -0.13 -36.90
CA LEU A 152 8.12 -1.41 -36.34
C LEU A 152 8.46 -2.57 -37.28
N ASN A 153 8.22 -2.39 -38.58
CA ASN A 153 8.56 -3.44 -39.52
C ASN A 153 10.06 -3.65 -39.59
N LEU A 154 10.84 -2.57 -39.51
CA LEU A 154 12.29 -2.69 -39.52
C LEU A 154 12.80 -3.47 -38.32
N VAL A 155 12.27 -3.17 -37.13
CA VAL A 155 12.73 -3.92 -35.96
C VAL A 155 12.24 -5.36 -36.02
N LYS A 156 11.05 -5.60 -36.57
CA LYS A 156 10.57 -6.97 -36.73
C LYS A 156 11.49 -7.76 -37.66
N VAL A 157 11.85 -7.19 -38.80
CA VAL A 157 12.70 -7.91 -39.75
C VAL A 157 14.10 -8.09 -39.17
N ALA A 158 14.58 -7.11 -38.41
CA ALA A 158 15.86 -7.29 -37.73
C ALA A 158 15.80 -8.45 -36.74
N CYS A 159 14.73 -8.53 -35.96
CA CYS A 159 14.61 -9.62 -35.00
C CYS A 159 14.55 -10.96 -35.71
N VAL A 160 13.77 -11.06 -36.80
CA VAL A 160 13.64 -12.34 -37.47
C VAL A 160 14.95 -12.74 -38.16
N VAL A 161 15.68 -11.78 -38.72
CA VAL A 161 16.93 -12.15 -39.37
C VAL A 161 17.97 -12.55 -38.33
N ILE A 162 17.97 -11.91 -37.16
CA ILE A 162 18.86 -12.34 -36.08
C ILE A 162 18.49 -13.75 -35.64
N LEU A 163 17.19 -14.04 -35.52
CA LEU A 163 16.77 -15.37 -35.13
C LEU A 163 17.18 -16.40 -36.17
N PHE A 164 17.06 -16.06 -37.46
CA PHE A 164 17.46 -16.98 -38.51
C PHE A 164 18.96 -17.24 -38.47
N VAL A 165 19.76 -16.19 -38.26
CA VAL A 165 21.20 -16.38 -38.16
C VAL A 165 21.54 -17.26 -36.97
N ASP A 166 20.86 -17.04 -35.84
CA ASP A 166 21.14 -17.84 -34.66
C ASP A 166 20.80 -19.31 -34.88
N VAL A 167 19.63 -19.59 -35.46
CA VAL A 167 19.25 -20.98 -35.67
C VAL A 167 20.15 -21.63 -36.72
N LEU A 168 20.57 -20.86 -37.72
CA LEU A 168 21.49 -21.40 -38.71
C LEU A 168 22.84 -21.73 -38.09
N VAL A 169 23.31 -20.88 -37.18
CA VAL A 169 24.56 -21.17 -36.48
C VAL A 169 24.42 -22.40 -35.60
N ASP A 170 23.27 -22.54 -34.93
CA ASP A 170 23.01 -23.73 -34.14
C ASP A 170 23.02 -24.99 -35.01
N PHE A 171 22.42 -24.90 -36.19
CA PHE A 171 22.42 -26.02 -37.13
C PHE A 171 23.84 -26.34 -37.61
N LEU A 172 24.62 -25.30 -37.93
CA LEU A 172 25.99 -25.51 -38.41
C LEU A 172 26.87 -26.14 -37.36
N TYR A 173 26.75 -25.69 -36.10
CA TYR A 173 27.59 -26.22 -35.04
C TYR A 173 27.35 -27.70 -34.83
N LEU A 174 26.12 -28.16 -35.04
CA LEU A 174 25.79 -29.56 -34.91
C LEU A 174 26.06 -30.31 -36.22
N LEU A 182 31.10 -19.80 -29.49
CA LEU A 182 29.75 -19.47 -29.03
C LEU A 182 29.78 -18.92 -27.59
N PRO A 183 29.74 -17.60 -27.46
CA PRO A 183 29.71 -17.00 -26.12
C PRO A 183 28.42 -17.33 -25.38
N PHE A 184 27.28 -17.06 -26.03
CA PHE A 184 25.99 -17.35 -25.43
C PHE A 184 24.94 -17.34 -26.53
N ARG A 185 23.75 -17.84 -26.18
CA ARG A 185 22.63 -17.90 -27.12
C ARG A 185 21.78 -16.64 -26.96
N ILE A 186 21.62 -15.90 -28.05
CA ILE A 186 20.81 -14.69 -28.02
C ILE A 186 19.35 -14.95 -28.37
N ALA A 187 19.00 -16.19 -28.74
CA ALA A 187 17.63 -16.47 -29.15
C ALA A 187 16.58 -16.19 -28.08
N PRO A 188 16.76 -16.56 -26.80
CA PRO A 188 15.69 -16.28 -25.83
C PRO A 188 15.28 -14.81 -25.77
N TYR A 189 16.25 -13.91 -25.64
CA TYR A 189 15.92 -12.49 -25.56
C TYR A 189 15.24 -12.02 -26.84
N VAL A 190 15.75 -12.46 -27.99
CA VAL A 190 15.21 -12.01 -29.26
C VAL A 190 13.75 -12.43 -29.41
N ARG A 191 13.45 -13.69 -29.10
CA ARG A 191 12.07 -14.14 -29.23
C ARG A 191 11.18 -13.52 -28.16
N VAL A 192 11.73 -13.19 -27.00
CA VAL A 192 10.94 -12.47 -26.01
C VAL A 192 10.55 -11.09 -26.53
N ILE A 193 11.48 -10.38 -27.16
CA ILE A 193 11.14 -9.09 -27.76
C ILE A 193 10.14 -9.27 -28.89
N ILE A 194 10.28 -10.34 -29.68
CA ILE A 194 9.31 -10.57 -30.76
C ILE A 194 7.92 -10.77 -30.19
N PHE A 195 7.80 -11.56 -29.13
CA PHE A 195 6.51 -11.74 -28.47
C PHE A 195 6.00 -10.40 -27.91
N ILE A 196 6.90 -9.61 -27.32
CA ILE A 196 6.49 -8.36 -26.69
C ILE A 196 5.91 -7.41 -27.72
N LEU A 197 6.59 -7.26 -28.85
CA LEU A 197 6.12 -6.32 -29.88
C LEU A 197 5.12 -6.94 -30.84
N SER A 198 4.80 -8.22 -30.69
CA SER A 198 3.71 -8.83 -31.44
C SER A 198 2.35 -8.53 -30.87
N ILE A 199 2.28 -8.02 -29.63
CA ILE A 199 1.02 -7.69 -28.97
C ILE A 199 1.01 -6.19 -28.73
N ARG A 200 -0.09 -5.54 -29.13
CA ARG A 200 -0.14 -4.08 -29.07
C ARG A 200 -0.06 -3.57 -27.64
N GLU A 201 -0.72 -4.27 -26.71
CA GLU A 201 -0.76 -3.80 -25.32
C GLU A 201 0.62 -3.79 -24.69
N LEU A 202 1.43 -4.81 -24.96
CA LEU A 202 2.78 -4.84 -24.41
C LEU A 202 3.63 -3.71 -24.98
N ARG A 203 3.47 -3.41 -26.27
CA ARG A 203 4.17 -2.27 -26.85
C ARG A 203 3.76 -0.97 -26.18
N ASP A 204 2.46 -0.81 -25.93
CA ASP A 204 1.99 0.39 -25.26
C ASP A 204 2.57 0.49 -23.86
N THR A 205 2.62 -0.62 -23.13
CA THR A 205 3.17 -0.61 -21.78
C THR A 205 4.64 -0.22 -21.80
N LEU A 206 5.41 -0.74 -22.76
CA LEU A 206 6.82 -0.38 -22.85
C LEU A 206 6.99 1.10 -23.18
N VAL A 207 6.16 1.64 -24.07
CA VAL A 207 6.25 3.06 -24.38
C VAL A 207 5.97 3.90 -23.15
N LEU A 208 4.95 3.51 -22.37
CA LEU A 208 4.62 4.25 -21.15
C LEU A 208 5.73 4.16 -20.11
N LEU A 209 6.36 2.99 -19.97
CA LEU A 209 7.47 2.88 -19.05
C LEU A 209 8.64 3.77 -19.49
N SER A 210 8.92 3.80 -20.80
CA SER A 210 9.94 4.71 -21.31
C SER A 210 9.60 6.15 -20.98
N GLY A 211 8.32 6.51 -21.07
CA GLY A 211 7.91 7.84 -20.68
C GLY A 211 8.15 8.13 -19.21
N MET A 212 7.86 7.15 -18.35
CA MET A 212 8.01 7.34 -16.91
C MET A 212 9.47 7.38 -16.47
N LEU A 213 10.38 6.85 -17.29
CA LEU A 213 11.75 6.60 -16.84
C LEU A 213 12.39 7.82 -16.18
N GLY A 214 12.15 9.01 -16.71
CA GLY A 214 12.79 10.20 -16.14
C GLY A 214 12.35 10.49 -14.72
N THR A 215 11.04 10.52 -14.50
CA THR A 215 10.52 10.77 -13.14
C THR A 215 10.92 9.66 -12.20
N TYR A 216 10.88 8.41 -12.67
CA TYR A 216 11.30 7.31 -11.81
C TYR A 216 12.76 7.45 -11.42
N LEU A 217 13.61 7.87 -12.36
CA LEU A 217 15.02 8.08 -12.04
C LEU A 217 15.21 9.21 -11.04
N ASN A 218 14.43 10.29 -11.16
CA ASN A 218 14.52 11.37 -10.17
C ASN A 218 14.17 10.90 -8.77
N ILE A 219 13.02 10.21 -8.63
CA ILE A 219 12.64 9.73 -7.31
C ILE A 219 13.62 8.67 -6.80
N LEU A 220 14.20 7.87 -7.69
CA LEU A 220 15.24 6.94 -7.28
C LEU A 220 16.47 7.66 -6.77
N ALA A 221 16.82 8.80 -7.38
CA ALA A 221 17.95 9.59 -6.88
C ALA A 221 17.67 10.12 -5.48
N LEU A 222 16.45 10.61 -5.25
CA LEU A 222 16.10 11.06 -3.90
C LEU A 222 16.20 9.91 -2.89
N TRP A 223 15.65 8.74 -3.25
CA TRP A 223 15.70 7.58 -2.38
C TRP A 223 17.15 7.17 -2.10
N MET A 224 18.00 7.25 -3.11
CA MET A 224 19.41 6.89 -2.95
C MET A 224 20.13 7.88 -2.04
N LEU A 225 19.81 9.17 -2.16
CA LEU A 225 20.40 10.14 -1.24
C LEU A 225 19.98 9.86 0.19
N PHE A 226 18.70 9.55 0.40
CA PHE A 226 18.25 9.18 1.73
C PHE A 226 19.02 7.98 2.28
N LEU A 227 19.15 6.93 1.47
CA LEU A 227 19.89 5.75 1.91
C LEU A 227 21.33 6.08 2.22
N LEU A 228 21.98 6.88 1.36
CA LEU A 228 23.40 7.19 1.55
C LEU A 228 23.62 7.97 2.83
N PHE A 229 22.81 9.00 3.09
CA PHE A 229 23.05 9.79 4.29
C PHE A 229 22.68 9.02 5.55
N ALA A 230 21.58 8.26 5.52
CA ALA A 230 21.24 7.47 6.70
C ALA A 230 22.32 6.45 7.00
N SER A 231 22.87 5.81 5.97
CA SER A 231 23.93 4.84 6.19
C SER A 231 25.19 5.50 6.72
N TRP A 232 25.50 6.70 6.23
CA TRP A 232 26.66 7.42 6.77
C TRP A 232 26.46 7.77 8.24
N ILE A 233 25.26 8.24 8.60
CA ILE A 233 24.97 8.59 9.98
C ILE A 233 25.11 7.35 10.87
N ALA A 234 24.57 6.22 10.42
CA ALA A 234 24.71 4.99 11.18
C ALA A 234 26.16 4.52 11.25
N PHE A 235 26.94 4.75 10.20
CA PHE A 235 28.34 4.33 10.20
C PHE A 235 29.14 5.11 11.22
N VAL A 236 28.92 6.42 11.30
CA VAL A 236 29.71 7.23 12.22
C VAL A 236 29.18 7.15 13.65
N MET A 237 27.87 6.96 13.84
CA MET A 237 27.34 6.76 15.18
C MET A 237 27.96 5.53 15.82
N PHE A 238 27.89 4.40 15.12
CA PHE A 238 28.40 3.13 15.64
C PHE A 238 29.78 2.83 15.07
N GLU A 239 30.74 3.66 15.45
CA GLU A 239 32.10 3.49 14.92
C GLU A 239 32.86 2.41 15.69
N ALA A 240 33.04 2.61 16.99
CA ALA A 240 33.76 1.65 17.82
C ALA A 240 32.83 0.82 18.69
N THR A 241 31.52 0.90 18.47
CA THR A 241 30.58 0.14 19.26
C THR A 241 30.55 -1.32 18.83
N GLN A 242 29.84 -2.13 19.60
CA GLN A 242 29.72 -3.54 19.26
C GLN A 242 28.95 -3.73 17.95
N GLN A 243 28.03 -2.83 17.63
CA GLN A 243 27.30 -2.92 16.38
C GLN A 243 28.11 -2.48 15.17
N GLY A 244 29.17 -1.73 15.37
CA GLY A 244 29.99 -1.28 14.25
C GLY A 244 31.11 -2.25 13.97
N LEU A 245 31.26 -3.25 14.83
CA LEU A 245 32.30 -4.26 14.68
C LEU A 245 31.75 -5.59 14.16
N THR A 246 30.46 -5.69 13.91
CA THR A 246 29.88 -6.93 13.41
C THR A 246 28.96 -6.69 12.21
N VAL A 247 28.37 -5.50 12.12
CA VAL A 247 27.39 -5.24 11.08
C VAL A 247 27.83 -4.07 10.20
N PHE A 248 28.04 -2.91 10.80
CA PHE A 248 28.44 -1.71 10.05
C PHE A 248 29.96 -1.58 10.02
N THR A 249 30.60 -2.59 9.42
CA THR A 249 32.06 -2.64 9.40
C THR A 249 32.65 -1.49 8.58
N SER A 250 32.04 -1.17 7.44
CA SER A 250 32.50 -0.09 6.59
C SER A 250 31.29 0.62 6.02
N TYR A 251 31.54 1.66 5.23
CA TYR A 251 30.43 2.39 4.64
C TYR A 251 29.69 1.53 3.63
N GLY A 252 30.41 0.71 2.85
CA GLY A 252 29.74 -0.15 1.89
C GLY A 252 28.86 -1.18 2.54
N ALA A 253 29.36 -1.87 3.57
CA ALA A 253 28.55 -2.85 4.27
C ALA A 253 27.35 -2.19 4.95
N THR A 254 27.56 -1.00 5.52
CA THR A 254 26.46 -0.28 6.15
C THR A 254 25.39 0.08 5.12
N LEU A 255 25.81 0.55 3.95
CA LEU A 255 24.84 0.91 2.91
C LEU A 255 24.07 -0.33 2.46
N TYR A 256 24.77 -1.45 2.31
CA TYR A 256 24.13 -2.70 1.93
C TYR A 256 23.08 -3.12 2.95
N GLN A 257 23.46 -3.16 4.23
CA GLN A 257 22.54 -3.60 5.27
C GLN A 257 21.38 -2.64 5.46
N MET A 258 21.60 -1.33 5.36
CA MET A 258 20.51 -0.38 5.47
C MET A 258 19.57 -0.47 4.28
N PHE A 259 20.10 -0.75 3.08
CA PHE A 259 19.21 -0.98 1.95
C PHE A 259 18.33 -2.19 2.18
N ILE A 260 18.91 -3.28 2.71
CA ILE A 260 18.09 -4.44 3.01
C ILE A 260 17.05 -4.11 4.08
N LEU A 261 17.45 -3.39 5.13
CA LEU A 261 16.54 -3.01 6.20
C LEU A 261 15.41 -2.11 5.70
N PHE A 262 15.66 -1.35 4.62
CA PHE A 262 14.61 -0.50 4.07
C PHE A 262 13.37 -1.31 3.70
N THR A 263 13.55 -2.58 3.32
CA THR A 263 12.45 -3.46 2.96
C THR A 263 11.93 -4.27 4.14
N THR A 264 12.46 -4.05 5.34
CA THR A 264 12.02 -4.73 6.56
C THR A 264 12.13 -6.24 6.44
N SER A 265 13.05 -6.69 5.59
CA SER A 265 13.26 -8.12 5.44
C SER A 265 14.01 -8.73 6.62
N ASN A 266 14.75 -7.92 7.37
CA ASN A 266 15.49 -8.39 8.54
C ASN A 266 15.37 -7.38 9.68
N ASN A 267 14.14 -6.91 9.95
CA ASN A 267 13.97 -5.76 10.84
C ASN A 267 14.52 -6.01 12.24
N PRO A 268 14.15 -7.09 12.95
CA PRO A 268 14.74 -7.26 14.28
C PRO A 268 16.18 -7.75 14.23
N ASP A 269 16.59 -8.38 13.13
CA ASP A 269 17.88 -9.08 13.11
C ASP A 269 19.06 -8.13 13.05
N VAL A 270 18.96 -7.07 12.25
CA VAL A 270 20.14 -6.29 11.90
C VAL A 270 20.68 -5.52 13.10
N TRP A 271 19.81 -5.01 13.97
CA TRP A 271 20.24 -4.19 15.09
C TRP A 271 20.05 -4.87 16.43
N ILE A 272 20.19 -6.20 16.49
CA ILE A 272 20.31 -6.87 17.78
C ILE A 272 21.57 -6.47 18.54
N PRO A 273 22.76 -6.40 17.90
CA PRO A 273 23.94 -5.96 18.68
C PRO A 273 23.78 -4.57 19.27
N ALA A 274 23.21 -3.63 18.53
CA ALA A 274 23.00 -2.30 19.07
C ALA A 274 22.04 -2.33 20.25
N TYR A 275 20.96 -3.08 20.13
CA TYR A 275 19.98 -3.17 21.20
C TYR A 275 20.58 -3.84 22.44
N LYS A 276 21.41 -4.86 22.24
CA LYS A 276 22.02 -5.56 23.37
C LYS A 276 23.06 -4.68 24.05
N SER A 277 23.76 -3.83 23.30
CA SER A 277 24.74 -2.95 23.91
C SER A 277 24.13 -1.68 24.50
N SER A 278 23.02 -1.19 23.95
CA SER A 278 22.38 0.01 24.47
C SER A 278 20.94 0.05 24.00
N ARG A 279 20.00 -0.01 24.94
CA ARG A 279 18.58 -0.02 24.58
C ARG A 279 18.12 1.29 23.96
N TRP A 280 18.88 2.36 24.15
CA TRP A 280 18.50 3.63 23.53
C TRP A 280 18.86 3.70 22.07
N SER A 281 19.74 2.82 21.58
CA SER A 281 20.07 2.78 20.17
C SER A 281 18.90 2.34 19.31
N SER A 282 17.93 1.63 19.89
CA SER A 282 16.76 1.21 19.14
C SER A 282 15.92 2.39 18.67
N VAL A 283 16.03 3.55 19.33
CA VAL A 283 15.24 4.70 18.92
C VAL A 283 15.63 5.13 17.52
N PHE A 284 16.93 5.14 17.22
CA PHE A 284 17.39 5.57 15.90
C PHE A 284 16.89 4.61 14.82
N PHE A 285 16.97 3.30 15.07
CA PHE A 285 16.52 2.35 14.06
C PHE A 285 15.00 2.32 13.92
N VAL A 286 14.27 2.54 15.01
CA VAL A 286 12.82 2.70 14.92
C VAL A 286 12.48 3.91 14.05
N LEU A 287 13.17 5.02 14.27
CA LEU A 287 12.97 6.19 13.43
C LEU A 287 13.25 5.86 11.97
N TYR A 288 14.37 5.19 11.69
CA TYR A 288 14.72 4.90 10.32
C TYR A 288 13.68 4.01 9.65
N VAL A 289 13.28 2.93 10.34
CA VAL A 289 12.33 1.98 9.74
C VAL A 289 10.98 2.65 9.53
N LEU A 290 10.48 3.38 10.53
CA LEU A 290 9.19 4.03 10.37
C LEU A 290 9.23 5.07 9.26
N ILE A 291 10.25 5.92 9.24
CA ILE A 291 10.36 6.93 8.18
C ILE A 291 10.42 6.26 6.82
N GLY A 292 11.30 5.28 6.64
CA GLY A 292 11.35 4.55 5.39
C GLY A 292 9.99 4.04 4.98
N VAL A 293 9.44 3.11 5.76
CA VAL A 293 8.24 2.38 5.38
C VAL A 293 7.08 3.32 5.12
N TYR A 294 6.92 4.37 5.92
CA TYR A 294 5.66 5.11 5.84
C TYR A 294 5.79 6.40 5.06
N PHE A 295 7.01 6.94 4.91
CA PHE A 295 7.23 8.12 4.09
C PHE A 295 7.74 7.72 2.70
N VAL A 296 8.90 7.06 2.64
CA VAL A 296 9.60 6.90 1.36
C VAL A 296 8.86 5.92 0.46
N THR A 297 8.42 4.79 1.03
CA THR A 297 7.75 3.78 0.21
C THR A 297 6.47 4.33 -0.40
N ASN A 298 5.65 4.98 0.40
CA ASN A 298 4.41 5.54 -0.10
C ASN A 298 4.66 6.72 -1.03
N LEU A 299 5.74 7.48 -0.80
CA LEU A 299 6.09 8.55 -1.72
C LEU A 299 6.46 7.99 -3.09
N ILE A 300 7.24 6.91 -3.11
CA ILE A 300 7.61 6.29 -4.38
C ILE A 300 6.36 5.78 -5.09
N LEU A 301 5.46 5.15 -4.33
CA LEU A 301 4.21 4.65 -4.93
C LEU A 301 3.40 5.79 -5.53
N ALA A 302 3.28 6.91 -4.80
CA ALA A 302 2.50 8.04 -5.29
C ALA A 302 3.14 8.65 -6.53
N VAL A 303 4.47 8.78 -6.54
CA VAL A 303 5.14 9.37 -7.69
C VAL A 303 4.96 8.49 -8.91
N VAL A 304 5.12 7.17 -8.75
CA VAL A 304 4.93 6.25 -9.86
C VAL A 304 3.51 6.34 -10.39
N TYR A 305 2.52 6.35 -9.49
CA TYR A 305 1.14 6.42 -9.94
C TYR A 305 0.85 7.73 -10.68
N ASP A 306 1.36 8.85 -10.17
CA ASP A 306 1.11 10.13 -10.83
C ASP A 306 1.75 10.17 -12.21
N SER A 307 3.00 9.72 -12.32
CA SER A 307 3.67 9.72 -13.62
C SER A 307 2.94 8.83 -14.62
N PHE A 308 2.53 7.64 -14.18
CA PHE A 308 1.86 6.73 -15.09
C PHE A 308 0.49 7.27 -15.48
N LYS A 309 -0.20 7.94 -14.56
CA LYS A 309 -1.48 8.54 -14.90
C LYS A 309 -1.32 9.66 -15.92
N GLU A 310 -0.25 10.44 -15.83
CA GLU A 310 0.02 11.41 -16.89
C GLU A 310 0.33 10.75 -18.22
N GLN A 311 1.09 9.65 -18.18
CA GLN A 311 1.39 8.94 -19.43
C GLN A 311 0.13 8.41 -20.10
N LEU A 312 -0.81 7.86 -19.33
CA LEU A 312 -2.10 7.47 -19.91
C LEU A 312 -2.81 8.66 -20.51
N ALA A 313 -2.78 9.82 -19.84
CA ALA A 313 -3.43 11.00 -20.39
C ALA A 313 -2.87 11.33 -21.77
N LYS A 314 -1.55 11.38 -21.90
CA LYS A 314 -0.95 11.71 -23.18
C LYS A 314 -1.28 10.66 -24.24
N GLN A 315 -1.10 9.38 -23.91
CA GLN A 315 -1.34 8.33 -24.91
C GLN A 315 -2.79 8.30 -25.36
N VAL A 316 -3.72 8.38 -24.41
CA VAL A 316 -5.14 8.32 -24.74
C VAL A 316 -5.55 9.55 -25.53
N SER A 317 -5.00 10.72 -25.21
CA SER A 317 -5.30 11.91 -26.00
C SER A 317 -4.82 11.73 -27.44
N GLY A 318 -3.61 11.20 -27.62
CA GLY A 318 -3.11 10.96 -28.96
C GLY A 318 -3.96 9.97 -29.74
N MET A 319 -4.30 8.85 -29.10
CA MET A 319 -5.13 7.86 -29.77
C MET A 319 -6.51 8.41 -30.12
N ASP A 320 -7.11 9.18 -29.21
CA ASP A 320 -8.44 9.73 -29.48
C ASP A 320 -8.40 10.73 -30.62
N GLN A 321 -7.36 11.59 -30.65
CA GLN A 321 -7.27 12.54 -31.75
C GLN A 321 -7.07 11.83 -33.08
N MET A 322 -6.22 10.79 -33.10
CA MET A 322 -6.04 10.01 -34.31
C MET A 322 -7.33 9.34 -34.74
N LYS A 323 -8.08 8.78 -33.79
CA LYS A 323 -9.34 8.13 -34.09
C LYS A 323 -10.34 9.12 -34.69
N ARG A 324 -10.44 10.32 -34.10
CA ARG A 324 -11.37 11.30 -34.62
C ARG A 324 -10.95 11.77 -36.01
N ARG A 325 -9.65 11.93 -36.24
CA ARG A 325 -9.18 12.30 -37.58
C ARG A 325 -9.55 11.23 -38.60
N MET A 326 -9.37 9.95 -38.24
CA MET A 326 -9.69 8.87 -39.18
C MET A 326 -11.19 8.80 -39.44
N LEU A 327 -12.00 8.98 -38.40
CA LEU A 327 -13.45 9.01 -38.61
C LEU A 327 -13.86 10.18 -39.49
N GLU A 328 -13.24 11.34 -39.31
CA GLU A 328 -13.54 12.49 -40.16
C GLU A 328 -13.16 12.19 -41.61
N LYS A 329 -11.99 11.58 -41.83
CA LYS A 329 -11.60 11.22 -43.19
C LYS A 329 -12.59 10.26 -43.81
N ALA A 330 -13.01 9.24 -43.05
CA ALA A 330 -13.97 8.28 -43.58
C ALA A 330 -15.29 8.97 -43.94
N PHE A 331 -15.79 9.84 -43.05
CA PHE A 331 -17.05 10.52 -43.33
C PHE A 331 -16.94 11.43 -44.55
N GLY A 332 -15.84 12.15 -44.68
CA GLY A 332 -15.63 12.96 -45.87
C GLY A 332 -15.55 12.11 -47.12
N LEU A 333 -14.99 10.90 -46.99
CA LEU A 333 -14.89 10.01 -48.15
C LEU A 333 -16.25 9.49 -48.57
N ILE A 334 -17.10 9.10 -47.62
CA ILE A 334 -18.37 8.47 -47.98
C ILE A 334 -19.29 9.45 -48.67
N ASP A 335 -19.47 10.63 -48.10
CA ASP A 335 -20.41 11.63 -48.64
C ASP A 335 -19.73 12.31 -49.82
N SER A 336 -19.86 11.71 -51.00
CA SER A 336 -19.38 12.33 -52.23
C SER A 336 -20.35 13.37 -52.77
N ASP A 337 -21.60 13.39 -52.27
CA ASP A 337 -22.55 14.42 -52.65
C ASP A 337 -22.41 15.69 -51.81
N LYS A 338 -21.61 15.65 -50.75
CA LYS A 338 -21.33 16.81 -49.91
C LYS A 338 -22.61 17.43 -49.33
N ASN A 339 -23.61 16.59 -49.08
CA ASN A 339 -24.84 17.10 -48.47
C ASN A 339 -24.67 17.40 -47.00
N GLY A 340 -23.64 16.82 -46.36
CA GLY A 340 -23.36 17.05 -44.96
C GLY A 340 -23.92 15.98 -44.04
N GLU A 341 -24.80 15.10 -44.54
CA GLU A 341 -25.36 14.03 -43.74
C GLU A 341 -25.54 12.80 -44.61
N ILE A 342 -25.54 11.63 -43.97
CA ILE A 342 -25.70 10.36 -44.66
C ILE A 342 -27.14 9.90 -44.52
N ASP A 343 -27.76 9.56 -45.64
CA ASP A 343 -29.13 9.05 -45.64
C ASP A 343 -29.11 7.60 -45.15
N LYS A 344 -30.30 7.04 -44.92
CA LYS A 344 -30.39 5.75 -44.24
C LYS A 344 -29.83 4.61 -45.08
N ASN A 345 -30.25 4.51 -46.35
CA ASN A 345 -29.90 3.34 -47.15
C ASN A 345 -28.40 3.23 -47.37
N GLN A 346 -27.73 4.36 -47.64
CA GLN A 346 -26.27 4.35 -47.80
C GLN A 346 -25.57 3.95 -46.52
N CYS A 347 -26.03 4.48 -45.38
CA CYS A 347 -25.44 4.12 -44.10
C CYS A 347 -25.62 2.62 -43.82
N ILE A 348 -26.78 2.07 -44.15
CA ILE A 348 -26.98 0.63 -44.04
C ILE A 348 -26.01 -0.11 -44.96
N LYS A 349 -25.88 0.35 -46.21
CA LYS A 349 -24.99 -0.30 -47.16
C LYS A 349 -23.56 -0.33 -46.65
N LEU A 350 -23.16 0.70 -45.91
CA LEU A 350 -21.80 0.71 -45.34
C LEU A 350 -21.56 -0.48 -44.42
N PHE A 351 -22.59 -0.96 -43.72
CA PHE A 351 -22.39 -2.04 -42.76
C PHE A 351 -22.12 -3.38 -43.45
N GLU A 352 -22.81 -3.67 -44.55
CA GLU A 352 -22.49 -4.91 -45.26
C GLU A 352 -21.06 -4.91 -45.79
N GLN A 353 -20.51 -3.73 -46.10
CA GLN A 353 -19.11 -3.66 -46.50
C GLN A 353 -18.16 -3.80 -45.31
N LEU A 354 -18.49 -3.20 -44.17
CA LEU A 354 -17.58 -3.21 -43.04
C LEU A 354 -17.72 -4.43 -42.14
N THR A 355 -18.73 -5.26 -42.36
CA THR A 355 -18.94 -6.42 -41.50
C THR A 355 -18.01 -7.60 -41.83
N ASN A 356 -17.28 -7.54 -42.94
CA ASN A 356 -16.41 -8.64 -43.33
C ASN A 356 -15.17 -8.78 -42.46
N TYR A 357 -14.79 -7.75 -41.71
CA TYR A 357 -13.57 -7.78 -40.89
C TYR A 357 -13.82 -8.60 -39.63
N ARG A 358 -12.84 -9.43 -39.27
CA ARG A 358 -12.92 -10.21 -38.04
C ARG A 358 -12.48 -9.43 -36.82
N THR A 359 -11.87 -8.27 -36.99
CA THR A 359 -11.41 -7.46 -35.88
C THR A 359 -12.48 -6.53 -35.33
N LEU A 360 -13.66 -6.51 -35.93
CA LEU A 360 -14.76 -5.67 -35.49
C LEU A 360 -15.88 -6.52 -34.89
N PRO A 361 -16.65 -5.97 -33.95
CA PRO A 361 -17.71 -6.76 -33.32
C PRO A 361 -18.74 -7.25 -34.32
N LYS A 362 -19.28 -8.44 -34.05
CA LYS A 362 -20.31 -9.02 -34.92
C LYS A 362 -21.57 -8.17 -34.90
N ILE A 363 -22.22 -8.05 -36.05
CA ILE A 363 -23.46 -7.30 -36.19
C ILE A 363 -24.46 -8.17 -36.93
N SER A 364 -25.69 -8.22 -36.42
CA SER A 364 -26.74 -9.02 -37.04
C SER A 364 -27.43 -8.22 -38.14
N LYS A 365 -28.20 -8.92 -38.98
CA LYS A 365 -28.87 -8.27 -40.11
C LYS A 365 -29.90 -7.25 -39.64
N GLU A 366 -30.69 -7.61 -38.62
CA GLU A 366 -31.70 -6.69 -38.11
C GLU A 366 -31.11 -5.61 -37.21
N GLU A 367 -29.87 -5.77 -36.76
CA GLU A 367 -29.22 -4.76 -35.93
C GLU A 367 -28.88 -3.49 -36.71
N PHE A 368 -28.94 -3.53 -38.04
CA PHE A 368 -28.55 -2.37 -38.83
C PHE A 368 -29.46 -1.18 -38.54
N GLY A 369 -30.77 -1.42 -38.53
CA GLY A 369 -31.71 -0.35 -38.23
C GLY A 369 -31.59 0.17 -36.81
N LEU A 370 -31.34 -0.73 -35.85
CA LEU A 370 -31.17 -0.30 -34.48
C LEU A 370 -29.93 0.56 -34.31
N ILE A 371 -28.83 0.17 -34.97
CA ILE A 371 -27.61 0.98 -34.91
C ILE A 371 -27.84 2.33 -35.57
N PHE A 372 -28.52 2.35 -36.71
CA PHE A 372 -28.80 3.62 -37.38
C PHE A 372 -29.67 4.53 -36.51
N ASP A 373 -30.67 3.95 -35.85
CA ASP A 373 -31.54 4.72 -34.97
C ASP A 373 -30.77 5.26 -33.76
N GLU A 374 -29.93 4.43 -33.16
CA GLU A 374 -29.15 4.86 -32.00
C GLU A 374 -28.14 5.94 -32.37
N LEU A 375 -27.52 5.84 -33.54
CA LEU A 375 -26.53 6.84 -33.94
C LEU A 375 -27.17 8.21 -34.09
N ASP A 376 -28.40 8.26 -34.60
CA ASP A 376 -29.09 9.54 -34.78
C ASP A 376 -29.47 10.17 -33.44
N ASP A 377 -28.85 11.29 -33.11
CA ASP A 377 -29.14 12.03 -31.89
C ASP A 377 -30.10 13.19 -32.13
N THR A 378 -29.91 13.94 -33.21
CA THR A 378 -30.80 15.04 -33.55
C THR A 378 -32.16 14.56 -34.06
N ARG A 379 -32.31 13.25 -34.31
CA ARG A 379 -33.57 12.65 -34.73
C ARG A 379 -34.08 13.27 -36.03
N ASP A 380 -33.27 13.07 -37.08
CA ASP A 380 -33.62 13.57 -38.41
C ASP A 380 -33.40 12.50 -39.49
N PHE A 381 -33.35 11.22 -39.11
CA PHE A 381 -33.15 10.11 -40.04
C PHE A 381 -31.86 10.28 -40.85
N LYS A 382 -30.84 10.88 -40.25
CA LYS A 382 -29.58 11.14 -40.94
C LYS A 382 -28.48 11.29 -39.89
N ILE A 383 -27.24 11.14 -40.33
CA ILE A 383 -26.08 11.20 -39.44
C ILE A 383 -25.19 12.36 -39.86
N ASN A 384 -24.84 13.22 -38.90
CA ASN A 384 -24.03 14.40 -39.15
C ASN A 384 -22.55 14.06 -39.11
N LYS A 385 -21.74 15.01 -39.55
CA LYS A 385 -20.29 14.84 -39.53
C LYS A 385 -19.78 14.65 -38.10
N ASP A 386 -20.15 15.57 -37.20
CA ASP A 386 -19.79 15.41 -35.80
C ASP A 386 -20.55 14.27 -35.14
N GLU A 387 -21.80 14.03 -35.55
CA GLU A 387 -22.60 12.95 -35.00
C GLU A 387 -22.06 11.58 -35.40
N PHE A 388 -21.20 11.51 -36.41
CA PHE A 388 -20.59 10.27 -36.85
C PHE A 388 -19.40 9.88 -35.99
N ALA A 389 -18.99 10.74 -35.07
CA ALA A 389 -17.83 10.48 -34.21
C ALA A 389 -18.06 9.34 -33.23
N ASP A 390 -19.29 8.86 -33.08
CA ASP A 390 -19.59 7.86 -32.07
C ASP A 390 -19.99 6.53 -32.70
N LEU A 391 -19.25 6.11 -33.73
CA LEU A 391 -19.52 4.85 -34.41
C LEU A 391 -18.91 3.67 -33.67
N CYS A 392 -17.62 3.78 -33.31
CA CYS A 392 -16.94 2.69 -32.63
C CYS A 392 -17.60 2.37 -31.30
N GLN A 393 -18.00 3.40 -30.56
CA GLN A 393 -18.73 3.19 -29.32
C GLN A 393 -20.10 2.58 -29.56
N ALA A 394 -20.77 2.97 -30.65
CA ALA A 394 -22.15 2.53 -30.86
C ALA A 394 -22.23 1.09 -31.33
N ILE A 395 -21.28 0.62 -32.14
CA ILE A 395 -21.43 -0.70 -32.76
C ILE A 395 -21.44 -1.79 -31.69
N ALA A 396 -20.55 -1.72 -30.71
CA ALA A 396 -20.48 -2.72 -29.65
C ALA A 396 -21.22 -2.24 -28.40
N LEU A 397 -22.52 -1.96 -28.58
CA LEU A 397 -23.30 -1.37 -27.49
C LEU A 397 -24.70 -1.95 -27.29
N ARG A 398 -25.22 -2.73 -28.24
CA ARG A 398 -26.63 -3.10 -28.16
C ARG A 398 -26.85 -4.27 -27.21
N PHE A 399 -26.32 -5.44 -27.56
CA PHE A 399 -26.39 -6.65 -26.73
C PHE A 399 -27.81 -6.90 -26.23
N GLN A 400 -28.77 -6.79 -27.14
CA GLN A 400 -30.17 -6.97 -26.79
C GLN A 400 -30.92 -7.53 -27.98
N LYS A 401 -31.98 -8.28 -27.67
CA LYS A 401 -32.82 -8.93 -28.68
C LYS A 401 -31.99 -9.73 -29.69
N PRO A 405 -39.11 -15.37 -29.23
CA PRO A 405 -37.67 -15.43 -29.51
C PRO A 405 -37.06 -16.77 -29.17
N SER A 406 -37.89 -17.71 -28.72
CA SER A 406 -37.45 -19.06 -28.37
C SER A 406 -37.97 -20.07 -29.39
N LEU A 407 -37.34 -21.24 -29.40
CA LEU A 407 -37.72 -22.31 -30.31
C LEU A 407 -38.74 -23.27 -29.70
N PHE A 408 -39.11 -23.08 -28.43
CA PHE A 408 -40.04 -23.97 -27.75
C PHE A 408 -41.49 -23.67 -28.09
N GLU A 409 -41.74 -22.61 -28.85
CA GLU A 409 -43.10 -22.20 -29.20
C GLU A 409 -43.56 -22.79 -30.53
N HIS A 410 -42.76 -23.68 -31.12
CA HIS A 410 -43.18 -24.34 -32.35
C HIS A 410 -44.42 -25.19 -32.12
N PHE A 411 -44.49 -25.86 -30.98
CA PHE A 411 -45.69 -26.57 -30.57
C PHE A 411 -46.40 -25.79 -29.47
N PRO A 412 -47.50 -25.10 -29.77
CA PRO A 412 -48.20 -24.32 -28.74
C PRO A 412 -49.11 -25.15 -27.84
N GLN A 413 -49.38 -26.40 -28.20
CA GLN A 413 -50.24 -27.26 -27.40
C GLN A 413 -49.55 -27.79 -26.15
N ILE A 414 -48.23 -27.72 -26.08
CA ILE A 414 -47.46 -28.22 -24.95
C ILE A 414 -46.98 -27.07 -24.07
N TYR A 415 -46.41 -26.03 -24.69
CA TYR A 415 -45.89 -24.90 -23.92
C TYR A 415 -47.01 -24.17 -23.20
N HIS A 416 -48.15 -23.99 -23.86
CA HIS A 416 -49.28 -23.29 -23.27
C HIS A 416 -50.25 -24.33 -22.69
N SER A 417 -49.90 -24.81 -21.50
CA SER A 417 -50.70 -25.79 -20.79
C SER A 417 -50.94 -25.32 -19.37
N ALA A 418 -51.96 -25.89 -18.73
CA ALA A 418 -52.31 -25.48 -17.38
C ALA A 418 -51.16 -25.75 -16.41
N LEU A 419 -50.59 -26.95 -16.45
CA LEU A 419 -49.43 -27.24 -15.63
C LEU A 419 -48.20 -26.45 -16.08
N SER A 420 -48.05 -26.26 -17.40
CA SER A 420 -46.92 -25.46 -17.89
C SER A 420 -47.01 -24.02 -17.41
N GLN A 421 -48.22 -23.45 -17.42
CA GLN A 421 -48.38 -22.07 -16.94
C GLN A 421 -48.05 -21.95 -15.47
N GLN A 422 -48.49 -22.92 -14.66
CA GLN A 422 -48.17 -22.89 -13.24
C GLN A 422 -46.66 -23.04 -13.02
N LEU A 423 -46.02 -23.88 -13.83
CA LEU A 423 -44.56 -23.98 -13.77
C LEU A 423 -43.90 -22.65 -14.12
N ARG A 424 -44.43 -21.96 -15.13
CA ARG A 424 -43.88 -20.65 -15.51
C ARG A 424 -44.03 -19.66 -14.37
N ALA A 425 -45.15 -19.73 -13.66
CA ALA A 425 -45.33 -18.89 -12.48
C ALA A 425 -44.31 -19.24 -11.41
N PHE A 426 -44.06 -20.53 -11.19
CA PHE A 426 -43.13 -20.96 -10.15
C PHE A 426 -41.70 -20.52 -10.46
N VAL A 427 -41.28 -20.63 -11.71
CA VAL A 427 -39.86 -20.42 -12.03
C VAL A 427 -39.47 -18.96 -11.82
N ARG A 428 -40.35 -18.03 -12.15
CA ARG A 428 -40.09 -16.62 -11.92
C ARG A 428 -40.47 -16.16 -10.52
N SER A 429 -41.06 -17.03 -9.71
CA SER A 429 -41.35 -16.67 -8.34
C SER A 429 -40.05 -16.49 -7.55
N PRO A 430 -40.03 -15.55 -6.61
CA PRO A 430 -38.81 -15.36 -5.80
C PRO A 430 -38.47 -16.56 -4.93
N ASN A 431 -39.44 -17.40 -4.59
CA ASN A 431 -39.20 -18.58 -3.79
C ASN A 431 -38.43 -19.66 -4.55
N PHE A 432 -38.33 -19.54 -5.87
CA PHE A 432 -37.54 -20.49 -6.65
C PHE A 432 -36.06 -20.41 -6.25
N GLY A 433 -35.53 -19.19 -6.12
CA GLY A 433 -34.20 -19.03 -5.59
C GLY A 433 -34.06 -19.51 -4.16
N TYR A 434 -35.12 -19.35 -3.36
CA TYR A 434 -35.10 -19.86 -1.99
C TYR A 434 -34.94 -21.37 -1.99
N ALA A 435 -35.68 -22.07 -2.86
CA ALA A 435 -35.57 -23.51 -2.96
C ALA A 435 -34.18 -23.92 -3.45
N ILE A 436 -33.63 -23.17 -4.42
CA ILE A 436 -32.29 -23.45 -4.90
C ILE A 436 -31.28 -23.33 -3.76
N SER A 437 -31.41 -22.27 -2.96
CA SER A 437 -30.50 -22.08 -1.82
C SER A 437 -30.66 -23.19 -0.79
N PHE A 438 -31.90 -23.63 -0.57
CA PHE A 438 -32.13 -24.73 0.36
C PHE A 438 -31.42 -26.00 -0.12
N ILE A 439 -31.53 -26.29 -1.42
CA ILE A 439 -30.85 -27.45 -1.98
C ILE A 439 -29.34 -27.30 -1.86
N LEU A 440 -28.85 -26.07 -2.06
CA LEU A 440 -27.41 -25.83 -1.93
C LEU A 440 -26.94 -26.05 -0.50
N ILE A 441 -27.75 -25.67 0.49
CA ILE A 441 -27.38 -25.88 1.88
C ILE A 441 -27.38 -27.37 2.22
N ILE A 442 -28.35 -28.11 1.69
CA ILE A 442 -28.34 -29.56 1.89
C ILE A 442 -27.11 -30.18 1.26
N ASN A 443 -26.74 -29.70 0.07
CA ASN A 443 -25.51 -30.17 -0.57
C ASN A 443 -24.29 -29.84 0.28
N PHE A 444 -24.30 -28.65 0.89
CA PHE A 444 -23.24 -28.26 1.82
C PHE A 444 -23.10 -29.27 2.95
N ILE A 445 -24.23 -29.59 3.60
CA ILE A 445 -24.19 -30.54 4.71
C ILE A 445 -23.66 -31.89 4.24
N ALA A 446 -24.15 -32.36 3.09
CA ALA A 446 -23.72 -33.65 2.57
C ALA A 446 -22.23 -33.68 2.27
N VAL A 447 -21.72 -32.63 1.60
CA VAL A 447 -20.31 -32.65 1.21
C VAL A 447 -19.42 -32.48 2.43
N VAL A 448 -19.86 -31.72 3.42
CA VAL A 448 -19.07 -31.60 4.65
C VAL A 448 -18.99 -32.95 5.36
N VAL A 449 -20.11 -33.66 5.46
CA VAL A 449 -20.08 -34.97 6.10
C VAL A 449 -19.22 -35.93 5.29
N GLU A 450 -19.24 -35.80 3.95
CA GLU A 450 -18.37 -36.60 3.11
C GLU A 450 -16.90 -36.32 3.41
N THR A 451 -16.52 -35.04 3.53
CA THR A 451 -15.14 -34.69 3.75
C THR A 451 -14.68 -35.06 5.15
N THR A 452 -15.60 -35.15 6.11
CA THR A 452 -15.22 -35.62 7.45
C THR A 452 -14.67 -37.04 7.38
N LEU A 453 -15.32 -37.92 6.63
CA LEU A 453 -14.85 -39.29 6.44
C LEU A 453 -13.98 -39.39 5.18
N ALA A 454 -12.97 -38.53 5.10
CA ALA A 454 -12.03 -38.57 3.99
C ALA A 454 -10.93 -39.61 4.19
N ILE A 455 -10.82 -40.17 5.39
CA ILE A 455 -9.81 -41.19 5.66
C ILE A 455 -10.28 -42.60 5.37
N GLU A 456 -11.57 -42.87 5.58
CA GLU A 456 -12.10 -44.21 5.34
C GLU A 456 -12.20 -44.47 3.82
N GLU A 457 -12.04 -45.74 3.46
CA GLU A 457 -11.94 -46.12 2.06
C GLU A 457 -13.33 -46.17 1.41
N SER A 458 -13.42 -46.75 0.22
CA SER A 458 -14.55 -46.53 -0.67
C SER A 458 -15.76 -47.41 -0.39
N SER A 459 -15.70 -48.31 0.60
CA SER A 459 -16.85 -49.16 0.87
C SER A 459 -18.06 -48.35 1.34
N ALA A 460 -17.85 -47.42 2.27
CA ALA A 460 -18.92 -46.56 2.73
C ALA A 460 -19.06 -45.29 1.92
N GLN A 461 -18.24 -45.12 0.88
CA GLN A 461 -18.31 -43.92 0.06
C GLN A 461 -19.38 -44.00 -1.00
N LYS A 462 -19.91 -45.19 -1.27
CA LYS A 462 -20.90 -45.34 -2.34
C LYS A 462 -22.27 -44.75 -2.00
N PRO A 463 -22.77 -44.79 -0.75
CA PRO A 463 -24.02 -44.06 -0.49
C PRO A 463 -23.89 -42.57 -0.74
N TRP A 464 -22.79 -41.97 -0.30
CA TRP A 464 -22.55 -40.56 -0.60
C TRP A 464 -22.37 -40.32 -2.09
N GLN A 465 -21.72 -41.25 -2.79
CA GLN A 465 -21.56 -41.10 -4.22
C GLN A 465 -22.91 -41.09 -4.92
N VAL A 466 -23.82 -41.96 -4.49
CA VAL A 466 -25.18 -41.97 -5.03
C VAL A 466 -25.90 -40.67 -4.68
N ALA A 467 -25.66 -40.15 -3.47
CA ALA A 467 -26.29 -38.89 -3.08
C ALA A 467 -25.84 -37.75 -4.00
N GLU A 468 -24.54 -37.69 -4.31
CA GLU A 468 -24.07 -36.65 -5.21
C GLU A 468 -24.51 -36.91 -6.65
N PHE A 469 -24.69 -38.18 -7.02
CA PHE A 469 -25.33 -38.49 -8.30
C PHE A 469 -26.72 -37.86 -8.37
N VAL A 470 -27.49 -38.00 -7.30
CA VAL A 470 -28.83 -37.40 -7.26
C VAL A 470 -28.73 -35.89 -7.33
N PHE A 471 -27.83 -35.30 -6.54
CA PHE A 471 -27.73 -33.84 -6.49
C PHE A 471 -27.32 -33.24 -7.82
N GLY A 472 -26.33 -33.84 -8.48
CA GLY A 472 -25.90 -33.32 -9.77
C GLY A 472 -27.01 -33.40 -10.80
N TRP A 473 -27.78 -34.49 -10.80
CA TRP A 473 -28.88 -34.60 -11.75
C TRP A 473 -30.02 -33.66 -11.42
N ILE A 474 -30.23 -33.35 -10.14
CA ILE A 474 -31.18 -32.30 -9.78
C ILE A 474 -30.73 -30.95 -10.33
N TYR A 475 -29.43 -30.68 -10.24
CA TYR A 475 -28.90 -29.45 -10.84
C TYR A 475 -29.07 -29.46 -12.36
N VAL A 476 -28.93 -30.64 -12.99
CA VAL A 476 -29.14 -30.76 -14.42
C VAL A 476 -30.60 -30.47 -14.76
N LEU A 477 -31.53 -31.01 -13.98
CA LEU A 477 -32.94 -30.69 -14.16
C LEU A 477 -33.17 -29.20 -13.99
N GLU A 478 -32.48 -28.59 -13.02
CA GLU A 478 -32.61 -27.16 -12.78
C GLU A 478 -32.18 -26.35 -14.00
N MET A 479 -30.99 -26.64 -14.53
CA MET A 479 -30.51 -25.88 -15.67
C MET A 479 -31.33 -26.12 -16.93
N ALA A 480 -31.77 -27.37 -17.16
CA ALA A 480 -32.61 -27.65 -18.32
C ALA A 480 -33.95 -26.94 -18.20
N LEU A 481 -34.51 -26.91 -16.98
CA LEU A 481 -35.74 -26.17 -16.74
C LEU A 481 -35.55 -24.68 -16.96
N LYS A 482 -34.42 -24.11 -16.54
CA LYS A 482 -34.14 -22.71 -16.80
C LYS A 482 -34.05 -22.44 -18.30
N ILE A 483 -33.46 -23.37 -19.04
CA ILE A 483 -33.44 -23.24 -20.50
C ILE A 483 -34.85 -23.26 -21.05
N TYR A 484 -35.68 -24.18 -20.54
CA TYR A 484 -37.03 -24.34 -21.09
C TYR A 484 -37.90 -23.12 -20.80
N THR A 485 -37.73 -22.49 -19.65
CA THR A 485 -38.54 -21.31 -19.34
C THR A 485 -38.03 -20.06 -20.06
N TYR A 486 -36.72 -19.95 -20.25
CA TYR A 486 -36.16 -18.76 -20.88
C TYR A 486 -35.99 -18.90 -22.38
N GLY A 487 -35.90 -20.12 -22.89
CA GLY A 487 -35.57 -20.34 -24.28
C GLY A 487 -34.11 -20.70 -24.46
N PHE A 488 -33.66 -20.63 -25.71
CA PHE A 488 -32.29 -21.03 -26.04
C PHE A 488 -31.37 -19.82 -26.19
N GLU A 489 -31.70 -18.88 -27.09
CA GLU A 489 -30.86 -17.72 -27.28
C GLU A 489 -30.88 -16.81 -26.05
N ASN A 490 -32.06 -16.66 -25.43
CA ASN A 490 -32.14 -15.93 -24.17
C ASN A 490 -31.25 -16.56 -23.12
N TYR A 491 -31.14 -17.89 -23.14
CA TYR A 491 -30.30 -18.59 -22.18
C TYR A 491 -28.83 -18.39 -22.52
N TRP A 492 -28.53 -17.97 -23.74
CA TRP A 492 -27.17 -17.91 -24.27
C TRP A 492 -26.60 -16.50 -24.38
N ARG A 493 -27.42 -15.45 -24.23
CA ARG A 493 -26.92 -14.10 -24.44
C ARG A 493 -25.81 -13.74 -23.45
N GLU A 494 -26.06 -13.93 -22.15
CA GLU A 494 -25.09 -13.51 -21.16
C GLU A 494 -24.03 -14.58 -20.94
N GLY A 495 -22.81 -14.14 -20.62
CA GLY A 495 -21.70 -15.07 -20.51
C GLY A 495 -21.67 -15.87 -19.23
N ALA A 496 -22.18 -15.30 -18.13
CA ALA A 496 -22.22 -16.05 -16.88
C ALA A 496 -23.14 -17.26 -17.00
N ASN A 497 -24.23 -17.12 -17.74
CA ASN A 497 -25.09 -18.26 -18.02
C ASN A 497 -24.37 -19.33 -18.81
N ARG A 498 -23.55 -18.94 -19.78
CA ARG A 498 -22.73 -19.89 -20.54
C ARG A 498 -21.74 -20.60 -19.61
N PHE A 499 -21.13 -19.86 -18.69
CA PHE A 499 -20.20 -20.46 -17.75
C PHE A 499 -20.91 -21.47 -16.85
N ASP A 500 -22.10 -21.13 -16.37
CA ASP A 500 -22.88 -22.07 -15.56
C ASP A 500 -23.23 -23.31 -16.36
N PHE A 501 -23.63 -23.12 -17.62
CA PHE A 501 -23.89 -24.22 -18.54
C PHE A 501 -22.68 -25.16 -18.62
N LEU A 502 -21.51 -24.58 -18.89
CA LEU A 502 -20.30 -25.37 -19.05
C LEU A 502 -19.95 -26.13 -17.79
N VAL A 503 -19.99 -25.45 -16.64
CA VAL A 503 -19.59 -26.11 -15.40
C VAL A 503 -20.58 -27.21 -15.04
N THR A 504 -21.88 -26.98 -15.28
CA THR A 504 -22.87 -28.01 -14.98
C THR A 504 -22.62 -29.27 -15.81
N TRP A 505 -22.44 -29.11 -17.12
CA TRP A 505 -22.13 -30.31 -17.92
C TRP A 505 -20.80 -30.94 -17.52
N VAL A 506 -19.77 -30.14 -17.26
CA VAL A 506 -18.46 -30.69 -16.94
C VAL A 506 -18.52 -31.51 -15.67
N ILE A 507 -19.21 -31.02 -14.64
CA ILE A 507 -19.30 -31.78 -13.41
C ILE A 507 -20.21 -33.00 -13.57
N VAL A 508 -21.32 -32.89 -14.29
CA VAL A 508 -22.24 -34.02 -14.34
C VAL A 508 -21.66 -35.16 -15.17
N ILE A 509 -20.93 -34.86 -16.25
CA ILE A 509 -20.35 -35.95 -17.04
C ILE A 509 -19.33 -36.72 -16.21
N GLY A 510 -18.51 -36.02 -15.43
CA GLY A 510 -17.56 -36.69 -14.57
C GLY A 510 -18.24 -37.51 -13.49
N GLU A 511 -19.27 -36.95 -12.85
CA GLU A 511 -19.96 -37.67 -11.79
C GLU A 511 -20.66 -38.92 -12.33
N THR A 512 -21.16 -38.85 -13.57
CA THR A 512 -21.83 -40.03 -14.12
C THR A 512 -20.83 -41.05 -14.63
N ALA A 513 -19.68 -40.60 -15.15
CA ALA A 513 -18.65 -41.55 -15.55
C ALA A 513 -18.07 -42.27 -14.34
N THR A 514 -18.04 -41.58 -13.19
CA THR A 514 -17.59 -42.23 -11.96
C THR A 514 -18.51 -43.37 -11.55
N PHE A 515 -19.82 -43.20 -11.72
CA PHE A 515 -20.76 -44.18 -11.18
C PHE A 515 -21.07 -45.30 -12.16
N ILE A 516 -21.23 -44.98 -13.45
CA ILE A 516 -21.66 -45.99 -14.42
C ILE A 516 -20.61 -47.07 -14.65
N THR A 517 -19.40 -46.90 -14.13
CA THR A 517 -18.32 -47.86 -14.28
C THR A 517 -17.81 -48.19 -12.89
N PRO A 518 -18.55 -49.03 -12.15
CA PRO A 518 -18.23 -49.23 -10.73
C PRO A 518 -17.00 -50.07 -10.47
N ASP A 519 -16.52 -50.86 -11.43
CA ASP A 519 -15.36 -51.70 -11.19
C ASP A 519 -14.10 -50.86 -11.12
N GLU A 520 -13.04 -51.46 -10.57
CA GLU A 520 -11.77 -50.77 -10.44
C GLU A 520 -11.18 -50.46 -11.81
N ASN A 521 -10.69 -49.23 -11.96
CA ASN A 521 -10.05 -48.79 -13.19
C ASN A 521 -8.99 -47.76 -12.84
N THR A 522 -8.04 -47.59 -13.75
CA THR A 522 -6.96 -46.62 -13.55
C THR A 522 -7.38 -45.20 -13.89
N PHE A 523 -8.59 -45.01 -14.42
CA PHE A 523 -9.11 -43.68 -14.68
C PHE A 523 -10.32 -43.30 -13.84
N PHE A 524 -10.88 -44.23 -13.06
CA PHE A 524 -12.08 -43.96 -12.27
C PHE A 524 -11.95 -44.37 -10.81
N SER A 525 -11.16 -45.40 -10.51
CA SER A 525 -10.93 -45.81 -9.13
C SER A 525 -9.71 -45.14 -8.51
N ASN A 526 -9.01 -44.30 -9.26
CA ASN A 526 -7.87 -43.58 -8.71
C ASN A 526 -8.34 -42.50 -7.74
N GLY A 527 -7.56 -42.31 -6.68
CA GLY A 527 -7.91 -41.30 -5.69
C GLY A 527 -7.86 -39.90 -6.24
N ALA A 528 -7.02 -39.67 -7.26
CA ALA A 528 -6.93 -38.34 -7.86
C ALA A 528 -8.26 -37.94 -8.49
N TRP A 529 -8.95 -38.87 -9.14
CA TRP A 529 -10.25 -38.57 -9.72
C TRP A 529 -11.27 -38.23 -8.64
N ILE A 530 -11.24 -38.95 -7.51
CA ILE A 530 -12.16 -38.68 -6.41
C ILE A 530 -11.89 -37.30 -5.84
N ARG A 531 -10.61 -36.95 -5.66
CA ARG A 531 -10.26 -35.61 -5.20
C ARG A 531 -10.75 -34.55 -6.18
N TYR A 532 -10.59 -34.80 -7.48
CA TYR A 532 -11.08 -33.84 -8.47
C TYR A 532 -12.58 -33.66 -8.34
N LEU A 533 -13.31 -34.75 -8.12
CA LEU A 533 -14.76 -34.66 -7.95
C LEU A 533 -15.12 -33.85 -6.71
N LEU A 534 -14.40 -34.09 -5.60
CA LEU A 534 -14.66 -33.34 -4.38
C LEU A 534 -14.39 -31.86 -4.56
N LEU A 535 -13.28 -31.51 -5.21
CA LEU A 535 -12.98 -30.11 -5.49
C LEU A 535 -14.04 -29.50 -6.41
N ALA A 536 -14.52 -30.27 -7.38
CA ALA A 536 -15.57 -29.76 -8.25
C ALA A 536 -16.83 -29.42 -7.45
N ARG A 537 -17.22 -30.30 -6.53
CA ARG A 537 -18.37 -29.98 -5.69
C ARG A 537 -18.12 -28.76 -4.82
N MET A 538 -16.96 -28.66 -4.15
CA MET A 538 -16.70 -27.52 -3.30
C MET A 538 -16.72 -26.22 -4.10
N LEU A 539 -16.14 -26.23 -5.29
CA LEU A 539 -16.25 -25.08 -6.18
C LEU A 539 -17.69 -24.77 -6.55
N ARG A 540 -18.53 -25.79 -6.74
CA ARG A 540 -19.95 -25.54 -7.00
C ARG A 540 -20.62 -24.84 -5.84
N LEU A 541 -20.26 -25.19 -4.60
CA LEU A 541 -20.90 -24.58 -3.43
C LEU A 541 -20.60 -23.10 -3.26
N ILE A 542 -19.65 -22.54 -4.01
CA ILE A 542 -19.39 -21.11 -3.92
C ILE A 542 -20.61 -20.27 -4.26
N ARG A 543 -21.57 -20.84 -4.97
CA ARG A 543 -22.76 -20.10 -5.33
C ARG A 543 -23.45 -19.53 -4.10
N LEU A 544 -23.32 -20.18 -2.95
CA LEU A 544 -23.96 -19.70 -1.73
C LEU A 544 -23.49 -18.29 -1.38
N LEU A 545 -22.19 -18.03 -1.46
CA LEU A 545 -21.68 -16.68 -1.21
C LEU A 545 -22.15 -15.69 -2.27
N MET A 546 -22.62 -16.19 -3.42
CA MET A 546 -23.08 -15.32 -4.49
C MET A 546 -24.34 -14.55 -4.10
N ASN A 547 -25.04 -14.99 -3.05
CA ASN A 547 -26.28 -14.36 -2.66
C ASN A 547 -26.07 -13.01 -1.98
N VAL A 548 -25.09 -12.91 -1.09
CA VAL A 548 -24.91 -11.72 -0.26
C VAL A 548 -24.52 -10.55 -1.17
N GLN A 549 -25.36 -9.51 -1.19
CA GLN A 549 -25.18 -8.43 -2.14
C GLN A 549 -23.86 -7.70 -1.94
N ARG A 550 -23.51 -7.42 -0.68
CA ARG A 550 -22.26 -6.72 -0.40
C ARG A 550 -21.05 -7.55 -0.80
N TYR A 551 -21.12 -8.87 -0.65
CA TYR A 551 -20.05 -9.74 -1.14
C TYR A 551 -20.13 -9.92 -2.65
N ARG A 552 -21.34 -9.95 -3.19
CA ARG A 552 -21.51 -10.07 -4.63
C ARG A 552 -20.85 -8.91 -5.37
N ALA A 553 -20.99 -7.69 -4.84
CA ALA A 553 -20.36 -6.54 -5.49
C ALA A 553 -18.84 -6.68 -5.50
N PHE A 554 -18.25 -7.11 -4.39
CA PHE A 554 -16.79 -7.23 -4.34
C PHE A 554 -16.28 -8.33 -5.26
N ILE A 555 -16.96 -9.46 -5.29
CA ILE A 555 -16.55 -10.53 -6.21
C ILE A 555 -16.70 -10.09 -7.65
N ALA A 556 -17.77 -9.34 -7.96
CA ALA A 556 -17.95 -8.83 -9.32
C ALA A 556 -16.83 -7.87 -9.69
N THR A 557 -16.44 -7.00 -8.75
CA THR A 557 -15.34 -6.09 -9.01
C THR A 557 -14.04 -6.84 -9.26
N PHE A 558 -13.77 -7.87 -8.46
CA PHE A 558 -12.56 -8.66 -8.68
C PHE A 558 -12.57 -9.34 -10.04
N ILE A 559 -13.71 -9.92 -10.43
CA ILE A 559 -13.77 -10.56 -11.74
C ILE A 559 -13.60 -9.56 -12.87
N THR A 560 -14.23 -8.39 -12.76
CA THR A 560 -14.15 -7.39 -13.81
C THR A 560 -12.77 -6.76 -13.92
N LEU A 561 -12.03 -6.66 -12.82
CA LEU A 561 -10.71 -6.03 -12.86
C LEU A 561 -9.69 -6.80 -13.68
N ILE A 562 -9.69 -8.13 -13.61
CA ILE A 562 -8.61 -8.92 -14.22
C ILE A 562 -8.48 -8.68 -15.73
N PRO A 563 -9.56 -8.61 -16.52
CA PRO A 563 -9.37 -8.30 -17.95
C PRO A 563 -8.62 -6.99 -18.17
N SER A 564 -8.87 -5.98 -17.34
CA SER A 564 -8.19 -4.70 -17.49
C SER A 564 -6.77 -4.71 -16.94
N LEU A 565 -6.42 -5.70 -16.14
CA LEU A 565 -5.08 -5.79 -15.56
C LEU A 565 -4.16 -6.72 -16.35
N MET A 566 -4.64 -7.31 -17.44
CA MET A 566 -3.86 -8.31 -18.16
C MET A 566 -2.58 -7.77 -18.79
N PRO A 567 -2.58 -6.63 -19.50
CA PRO A 567 -1.32 -6.18 -20.12
C PRO A 567 -0.19 -5.96 -19.12
N TYR A 568 -0.49 -5.45 -17.92
CA TYR A 568 0.55 -5.19 -16.95
C TYR A 568 1.12 -6.49 -16.39
N LEU A 569 0.25 -7.47 -16.13
CA LEU A 569 0.73 -8.78 -15.73
C LEU A 569 1.55 -9.43 -16.82
N GLY A 570 1.18 -9.22 -18.08
CA GLY A 570 1.99 -9.74 -19.19
C GLY A 570 3.35 -9.08 -19.27
N THR A 571 3.41 -7.77 -19.04
CA THR A 571 4.69 -7.08 -19.02
C THR A 571 5.57 -7.59 -17.89
N ILE A 572 4.97 -7.81 -16.71
CA ILE A 572 5.73 -8.39 -15.59
C ILE A 572 6.21 -9.78 -15.95
N PHE A 573 5.37 -10.56 -16.64
CA PHE A 573 5.76 -11.90 -17.05
C PHE A 573 6.94 -11.86 -18.01
N CYS A 574 6.93 -10.93 -18.96
CA CYS A 574 8.04 -10.82 -19.90
C CYS A 574 9.31 -10.36 -19.19
N VAL A 575 9.20 -9.45 -18.23
CA VAL A 575 10.37 -9.03 -17.46
C VAL A 575 10.94 -10.20 -16.67
N LEU A 576 10.06 -11.02 -16.08
CA LEU A 576 10.52 -12.22 -15.40
C LEU A 576 11.19 -13.19 -16.37
N CYS A 577 10.68 -13.27 -17.60
CA CYS A 577 11.33 -14.12 -18.61
C CYS A 577 12.75 -13.63 -18.91
N ILE A 578 12.91 -12.32 -19.09
CA ILE A 578 14.23 -11.77 -19.36
C ILE A 578 15.18 -12.04 -18.19
N TYR A 579 14.70 -11.81 -16.97
CA TYR A 579 15.55 -12.04 -15.81
C TYR A 579 15.85 -13.52 -15.61
N CYS A 580 14.93 -14.41 -15.97
CA CYS A 580 15.21 -15.83 -15.90
C CYS A 580 16.30 -16.22 -16.90
N SER A 581 16.23 -15.68 -18.11
CA SER A 581 17.30 -15.93 -19.07
C SER A 581 18.64 -15.44 -18.55
N ILE A 582 18.66 -14.23 -17.99
CA ILE A 582 19.91 -13.69 -17.45
C ILE A 582 20.42 -14.55 -16.30
N GLY A 583 19.55 -14.94 -15.38
CA GLY A 583 19.98 -15.70 -14.23
C GLY A 583 20.47 -17.09 -14.58
N VAL A 584 19.82 -17.73 -15.55
CA VAL A 584 20.32 -19.02 -16.03
C VAL A 584 21.67 -18.83 -16.71
N GLN A 585 21.84 -17.71 -17.41
CA GLN A 585 23.10 -17.46 -18.10
C GLN A 585 24.26 -17.24 -17.14
N VAL A 586 24.07 -16.47 -16.08
CA VAL A 586 25.16 -16.06 -15.20
C VAL A 586 25.27 -16.94 -13.97
N PHE A 587 24.13 -17.29 -13.35
CA PHE A 587 24.11 -18.11 -12.13
C PHE A 587 23.79 -19.57 -12.45
N GLY A 588 24.24 -20.05 -13.60
CA GLY A 588 23.77 -21.29 -14.18
C GLY A 588 23.72 -22.51 -13.29
N GLY A 589 24.87 -23.04 -12.90
CA GLY A 589 24.90 -24.29 -12.17
C GLY A 589 25.70 -24.20 -10.88
N LEU A 590 25.65 -23.06 -10.21
CA LEU A 590 26.41 -22.89 -8.98
C LEU A 590 25.77 -23.58 -7.79
N VAL A 591 24.50 -23.95 -7.89
CA VAL A 591 23.80 -24.69 -6.83
C VAL A 591 23.74 -26.15 -7.27
N ASN A 592 24.41 -27.00 -6.53
CA ASN A 592 24.50 -28.43 -6.81
C ASN A 592 24.21 -29.22 -5.53
N ALA A 593 24.44 -30.53 -5.62
CA ALA A 593 24.48 -31.36 -4.43
C ALA A 593 25.91 -31.65 -3.99
N GLY A 594 26.90 -31.24 -4.77
CA GLY A 594 28.29 -31.51 -4.46
C GLY A 594 29.10 -30.25 -4.24
N ASN A 595 28.44 -29.11 -4.27
CA ASN A 595 29.11 -27.85 -3.99
C ASN A 595 29.54 -27.79 -2.53
N LYS A 596 30.67 -27.12 -2.29
CA LYS A 596 31.18 -26.98 -0.93
C LYS A 596 30.77 -25.67 -0.28
N LYS A 597 30.92 -24.55 -1.00
CA LYS A 597 30.65 -23.24 -0.43
C LYS A 597 29.17 -22.89 -0.45
N LEU A 598 28.33 -23.74 -1.03
CA LEU A 598 26.89 -23.50 -1.04
C LEU A 598 26.26 -23.80 0.32
N PHE A 599 26.78 -24.81 1.02
CA PHE A 599 26.20 -25.24 2.29
C PHE A 599 26.54 -24.30 3.44
N GLU A 600 27.43 -23.33 3.22
CA GLU A 600 27.69 -22.28 4.19
C GLU A 600 26.87 -21.03 3.93
N THR A 601 25.98 -21.05 2.95
CA THR A 601 25.16 -19.90 2.60
C THR A 601 23.80 -20.00 3.27
N GLU A 602 23.03 -18.92 3.15
CA GLU A 602 21.69 -18.89 3.72
C GLU A 602 20.72 -19.76 2.95
N LEU A 603 20.97 -20.01 1.67
CA LEU A 603 20.01 -20.73 0.85
C LEU A 603 19.85 -22.18 1.31
N ALA A 604 20.95 -22.85 1.63
CA ALA A 604 20.88 -24.25 2.03
C ALA A 604 20.35 -24.40 3.43
N GLU A 605 20.72 -23.49 4.33
CA GLU A 605 20.29 -23.59 5.73
C GLU A 605 18.79 -23.41 5.85
N ASP A 606 18.21 -22.50 5.07
CA ASP A 606 16.77 -22.28 5.08
C ASP A 606 16.01 -23.31 4.26
N ASP A 607 16.71 -24.19 3.54
CA ASP A 607 16.11 -25.26 2.75
C ASP A 607 15.32 -24.72 1.57
N TYR A 608 15.91 -23.76 0.86
CA TYR A 608 15.32 -23.20 -0.35
C TYR A 608 16.01 -23.68 -1.61
N LEU A 609 16.83 -24.73 -1.51
CA LEU A 609 17.68 -25.13 -2.63
C LEU A 609 16.88 -25.51 -3.87
N LEU A 610 15.61 -25.86 -3.70
CA LEU A 610 14.74 -26.09 -4.86
C LEU A 610 14.26 -24.79 -5.48
N PHE A 611 14.59 -23.65 -4.88
CA PHE A 611 14.29 -22.34 -5.46
C PHE A 611 15.61 -21.75 -5.93
N ASN A 612 15.95 -22.01 -7.20
CA ASN A 612 17.22 -21.61 -7.76
C ASN A 612 17.08 -21.20 -9.22
N PHE A 613 18.19 -21.02 -9.93
CA PHE A 613 18.18 -20.56 -11.31
C PHE A 613 18.77 -21.58 -12.28
N ASN A 614 18.76 -22.86 -11.92
CA ASN A 614 19.30 -23.87 -12.81
C ASN A 614 18.44 -24.05 -14.04
N ASP A 615 17.13 -24.18 -13.87
CA ASP A 615 16.19 -24.36 -14.95
C ASP A 615 15.60 -23.01 -15.35
N TYR A 616 14.69 -23.06 -16.31
CA TYR A 616 13.82 -21.93 -16.58
C TYR A 616 12.62 -21.92 -15.63
N PRO A 617 11.93 -23.05 -15.41
CA PRO A 617 10.86 -23.02 -14.40
C PRO A 617 11.35 -22.72 -13.00
N ASN A 618 12.56 -23.18 -12.66
CA ASN A 618 13.13 -22.86 -11.36
C ASN A 618 13.32 -21.35 -11.21
N GLY A 619 13.79 -20.69 -12.27
CA GLY A 619 13.83 -19.25 -12.27
C GLY A 619 12.45 -18.60 -12.21
N MET A 620 11.47 -19.18 -12.89
CA MET A 620 10.10 -18.67 -12.82
C MET A 620 9.56 -18.67 -11.40
N VAL A 621 9.88 -19.69 -10.60
CA VAL A 621 9.40 -19.68 -9.21
C VAL A 621 10.31 -18.88 -8.27
N THR A 622 11.62 -18.86 -8.52
CA THR A 622 12.50 -18.07 -7.67
C THR A 622 12.21 -16.58 -7.80
N LEU A 623 11.96 -16.12 -9.02
CA LEU A 623 11.60 -14.72 -9.20
C LEU A 623 10.25 -14.41 -8.62
N PHE A 624 9.35 -15.39 -8.52
CA PHE A 624 8.10 -15.16 -7.81
C PHE A 624 8.34 -15.02 -6.31
N ASN A 625 9.23 -15.83 -5.75
CA ASN A 625 9.52 -15.70 -4.32
C ASN A 625 10.19 -14.37 -4.01
N LEU A 626 11.13 -13.93 -4.86
CA LEU A 626 11.67 -12.58 -4.70
C LEU A 626 10.63 -11.52 -5.02
N LEU A 627 9.57 -11.89 -5.75
CA LEU A 627 8.59 -10.91 -6.20
C LEU A 627 7.71 -10.44 -5.06
N VAL A 628 7.73 -11.15 -3.93
CA VAL A 628 6.84 -10.84 -2.81
C VAL A 628 7.57 -10.39 -1.55
N MET A 629 8.90 -10.28 -1.58
CA MET A 629 9.68 -9.86 -0.43
C MET A 629 9.56 -10.82 0.75
N GLY A 630 9.57 -12.12 0.48
CA GLY A 630 9.59 -13.09 1.55
C GLY A 630 10.94 -13.75 1.68
N ASN A 631 11.70 -13.36 2.70
CA ASN A 631 13.07 -13.84 2.90
C ASN A 631 13.93 -13.58 1.66
N TRP A 632 13.66 -12.45 0.99
CA TRP A 632 14.26 -12.19 -0.31
C TRP A 632 15.76 -12.05 -0.26
N GLN A 633 16.32 -11.62 0.88
CA GLN A 633 17.76 -11.46 0.96
C GLN A 633 18.51 -12.78 1.05
N VAL A 634 17.80 -13.90 1.22
CA VAL A 634 18.47 -15.19 1.32
C VAL A 634 19.17 -15.53 0.01
N TRP A 635 18.48 -15.34 -1.12
CA TRP A 635 19.12 -15.59 -2.41
C TRP A 635 20.23 -14.60 -2.67
N MET A 636 19.97 -13.32 -2.43
CA MET A 636 20.95 -12.28 -2.75
C MET A 636 22.21 -12.44 -1.91
N GLU A 637 22.06 -12.86 -0.66
CA GLU A 637 23.24 -13.17 0.16
C GLU A 637 24.00 -14.36 -0.40
N SER A 638 23.29 -15.37 -0.91
CA SER A 638 23.93 -16.64 -1.22
C SER A 638 24.65 -16.60 -2.57
N TYR A 639 23.96 -16.21 -3.64
CA TYR A 639 24.65 -16.10 -4.93
C TYR A 639 25.78 -15.09 -4.91
N LYS A 640 25.72 -14.07 -4.05
CA LYS A 640 26.87 -13.20 -3.89
C LYS A 640 28.07 -14.00 -3.35
N ASP A 641 27.80 -15.02 -2.54
CA ASP A 641 28.88 -15.87 -2.04
C ASP A 641 29.38 -16.84 -3.11
N LEU A 642 28.45 -17.48 -3.83
CA LEU A 642 28.86 -18.47 -4.83
C LEU A 642 29.59 -17.82 -6.00
N THR A 643 29.07 -16.70 -6.49
CA THR A 643 29.71 -16.02 -7.61
C THR A 643 31.06 -15.44 -7.21
N GLY A 644 31.23 -15.08 -5.95
CA GLY A 644 32.49 -14.56 -5.48
C GLY A 644 32.74 -13.11 -5.80
N THR A 645 31.75 -12.38 -6.28
CA THR A 645 31.90 -10.97 -6.60
C THR A 645 30.75 -10.18 -5.98
N TRP A 646 31.03 -8.91 -5.68
CA TRP A 646 30.00 -8.00 -5.19
C TRP A 646 29.18 -7.40 -6.31
N TRP A 647 29.52 -7.70 -7.56
CA TRP A 647 28.75 -7.23 -8.69
C TRP A 647 27.46 -8.01 -8.90
N SER A 648 27.41 -9.27 -8.44
CA SER A 648 26.23 -10.09 -8.67
C SER A 648 24.97 -9.53 -8.04
N ILE A 649 25.09 -8.81 -6.93
CA ILE A 649 23.92 -8.17 -6.33
C ILE A 649 23.30 -7.13 -7.24
N THR A 650 24.08 -6.59 -8.19
CA THR A 650 23.50 -5.69 -9.17
C THR A 650 22.37 -6.35 -9.95
N TYR A 651 22.40 -7.69 -10.03
CA TYR A 651 21.28 -8.41 -10.62
C TYR A 651 20.02 -8.26 -9.77
N PHE A 652 20.13 -8.52 -8.47
CA PHE A 652 18.97 -8.50 -7.60
C PHE A 652 18.50 -7.08 -7.29
N VAL A 653 19.42 -6.17 -6.98
CA VAL A 653 19.03 -4.80 -6.67
C VAL A 653 18.24 -4.20 -7.82
N SER A 654 18.76 -4.31 -9.04
CA SER A 654 18.03 -3.86 -10.21
C SER A 654 16.68 -4.55 -10.31
N PHE A 655 16.64 -5.86 -10.04
CA PHE A 655 15.37 -6.57 -10.06
C PHE A 655 14.39 -5.97 -9.05
N TYR A 656 14.89 -5.60 -7.87
CA TYR A 656 14.04 -4.89 -6.92
C TYR A 656 13.64 -3.54 -7.47
N VAL A 657 14.58 -2.82 -8.07
CA VAL A 657 14.31 -1.45 -8.48
C VAL A 657 13.34 -1.41 -9.64
N ILE A 658 13.50 -2.32 -10.60
CA ILE A 658 12.71 -2.27 -11.83
C ILE A 658 11.34 -2.89 -11.64
N THR A 659 11.27 -4.02 -10.95
CA THR A 659 10.02 -4.77 -10.85
C THR A 659 9.16 -4.32 -9.67
N ILE A 660 9.73 -4.37 -8.47
CA ILE A 660 8.92 -4.19 -7.27
C ILE A 660 8.59 -2.71 -7.05
N LEU A 661 9.59 -1.84 -7.22
CA LEU A 661 9.34 -0.42 -7.00
C LEU A 661 8.54 0.22 -8.13
N LEU A 662 8.57 -0.36 -9.33
CA LEU A 662 7.97 0.25 -10.50
C LEU A 662 6.75 -0.52 -11.02
N LEU A 663 6.84 -1.84 -11.15
CA LEU A 663 5.74 -2.59 -11.76
C LEU A 663 4.71 -3.01 -10.73
N LEU A 664 5.15 -3.64 -9.64
CA LEU A 664 4.20 -4.08 -8.61
C LEU A 664 3.49 -2.89 -7.99
N ASN A 665 4.21 -1.79 -7.76
CA ASN A 665 3.55 -0.59 -7.28
C ASN A 665 2.47 -0.13 -8.25
N LEU A 666 2.71 -0.27 -9.55
CA LEU A 666 1.71 0.10 -10.54
C LEU A 666 0.49 -0.81 -10.46
N VAL A 667 0.71 -2.12 -10.30
CA VAL A 667 -0.41 -3.05 -10.17
C VAL A 667 -1.22 -2.73 -8.92
N VAL A 668 -0.53 -2.45 -7.81
CA VAL A 668 -1.21 -2.09 -6.57
C VAL A 668 -2.01 -0.81 -6.77
N ALA A 669 -1.45 0.14 -7.53
CA ALA A 669 -2.18 1.37 -7.82
C ALA A 669 -3.45 1.10 -8.59
N PHE A 670 -3.42 0.22 -9.59
CA PHE A 670 -4.65 -0.14 -10.29
C PHE A 670 -5.65 -0.82 -9.37
N VAL A 671 -5.20 -1.74 -8.51
CA VAL A 671 -6.13 -2.41 -7.62
C VAL A 671 -6.80 -1.40 -6.70
N LEU A 672 -6.01 -0.52 -6.08
CA LEU A 672 -6.55 0.50 -5.21
C LEU A 672 -7.51 1.42 -5.95
N GLU A 673 -7.14 1.85 -7.15
CA GLU A 673 -7.99 2.79 -7.89
C GLU A 673 -9.31 2.14 -8.29
N ALA A 674 -9.27 0.90 -8.76
CA ALA A 674 -10.50 0.21 -9.10
C ALA A 674 -11.40 0.07 -7.89
N PHE A 675 -10.85 -0.38 -6.76
CA PHE A 675 -11.66 -0.53 -5.56
C PHE A 675 -12.23 0.80 -5.10
N PHE A 676 -11.41 1.85 -5.14
CA PHE A 676 -11.85 3.14 -4.62
C PHE A 676 -12.95 3.74 -5.47
N THR A 677 -12.79 3.71 -6.80
CA THR A 677 -13.83 4.21 -7.68
C THR A 677 -15.11 3.39 -7.57
N GLU A 678 -14.98 2.06 -7.52
CA GLU A 678 -16.17 1.22 -7.39
C GLU A 678 -16.89 1.50 -6.08
N LEU A 679 -16.15 1.67 -4.98
CA LEU A 679 -16.75 1.95 -3.68
C LEU A 679 -17.46 3.30 -3.71
N ASP A 680 -16.82 4.31 -4.32
CA ASP A 680 -17.44 5.63 -4.37
C ASP A 680 -18.59 5.73 -5.35
N LEU A 681 -18.72 4.75 -6.26
CA LEU A 681 -19.83 4.80 -7.21
C LEU A 681 -21.19 4.72 -6.52
N GLU A 682 -21.32 3.87 -5.50
CA GLU A 682 -22.63 3.66 -4.88
C GLU A 682 -23.12 4.89 -4.13
N GLU A 683 -22.24 5.52 -3.33
CA GLU A 683 -22.67 6.69 -2.57
C GLU A 683 -22.91 7.91 -3.45
N GLU A 684 -22.51 7.85 -4.71
CA GLU A 684 -22.72 8.97 -5.63
C GLU A 684 -23.94 8.72 -6.52
N GLY B 28 -24.46 41.39 33.92
CA GLY B 28 -23.73 40.56 32.98
C GLY B 28 -23.48 41.26 31.65
N THR B 29 -22.21 41.49 31.35
CA THR B 29 -21.86 42.19 30.11
C THR B 29 -22.13 41.28 28.92
N PRO B 30 -22.90 41.73 27.93
CA PRO B 30 -23.15 40.88 26.75
C PRO B 30 -21.88 40.51 26.00
N PHE B 31 -20.87 41.39 26.01
CA PHE B 31 -19.63 41.09 25.32
C PHE B 31 -18.90 39.92 25.95
N GLN B 32 -18.99 39.77 27.28
CA GLN B 32 -18.40 38.61 27.94
C GLN B 32 -19.08 37.32 27.51
N LYS B 33 -20.41 37.33 27.42
CA LYS B 33 -21.12 36.15 26.94
C LYS B 33 -20.76 35.85 25.50
N ALA B 34 -20.63 36.89 24.67
CA ALA B 34 -20.24 36.69 23.28
C ALA B 34 -18.84 36.11 23.18
N ALA B 35 -17.92 36.56 24.03
CA ALA B 35 -16.57 36.02 24.02
C ALA B 35 -16.57 34.55 24.43
N ALA B 36 -17.36 34.20 25.45
CA ALA B 36 -17.49 32.80 25.83
C ALA B 36 -18.06 31.97 24.69
N LEU B 37 -19.05 32.52 23.99
CA LEU B 37 -19.65 31.81 22.86
C LEU B 37 -18.65 31.64 21.72
N VAL B 38 -17.81 32.64 21.46
CA VAL B 38 -16.80 32.51 20.43
C VAL B 38 -15.78 31.45 20.82
N ASP B 39 -15.39 31.41 22.10
CA ASP B 39 -14.49 30.36 22.56
C ASP B 39 -15.11 28.99 22.36
N LEU B 40 -16.42 28.85 22.63
CA LEU B 40 -17.08 27.58 22.43
C LEU B 40 -17.32 27.27 20.96
N ALA B 41 -17.33 28.31 20.11
CA ALA B 41 -17.52 28.11 18.68
C ALA B 41 -16.23 27.67 18.00
N GLU B 42 -15.08 28.13 18.51
CA GLU B 42 -13.80 27.67 17.96
C GLU B 42 -13.66 26.16 18.12
N ASP B 43 -14.04 25.64 19.28
CA ASP B 43 -14.01 24.21 19.52
C ASP B 43 -15.00 23.90 20.63
N GLY B 44 -15.40 22.63 20.71
CA GLY B 44 -16.43 22.22 21.66
C GLY B 44 -16.07 22.41 23.11
N ILE B 45 -14.80 22.65 23.42
CA ILE B 45 -14.35 22.90 24.79
C ILE B 45 -14.68 24.33 25.16
N GLY B 46 -15.39 24.50 26.27
CA GLY B 46 -15.76 25.84 26.72
C GLY B 46 -16.83 25.78 27.79
N LEU B 47 -17.41 26.94 28.08
CA LEU B 47 -18.48 27.02 29.04
C LEU B 47 -19.78 26.47 28.45
N PRO B 48 -20.64 25.87 29.26
CA PRO B 48 -21.95 25.42 28.76
C PRO B 48 -22.80 26.60 28.32
N VAL B 49 -23.67 26.34 27.34
CA VAL B 49 -24.59 27.37 26.89
C VAL B 49 -25.66 27.63 27.94
N GLU B 50 -25.78 26.75 28.93
CA GLU B 50 -26.82 26.84 29.95
C GLU B 50 -26.43 27.73 31.13
N ILE B 51 -25.24 28.32 31.10
CA ILE B 51 -24.81 29.24 32.16
C ILE B 51 -24.67 30.67 31.68
N LEU B 52 -24.96 30.94 30.39
CA LEU B 52 -24.67 32.24 29.83
C LEU B 52 -25.55 33.34 30.40
N ASP B 53 -26.87 33.10 30.46
CA ASP B 53 -27.82 34.12 30.86
C ASP B 53 -28.14 34.10 32.34
N GLN B 54 -27.72 33.07 33.07
CA GLN B 54 -28.01 33.00 34.50
C GLN B 54 -27.16 33.99 35.29
N SER B 55 -27.65 34.34 36.48
CA SER B 55 -26.97 35.31 37.32
C SER B 55 -25.64 34.74 37.82
N SER B 56 -24.78 35.65 38.29
CA SER B 56 -23.44 35.33 38.78
C SER B 56 -22.62 34.66 37.67
N PHE B 57 -22.49 35.39 36.56
CA PHE B 57 -21.75 34.91 35.40
C PHE B 57 -20.25 35.20 35.52
N GLY B 58 -19.89 36.38 36.03
CA GLY B 58 -18.48 36.71 36.16
C GLY B 58 -17.74 35.80 37.13
N GLU B 59 -18.45 35.32 38.16
CA GLU B 59 -17.83 34.41 39.11
C GLU B 59 -17.38 33.12 38.44
N SER B 60 -18.20 32.57 37.54
CA SER B 60 -17.80 31.41 36.77
C SER B 60 -16.68 31.77 35.79
N ALA B 61 -16.74 32.96 35.21
CA ALA B 61 -15.75 33.36 34.21
C ALA B 61 -14.35 33.45 34.81
N ARG B 62 -14.22 34.05 35.99
CA ARG B 62 -12.90 34.20 36.60
C ARG B 62 -12.32 32.84 36.97
N TYR B 63 -13.15 31.95 37.51
CA TYR B 63 -12.69 30.60 37.84
C TYR B 63 -12.26 29.86 36.58
N TYR B 64 -13.02 29.99 35.49
CA TYR B 64 -12.62 29.37 34.23
C TYR B 64 -11.30 29.93 33.73
N PHE B 65 -11.12 31.25 33.81
CA PHE B 65 -9.88 31.85 33.32
C PHE B 65 -8.69 31.35 34.13
N ILE B 66 -8.84 31.30 35.46
CA ILE B 66 -7.77 30.80 36.31
C ILE B 66 -7.48 29.34 35.98
N PHE B 67 -8.51 28.54 35.74
CA PHE B 67 -8.32 27.15 35.37
C PHE B 67 -7.54 27.03 34.07
N THR B 68 -7.90 27.82 33.06
CA THR B 68 -7.22 27.75 31.77
C THR B 68 -5.80 28.30 31.84
N ARG B 69 -5.49 29.12 32.84
CA ARG B 69 -4.10 29.56 33.03
C ARG B 69 -3.17 28.40 33.33
N LEU B 70 -3.69 27.25 33.75
CA LEU B 70 -2.88 26.12 34.17
C LEU B 70 -3.00 24.92 33.24
N ASP B 71 -3.33 25.18 31.96
CA ASP B 71 -3.48 24.07 31.01
C ASP B 71 -2.15 23.36 30.81
N LEU B 72 -1.04 24.10 30.82
CA LEU B 72 0.27 23.48 30.68
C LEU B 72 0.57 22.57 31.86
N ILE B 73 0.20 23.00 33.08
CA ILE B 73 0.37 22.16 34.26
C ILE B 73 -0.48 20.90 34.14
N TRP B 74 -1.72 21.05 33.69
CA TRP B 74 -2.58 19.88 33.51
C TRP B 74 -1.99 18.91 32.49
N SER B 75 -1.47 19.43 31.39
CA SER B 75 -0.89 18.58 30.36
C SER B 75 0.33 17.84 30.90
N LEU B 76 1.20 18.53 31.63
CA LEU B 76 2.35 17.86 32.22
C LEU B 76 1.90 16.78 33.20
N ASN B 77 0.86 17.05 33.99
CA ASN B 77 0.36 16.06 34.93
C ASN B 77 -0.14 14.82 34.20
N TYR B 78 -0.92 15.01 33.13
CA TYR B 78 -1.45 13.87 32.40
C TYR B 78 -0.34 13.06 31.75
N PHE B 79 0.65 13.73 31.17
CA PHE B 79 1.75 13.01 30.55
C PHE B 79 2.57 12.25 31.59
N ALA B 80 2.78 12.84 32.77
CA ALA B 80 3.46 12.12 33.84
C ALA B 80 2.65 10.92 34.31
N LEU B 81 1.33 11.08 34.37
CA LEU B 81 0.47 9.96 34.72
C LEU B 81 0.61 8.81 33.74
N LEU B 82 0.64 9.12 32.44
CA LEU B 82 0.86 8.06 31.45
C LEU B 82 2.24 7.44 31.60
N PHE B 83 3.28 8.26 31.69
CA PHE B 83 4.64 7.76 31.71
C PHE B 83 4.99 7.05 33.01
N LEU B 84 4.12 7.12 34.01
CA LEU B 84 4.31 6.29 35.20
C LEU B 84 4.41 4.81 34.85
N ASN B 85 3.66 4.36 33.84
CA ASN B 85 3.63 2.93 33.53
C ASN B 85 4.99 2.41 33.10
N PHE B 86 5.82 3.24 32.48
CA PHE B 86 7.12 2.79 32.03
C PHE B 86 8.04 2.40 33.18
N PHE B 87 7.82 2.93 34.37
CA PHE B 87 8.72 2.74 35.49
C PHE B 87 8.12 1.88 36.59
N GLU B 88 6.85 1.48 36.47
CA GLU B 88 6.19 0.69 37.50
C GLU B 88 6.76 -0.73 37.56
N GLN B 89 6.88 -1.24 38.78
CA GLN B 89 7.39 -2.59 38.97
C GLN B 89 6.41 -3.59 38.38
N PRO B 90 6.87 -4.58 37.62
CA PRO B 90 5.94 -5.55 37.02
C PRO B 90 5.27 -6.41 38.08
N LEU B 91 4.05 -6.84 37.77
CA LEU B 91 3.27 -7.60 38.73
C LEU B 91 3.91 -8.94 39.06
N TRP B 92 4.60 -9.55 38.10
CA TRP B 92 5.23 -10.84 38.38
C TRP B 92 6.42 -10.70 39.31
N CYS B 93 6.93 -9.49 39.52
CA CYS B 93 7.86 -9.25 40.62
C CYS B 93 7.16 -9.08 41.96
N GLU B 94 5.86 -8.77 41.96
CA GLU B 94 5.14 -8.61 43.22
C GLU B 94 5.08 -9.93 43.98
N LYS B 95 5.17 -11.04 43.26
CA LYS B 95 5.27 -12.37 43.87
C LYS B 95 6.72 -12.60 44.29
N ASN B 96 7.07 -13.85 44.59
CA ASN B 96 8.41 -14.20 45.06
C ASN B 96 9.02 -15.25 44.15
N PRO B 97 9.58 -14.84 43.00
CA PRO B 97 10.29 -15.80 42.15
C PRO B 97 11.56 -16.29 42.84
N LYS B 98 12.04 -17.44 42.38
CA LYS B 98 13.19 -18.07 43.03
C LYS B 98 14.42 -17.16 43.05
N PRO B 99 14.81 -16.47 41.96
CA PRO B 99 15.63 -15.27 42.15
C PRO B 99 14.78 -14.02 42.14
N SER B 100 15.06 -13.07 43.04
CA SER B 100 14.38 -11.79 42.98
C SER B 100 14.75 -11.07 41.69
N CYS B 101 13.79 -10.35 41.12
CA CYS B 101 13.98 -9.77 39.80
C CYS B 101 14.90 -8.55 39.82
N LYS B 102 15.65 -8.34 40.90
CA LYS B 102 16.72 -7.34 40.88
C LYS B 102 17.86 -7.77 39.97
N ASP B 103 18.00 -9.06 39.70
CA ASP B 103 18.97 -9.53 38.70
C ASP B 103 18.42 -9.22 37.31
N ARG B 104 18.74 -8.01 36.85
CA ARG B 104 18.16 -7.44 35.65
C ARG B 104 18.50 -8.25 34.40
N ASP B 105 19.52 -9.12 34.47
CA ASP B 105 19.96 -9.90 33.32
C ASP B 105 19.32 -11.27 33.24
N TYR B 106 18.85 -11.82 34.37
CA TYR B 106 18.26 -13.16 34.36
C TYR B 106 17.00 -13.20 33.52
N TYR B 107 16.15 -12.18 33.63
CA TYR B 107 14.86 -12.18 32.95
C TYR B 107 14.87 -11.32 31.69
N TYR B 108 16.04 -10.95 31.19
CA TYR B 108 16.17 -10.15 29.97
C TYR B 108 15.40 -8.84 30.05
N LEU B 109 15.44 -8.22 31.22
CA LEU B 109 14.94 -6.86 31.40
C LEU B 109 16.08 -5.88 31.10
N GLY B 110 15.87 -4.59 31.37
CA GLY B 110 17.00 -3.67 31.27
C GLY B 110 16.74 -2.19 31.05
N GLU B 111 17.66 -1.38 31.57
CA GLU B 111 17.90 0.04 31.27
C GLU B 111 16.86 1.02 31.79
N LEU B 112 15.85 0.59 32.54
CA LEU B 112 15.01 1.61 33.16
C LEU B 112 14.82 1.32 34.64
N PRO B 113 14.98 2.32 35.50
CA PRO B 113 14.94 2.08 36.94
C PRO B 113 13.54 1.77 37.44
N TYR B 114 13.49 1.07 38.57
CA TYR B 114 12.23 0.74 39.21
C TYR B 114 12.04 1.58 40.47
N LEU B 115 10.86 2.17 40.60
CA LEU B 115 10.50 2.93 41.79
C LEU B 115 10.19 1.98 42.94
N THR B 116 10.83 2.23 44.08
CA THR B 116 10.49 1.49 45.29
C THR B 116 9.08 1.87 45.74
N ASN B 117 8.63 1.22 46.81
CA ASN B 117 7.27 1.44 47.29
C ASN B 117 7.04 2.89 47.68
N ALA B 118 7.99 3.50 48.38
CA ALA B 118 7.83 4.88 48.81
C ALA B 118 7.77 5.83 47.63
N GLU B 119 8.68 5.67 46.66
CA GLU B 119 8.69 6.54 45.49
C GLU B 119 7.41 6.39 44.69
N SER B 120 6.97 5.15 44.48
CA SER B 120 5.74 4.92 43.74
C SER B 120 4.55 5.55 44.45
N ILE B 121 4.48 5.39 45.78
CA ILE B 121 3.35 5.92 46.53
C ILE B 121 3.32 7.44 46.46
N ILE B 122 4.48 8.09 46.67
CA ILE B 122 4.47 9.55 46.68
C ILE B 122 4.17 10.09 45.28
N TYR B 123 4.72 9.44 44.24
CA TYR B 123 4.43 9.87 42.88
C TYR B 123 2.95 9.72 42.55
N GLU B 124 2.36 8.59 42.94
CA GLU B 124 0.94 8.36 42.68
C GLU B 124 0.08 9.37 43.44
N VAL B 125 0.46 9.68 44.68
CA VAL B 125 -0.31 10.64 45.46
C VAL B 125 -0.23 12.03 44.84
N ILE B 126 0.96 12.43 44.38
CA ILE B 126 1.09 13.73 43.73
C ILE B 126 0.20 13.80 42.49
N THR B 127 0.30 12.79 41.62
CA THR B 127 -0.48 12.79 40.40
C THR B 127 -1.98 12.75 40.71
N LEU B 128 -2.36 11.96 41.71
CA LEU B 128 -3.77 11.84 42.06
C LEU B 128 -4.32 13.13 42.64
N ALA B 129 -3.52 13.84 43.42
CA ALA B 129 -3.96 15.12 43.95
C ALA B 129 -4.18 16.12 42.82
N ILE B 130 -3.24 16.19 41.87
CA ILE B 130 -3.42 17.10 40.75
C ILE B 130 -4.64 16.70 39.93
N LEU B 131 -4.82 15.40 39.71
CA LEU B 131 -5.95 14.92 38.92
C LEU B 131 -7.28 15.19 39.64
N LEU B 132 -7.31 15.03 40.95
CA LEU B 132 -8.52 15.32 41.70
C LEU B 132 -8.88 16.79 41.63
N VAL B 133 -7.88 17.67 41.72
CA VAL B 133 -8.15 19.09 41.56
C VAL B 133 -8.67 19.37 40.15
N HIS B 134 -8.05 18.77 39.14
CA HIS B 134 -8.45 19.04 37.76
C HIS B 134 -9.87 18.54 37.49
N THR B 135 -10.22 17.36 38.02
CA THR B 135 -11.50 16.75 37.71
C THR B 135 -12.65 17.45 38.42
N PHE B 136 -12.47 17.78 39.70
CA PHE B 136 -13.54 18.32 40.52
C PHE B 136 -13.59 19.84 40.53
N PHE B 137 -12.68 20.51 39.86
CA PHE B 137 -12.70 21.97 39.79
C PHE B 137 -13.90 22.51 39.01
N PRO B 138 -14.32 21.87 37.88
CA PRO B 138 -15.45 22.41 37.14
C PRO B 138 -16.71 22.67 37.96
N ILE B 139 -16.87 22.00 39.09
CA ILE B 139 -18.05 22.21 39.91
C ILE B 139 -18.21 23.66 40.31
N SER B 140 -17.12 24.43 40.31
CA SER B 140 -17.20 25.84 40.67
C SER B 140 -17.91 26.65 39.59
N TYR B 141 -17.53 26.47 38.33
CA TYR B 141 -18.07 27.27 37.24
C TYR B 141 -19.08 26.53 36.38
N GLU B 142 -19.46 25.31 36.74
CA GLU B 142 -20.50 24.58 36.04
C GLU B 142 -21.79 24.47 36.85
N GLY B 143 -21.90 25.23 37.94
CA GLY B 143 -23.04 25.00 38.80
C GLY B 143 -22.90 23.64 39.49
N SER B 144 -24.04 23.08 39.86
CA SER B 144 -24.08 21.77 40.50
C SER B 144 -24.72 20.71 39.62
N ARG B 145 -25.94 20.96 39.13
CA ARG B 145 -26.64 19.95 38.34
C ARG B 145 -25.98 19.73 37.00
N ILE B 146 -25.44 20.79 36.39
CA ILE B 146 -24.85 20.68 35.05
C ILE B 146 -23.63 19.76 35.09
N PHE B 147 -22.84 19.83 36.17
CA PHE B 147 -21.65 19.01 36.27
C PHE B 147 -21.99 17.53 36.31
N TRP B 148 -23.03 17.16 37.05
CA TRP B 148 -23.38 15.76 37.25
C TRP B 148 -24.30 15.21 36.15
N THR B 149 -24.70 16.05 35.19
CA THR B 149 -25.57 15.62 34.11
C THR B 149 -24.82 15.43 32.79
N SER B 150 -23.49 15.44 32.83
CA SER B 150 -22.68 15.26 31.63
C SER B 150 -22.06 13.86 31.65
N ARG B 151 -22.17 13.15 30.53
CA ARG B 151 -21.63 11.80 30.45
C ARG B 151 -20.12 11.79 30.59
N LEU B 152 -19.44 12.74 29.93
CA LEU B 152 -17.99 12.77 29.98
C LEU B 152 -17.48 13.03 31.40
N ASN B 153 -18.11 13.97 32.11
CA ASN B 153 -17.71 14.25 33.48
C ASN B 153 -17.99 13.05 34.38
N LEU B 154 -19.09 12.34 34.12
CA LEU B 154 -19.39 11.13 34.89
C LEU B 154 -18.32 10.07 34.68
N VAL B 155 -17.89 9.89 33.43
CA VAL B 155 -16.82 8.92 33.16
C VAL B 155 -15.53 9.35 33.85
N LYS B 156 -15.22 10.65 33.80
CA LYS B 156 -14.01 11.16 34.45
C LYS B 156 -14.03 10.90 35.94
N VAL B 157 -15.15 11.20 36.60
CA VAL B 157 -15.23 11.02 38.05
C VAL B 157 -15.20 9.54 38.40
N ALA B 158 -15.82 8.69 37.57
CA ALA B 158 -15.74 7.26 37.81
C ALA B 158 -14.30 6.77 37.71
N CYS B 159 -13.57 7.22 36.69
CA CYS B 159 -12.18 6.80 36.54
C CYS B 159 -11.33 7.28 37.72
N VAL B 160 -11.53 8.53 38.15
CA VAL B 160 -10.69 9.06 39.21
C VAL B 160 -11.02 8.39 40.54
N VAL B 161 -12.30 8.04 40.77
CA VAL B 161 -12.64 7.37 42.02
C VAL B 161 -12.12 5.93 42.02
N ILE B 162 -12.12 5.28 40.85
CA ILE B 162 -11.50 3.96 40.75
C ILE B 162 -10.01 4.06 41.04
N LEU B 163 -9.36 5.10 40.51
CA LEU B 163 -7.94 5.31 40.79
C LEU B 163 -7.70 5.53 42.27
N PHE B 164 -8.56 6.31 42.93
CA PHE B 164 -8.40 6.56 44.35
C PHE B 164 -8.58 5.27 45.15
N VAL B 165 -9.58 4.47 44.79
CA VAL B 165 -9.78 3.20 45.50
C VAL B 165 -8.58 2.29 45.29
N ASP B 166 -8.05 2.24 44.07
CA ASP B 166 -6.91 1.37 43.80
C ASP B 166 -5.68 1.80 44.59
N VAL B 167 -5.39 3.10 44.61
CA VAL B 167 -4.21 3.56 45.35
C VAL B 167 -4.42 3.36 46.85
N LEU B 168 -5.64 3.53 47.33
CA LEU B 168 -5.93 3.30 48.75
C LEU B 168 -5.74 1.83 49.10
N VAL B 169 -6.15 0.93 48.21
CA VAL B 169 -5.93 -0.50 48.45
C VAL B 169 -4.45 -0.82 48.45
N ASP B 170 -3.70 -0.21 47.53
CA ASP B 170 -2.25 -0.42 47.52
C ASP B 170 -1.62 0.07 48.83
N PHE B 171 -2.07 1.22 49.33
CA PHE B 171 -1.58 1.74 50.59
C PHE B 171 -1.93 0.82 51.76
N LEU B 172 -3.16 0.30 51.76
CA LEU B 172 -3.60 -0.59 52.84
C LEU B 172 -2.80 -1.89 52.84
N TYR B 173 -2.56 -2.46 51.66
CA TYR B 173 -1.86 -3.74 51.57
C TYR B 173 -0.44 -3.61 52.12
N LEU B 174 0.18 -2.45 51.95
CA LEU B 174 1.52 -2.22 52.46
C LEU B 174 1.48 -1.74 53.91
N LEU B 182 -5.36 -10.07 45.85
CA LEU B 182 -5.30 -9.15 44.72
C LEU B 182 -5.06 -9.91 43.41
N PRO B 183 -6.10 -9.98 42.57
CA PRO B 183 -5.95 -10.64 41.28
C PRO B 183 -4.97 -9.92 40.37
N PHE B 184 -5.20 -8.62 40.17
CA PHE B 184 -4.34 -7.80 39.34
C PHE B 184 -4.64 -6.34 39.65
N ARG B 185 -3.78 -5.47 39.14
CA ARG B 185 -3.92 -4.03 39.33
C ARG B 185 -4.59 -3.42 38.12
N ILE B 186 -5.66 -2.65 38.35
CA ILE B 186 -6.40 -2.01 37.25
C ILE B 186 -5.93 -0.60 36.99
N ALA B 187 -4.93 -0.11 37.73
CA ALA B 187 -4.47 1.26 37.56
C ALA B 187 -3.96 1.58 36.16
N PRO B 188 -3.12 0.76 35.52
CA PRO B 188 -2.63 1.14 34.18
C PRO B 188 -3.75 1.42 33.19
N TYR B 189 -4.75 0.53 33.14
CA TYR B 189 -5.83 0.70 32.16
C TYR B 189 -6.63 1.96 32.43
N VAL B 190 -6.97 2.21 33.70
CA VAL B 190 -7.80 3.35 34.02
C VAL B 190 -7.06 4.65 33.76
N ARG B 191 -5.76 4.70 34.08
CA ARG B 191 -5.04 5.94 33.82
C ARG B 191 -4.80 6.15 32.34
N VAL B 192 -4.64 5.06 31.57
CA VAL B 192 -4.55 5.22 30.12
C VAL B 192 -5.87 5.75 29.57
N ILE B 193 -6.99 5.25 30.09
CA ILE B 193 -8.29 5.77 29.65
C ILE B 193 -8.42 7.25 30.00
N ILE B 194 -7.98 7.64 31.20
CA ILE B 194 -8.03 9.04 31.60
C ILE B 194 -7.20 9.89 30.64
N PHE B 195 -6.00 9.42 30.29
CA PHE B 195 -5.18 10.14 29.32
C PHE B 195 -5.89 10.27 27.98
N ILE B 196 -6.51 9.18 27.52
CA ILE B 196 -7.15 9.20 26.20
C ILE B 196 -8.30 10.20 26.19
N LEU B 197 -9.13 10.18 27.23
CA LEU B 197 -10.28 11.08 27.25
C LEU B 197 -9.93 12.47 27.77
N SER B 198 -8.69 12.71 28.16
CA SER B 198 -8.25 14.05 28.52
C SER B 198 -7.86 14.89 27.32
N ILE B 199 -7.70 14.29 26.14
CA ILE B 199 -7.34 15.00 24.92
C ILE B 199 -8.49 14.86 23.94
N ARG B 200 -8.90 15.98 23.35
CA ARG B 200 -10.06 15.98 22.46
C ARG B 200 -9.82 15.10 21.23
N GLU B 201 -8.60 15.14 20.69
CA GLU B 201 -8.32 14.41 19.46
C GLU B 201 -8.43 12.90 19.66
N LEU B 202 -7.93 12.39 20.78
CA LEU B 202 -8.03 10.96 21.04
C LEU B 202 -9.49 10.53 21.22
N ARG B 203 -10.30 11.35 21.88
CA ARG B 203 -11.71 11.06 22.00
C ARG B 203 -12.38 11.02 20.63
N ASP B 204 -12.03 11.98 19.76
CA ASP B 204 -12.60 12.00 18.43
C ASP B 204 -12.20 10.75 17.64
N THR B 205 -10.93 10.34 17.77
CA THR B 205 -10.47 9.14 17.08
C THR B 205 -11.21 7.91 17.57
N LEU B 206 -11.42 7.79 18.89
CA LEU B 206 -12.15 6.64 19.40
C LEU B 206 -13.60 6.64 18.91
N VAL B 207 -14.24 7.81 18.88
CA VAL B 207 -15.60 7.88 18.35
C VAL B 207 -15.64 7.44 16.89
N LEU B 208 -14.67 7.89 16.09
CA LEU B 208 -14.63 7.51 14.69
C LEU B 208 -14.39 6.01 14.51
N LEU B 209 -13.53 5.43 15.34
CA LEU B 209 -13.32 3.99 15.26
C LEU B 209 -14.58 3.23 15.64
N SER B 210 -15.31 3.72 16.65
CA SER B 210 -16.59 3.11 17.00
C SER B 210 -17.56 3.18 15.83
N GLY B 211 -17.57 4.30 15.11
CA GLY B 211 -18.39 4.39 13.91
C GLY B 211 -17.98 3.40 12.85
N MET B 212 -16.67 3.21 12.66
CA MET B 212 -16.17 2.29 11.64
C MET B 212 -16.42 0.83 11.98
N LEU B 213 -16.59 0.51 13.27
CA LEU B 213 -16.56 -0.88 13.72
C LEU B 213 -17.49 -1.79 12.91
N GLY B 214 -18.68 -1.30 12.56
CA GLY B 214 -19.62 -2.15 11.82
C GLY B 214 -19.10 -2.56 10.47
N THR B 215 -18.64 -1.60 9.67
CA THR B 215 -18.10 -1.90 8.35
C THR B 215 -16.84 -2.75 8.46
N TYR B 216 -16.00 -2.46 9.45
CA TYR B 216 -14.80 -3.25 9.64
C TYR B 216 -15.15 -4.71 9.93
N LEU B 217 -16.14 -4.94 10.79
CA LEU B 217 -16.56 -6.31 11.06
C LEU B 217 -17.14 -6.97 9.82
N ASN B 218 -17.90 -6.20 9.02
CA ASN B 218 -18.43 -6.75 7.78
C ASN B 218 -17.33 -7.25 6.86
N ILE B 219 -16.31 -6.44 6.63
CA ILE B 219 -15.24 -6.85 5.74
C ILE B 219 -14.40 -7.95 6.38
N LEU B 220 -14.29 -7.95 7.71
CA LEU B 220 -13.58 -9.03 8.40
C LEU B 220 -14.28 -10.36 8.19
N ALA B 221 -15.62 -10.34 8.12
CA ALA B 221 -16.35 -11.59 7.87
C ALA B 221 -16.01 -12.17 6.51
N LEU B 222 -15.96 -11.33 5.47
CA LEU B 222 -15.56 -11.80 4.14
C LEU B 222 -14.14 -12.33 4.15
N TRP B 223 -13.23 -11.61 4.82
CA TRP B 223 -11.85 -12.08 4.91
C TRP B 223 -11.77 -13.44 5.59
N MET B 224 -12.53 -13.62 6.67
CA MET B 224 -12.54 -14.90 7.38
C MET B 224 -13.14 -16.00 6.54
N LEU B 225 -14.19 -15.70 5.77
CA LEU B 225 -14.74 -16.70 4.86
C LEU B 225 -13.73 -17.12 3.82
N PHE B 226 -12.99 -16.15 3.26
CA PHE B 226 -11.96 -16.50 2.28
C PHE B 226 -10.91 -17.40 2.90
N LEU B 227 -10.43 -17.07 4.10
CA LEU B 227 -9.46 -17.92 4.76
C LEU B 227 -10.03 -19.32 5.01
N LEU B 228 -11.27 -19.40 5.49
CA LEU B 228 -11.85 -20.69 5.81
C LEU B 228 -11.99 -21.57 4.57
N PHE B 229 -12.50 -21.00 3.48
CA PHE B 229 -12.68 -21.79 2.26
C PHE B 229 -11.35 -22.20 1.67
N ALA B 230 -10.38 -21.28 1.61
CA ALA B 230 -9.07 -21.63 1.07
C ALA B 230 -8.40 -22.70 1.91
N SER B 231 -8.50 -22.60 3.23
CA SER B 231 -7.89 -23.60 4.10
C SER B 231 -8.58 -24.94 3.95
N TRP B 232 -9.90 -24.96 3.78
CA TRP B 232 -10.61 -26.21 3.54
C TRP B 232 -10.17 -26.84 2.23
N ILE B 233 -10.02 -26.03 1.18
CA ILE B 233 -9.59 -26.53 -0.11
C ILE B 233 -8.19 -27.14 0.01
N ALA B 234 -7.30 -26.45 0.71
CA ALA B 234 -5.95 -26.98 0.90
C ALA B 234 -5.96 -28.24 1.74
N PHE B 235 -6.80 -28.30 2.76
CA PHE B 235 -6.89 -29.48 3.62
C PHE B 235 -7.36 -30.69 2.85
N VAL B 236 -8.37 -30.52 1.99
CA VAL B 236 -8.87 -31.64 1.20
C VAL B 236 -7.85 -32.04 0.13
N MET B 237 -7.27 -31.05 -0.56
CA MET B 237 -6.34 -31.35 -1.64
C MET B 237 -5.14 -32.12 -1.14
N PHE B 238 -4.51 -31.65 -0.06
CA PHE B 238 -3.32 -32.28 0.49
C PHE B 238 -3.72 -33.15 1.68
N GLU B 239 -4.50 -34.18 1.40
CA GLU B 239 -4.99 -35.04 2.46
C GLU B 239 -3.94 -36.07 2.88
N ALA B 240 -3.54 -36.93 1.96
CA ALA B 240 -2.54 -37.97 2.23
C ALA B 240 -1.19 -37.63 1.63
N THR B 241 -1.00 -36.43 1.12
CA THR B 241 0.27 -36.04 0.53
C THR B 241 1.30 -35.76 1.62
N GLN B 242 2.55 -35.61 1.19
CA GLN B 242 3.62 -35.31 2.15
C GLN B 242 3.41 -33.95 2.81
N GLN B 243 2.78 -33.01 2.10
CA GLN B 243 2.49 -31.72 2.70
C GLN B 243 1.37 -31.77 3.72
N GLY B 244 0.45 -32.71 3.58
CA GLY B 244 -0.62 -32.86 4.55
C GLY B 244 -0.28 -33.66 5.77
N LEU B 245 0.92 -34.22 5.81
CA LEU B 245 1.38 -34.99 6.97
C LEU B 245 2.39 -34.24 7.81
N THR B 246 2.74 -33.00 7.44
CA THR B 246 3.71 -32.23 8.21
C THR B 246 3.22 -30.82 8.48
N VAL B 247 2.36 -30.29 7.62
CA VAL B 247 1.92 -28.90 7.76
C VAL B 247 0.42 -28.82 7.96
N PHE B 248 -0.35 -29.34 7.01
CA PHE B 248 -1.81 -29.29 7.07
C PHE B 248 -2.36 -30.57 7.73
N THR B 249 -1.97 -30.76 8.99
CA THR B 249 -2.35 -31.97 9.70
C THR B 249 -3.85 -32.04 9.94
N SER B 250 -4.47 -30.91 10.30
CA SER B 250 -5.90 -30.86 10.53
C SER B 250 -6.42 -29.54 9.97
N TYR B 251 -7.73 -29.32 10.12
CA TYR B 251 -8.31 -28.09 9.61
C TYR B 251 -7.85 -26.88 10.43
N GLY B 252 -7.70 -27.05 11.74
CA GLY B 252 -7.24 -25.94 12.56
C GLY B 252 -5.81 -25.53 12.24
N ALA B 253 -4.92 -26.50 12.13
CA ALA B 253 -3.53 -26.19 11.79
C ALA B 253 -3.45 -25.57 10.39
N THR B 254 -4.24 -26.09 9.45
CA THR B 254 -4.26 -25.53 8.11
C THR B 254 -4.74 -24.09 8.12
N LEU B 255 -5.80 -23.79 8.88
CA LEU B 255 -6.29 -22.42 8.96
C LEU B 255 -5.25 -21.50 9.56
N TYR B 256 -4.57 -21.97 10.62
CA TYR B 256 -3.52 -21.18 11.25
C TYR B 256 -2.39 -20.86 10.27
N GLN B 257 -1.87 -21.89 9.59
CA GLN B 257 -0.77 -21.69 8.65
C GLN B 257 -1.19 -20.85 7.46
N MET B 258 -2.43 -20.99 6.98
CA MET B 258 -2.89 -20.19 5.86
C MET B 258 -3.05 -18.73 6.26
N PHE B 259 -3.46 -18.46 7.50
CA PHE B 259 -3.48 -17.07 7.98
C PHE B 259 -2.07 -16.48 8.00
N ILE B 260 -1.12 -17.23 8.56
CA ILE B 260 0.26 -16.74 8.59
C ILE B 260 0.77 -16.51 7.17
N LEU B 261 0.46 -17.42 6.24
CA LEU B 261 0.86 -17.25 4.85
C LEU B 261 0.20 -16.04 4.22
N PHE B 262 -1.05 -15.75 4.59
CA PHE B 262 -1.70 -14.52 4.14
C PHE B 262 -0.90 -13.31 4.57
N THR B 263 -0.28 -13.37 5.75
CA THR B 263 0.61 -12.28 6.12
C THR B 263 1.96 -12.34 5.41
N THR B 264 2.19 -13.32 4.54
CA THR B 264 3.43 -13.49 3.77
C THR B 264 4.67 -13.52 4.65
N SER B 265 4.51 -13.90 5.91
CA SER B 265 5.66 -13.96 6.80
C SER B 265 6.52 -15.19 6.60
N ASN B 266 5.97 -16.23 5.97
CA ASN B 266 6.70 -17.48 5.74
C ASN B 266 6.43 -18.02 4.35
N ASN B 267 6.47 -17.15 3.33
CA ASN B 267 5.97 -17.53 2.02
C ASN B 267 6.67 -18.74 1.42
N PRO B 268 8.01 -18.78 1.32
CA PRO B 268 8.61 -19.98 0.75
C PRO B 268 8.61 -21.15 1.72
N ASP B 269 8.52 -20.90 3.03
CA ASP B 269 8.75 -21.94 4.01
C ASP B 269 7.59 -22.93 4.09
N VAL B 270 6.35 -22.43 4.02
CA VAL B 270 5.21 -23.25 4.39
C VAL B 270 4.96 -24.36 3.38
N TRP B 271 5.19 -24.10 2.09
CA TRP B 271 4.90 -25.09 1.06
C TRP B 271 6.16 -25.64 0.39
N ILE B 272 7.26 -25.76 1.13
CA ILE B 272 8.39 -26.55 0.65
C ILE B 272 8.05 -28.03 0.49
N PRO B 273 7.37 -28.69 1.45
CA PRO B 273 7.03 -30.11 1.21
C PRO B 273 6.19 -30.33 -0.03
N ALA B 274 5.21 -29.46 -0.28
CA ALA B 274 4.40 -29.60 -1.48
C ALA B 274 5.24 -29.44 -2.74
N TYR B 275 6.12 -28.43 -2.74
CA TYR B 275 6.97 -28.20 -3.91
C TYR B 275 7.93 -29.36 -4.13
N LYS B 276 8.47 -29.92 -3.06
CA LYS B 276 9.40 -31.04 -3.20
C LYS B 276 8.69 -32.31 -3.67
N SER B 277 7.44 -32.51 -3.25
CA SER B 277 6.70 -33.68 -3.70
C SER B 277 6.08 -33.51 -5.10
N SER B 278 5.72 -32.29 -5.49
CA SER B 278 5.13 -32.06 -6.80
C SER B 278 5.27 -30.59 -7.15
N ARG B 279 6.02 -30.29 -8.22
CA ARG B 279 6.25 -28.91 -8.62
C ARG B 279 4.99 -28.22 -9.10
N TRP B 280 3.96 -28.98 -9.48
CA TRP B 280 2.73 -28.36 -9.92
C TRP B 280 1.89 -27.86 -8.76
N SER B 281 2.17 -28.33 -7.54
CA SER B 281 1.44 -27.86 -6.37
C SER B 281 1.74 -26.39 -6.07
N SER B 282 2.89 -25.88 -6.53
CA SER B 282 3.21 -24.48 -6.32
C SER B 282 2.24 -23.55 -7.02
N VAL B 283 1.56 -24.01 -8.07
CA VAL B 283 0.63 -23.14 -8.78
C VAL B 283 -0.50 -22.70 -7.85
N PHE B 284 -1.03 -23.65 -7.07
CA PHE B 284 -2.11 -23.33 -6.14
C PHE B 284 -1.68 -22.30 -5.10
N PHE B 285 -0.48 -22.49 -4.54
CA PHE B 285 -0.02 -21.56 -3.51
C PHE B 285 0.34 -20.20 -4.09
N VAL B 286 0.85 -20.17 -5.32
CA VAL B 286 1.08 -18.90 -6.00
C VAL B 286 -0.23 -18.17 -6.19
N LEU B 287 -1.26 -18.89 -6.65
CA LEU B 287 -2.58 -18.26 -6.79
C LEU B 287 -3.07 -17.73 -5.45
N TYR B 288 -2.93 -18.52 -4.39
CA TYR B 288 -3.42 -18.09 -3.09
C TYR B 288 -2.69 -16.84 -2.63
N VAL B 289 -1.36 -16.85 -2.70
CA VAL B 289 -0.58 -15.72 -2.20
C VAL B 289 -0.88 -14.46 -3.00
N LEU B 290 -0.90 -14.57 -4.33
CA LEU B 290 -1.17 -13.40 -5.16
C LEU B 290 -2.56 -12.85 -4.90
N ILE B 291 -3.59 -13.71 -4.98
CA ILE B 291 -4.95 -13.24 -4.78
C ILE B 291 -5.11 -12.64 -3.39
N GLY B 292 -4.72 -13.39 -2.37
CA GLY B 292 -4.74 -12.92 -1.00
C GLY B 292 -4.12 -11.56 -0.88
N VAL B 293 -2.80 -11.46 -1.07
CA VAL B 293 -2.08 -10.21 -0.88
C VAL B 293 -2.78 -9.10 -1.65
N TYR B 294 -2.76 -9.16 -2.97
CA TYR B 294 -3.19 -8.01 -3.74
C TYR B 294 -4.68 -7.75 -3.54
N PHE B 295 -5.52 -8.69 -3.98
CA PHE B 295 -6.97 -8.48 -3.90
C PHE B 295 -7.40 -8.17 -2.47
N VAL B 296 -7.19 -9.10 -1.54
CA VAL B 296 -7.78 -8.97 -0.22
C VAL B 296 -7.16 -7.80 0.54
N THR B 297 -5.83 -7.68 0.55
CA THR B 297 -5.19 -6.63 1.33
C THR B 297 -5.61 -5.25 0.83
N ASN B 298 -5.58 -5.03 -0.49
CA ASN B 298 -5.96 -3.72 -0.99
C ASN B 298 -7.45 -3.47 -0.82
N LEU B 299 -8.28 -4.52 -0.89
CA LEU B 299 -9.70 -4.35 -0.63
C LEU B 299 -9.94 -3.93 0.80
N ILE B 300 -9.24 -4.54 1.76
CA ILE B 300 -9.41 -4.17 3.15
C ILE B 300 -8.97 -2.74 3.37
N LEU B 301 -7.84 -2.34 2.77
CA LEU B 301 -7.37 -0.97 2.92
C LEU B 301 -8.39 0.01 2.34
N ALA B 302 -8.94 -0.30 1.17
CA ALA B 302 -9.91 0.61 0.56
C ALA B 302 -11.18 0.71 1.38
N VAL B 303 -11.67 -0.41 1.92
CA VAL B 303 -12.86 -0.38 2.74
C VAL B 303 -12.64 0.45 4.00
N VAL B 304 -11.49 0.25 4.65
CA VAL B 304 -11.17 1.02 5.85
C VAL B 304 -11.11 2.51 5.53
N TYR B 305 -10.45 2.86 4.43
CA TYR B 305 -10.34 4.27 4.06
C TYR B 305 -11.71 4.88 3.77
N ASP B 306 -12.57 4.15 3.06
CA ASP B 306 -13.90 4.66 2.75
C ASP B 306 -14.71 4.88 4.02
N SER B 307 -14.71 3.89 4.92
CA SER B 307 -15.49 4.03 6.14
C SER B 307 -14.98 5.18 6.99
N PHE B 308 -13.66 5.32 7.12
CA PHE B 308 -13.14 6.42 7.91
C PHE B 308 -13.42 7.77 7.25
N LYS B 309 -13.40 7.84 5.93
CA LYS B 309 -13.74 9.09 5.26
C LYS B 309 -15.19 9.48 5.52
N GLU B 310 -16.11 8.51 5.49
CA GLU B 310 -17.50 8.82 5.81
C GLU B 310 -17.64 9.28 7.26
N GLN B 311 -16.93 8.61 8.18
CA GLN B 311 -16.99 9.02 9.58
C GLN B 311 -16.47 10.44 9.76
N LEU B 312 -15.37 10.78 9.10
CA LEU B 312 -14.86 12.14 9.15
C LEU B 312 -15.88 13.12 8.60
N ALA B 313 -16.55 12.76 7.50
CA ALA B 313 -17.55 13.66 6.93
C ALA B 313 -18.65 13.95 7.95
N LYS B 314 -19.15 12.91 8.61
CA LYS B 314 -20.21 13.10 9.58
C LYS B 314 -19.74 13.94 10.76
N GLN B 315 -18.55 13.64 11.30
CA GLN B 315 -18.06 14.39 12.46
C GLN B 315 -17.83 15.86 12.11
N VAL B 316 -17.23 16.12 10.95
CA VAL B 316 -16.94 17.49 10.55
C VAL B 316 -18.23 18.24 10.28
N SER B 317 -19.24 17.58 9.71
CA SER B 317 -20.52 18.22 9.51
C SER B 317 -21.16 18.59 10.84
N GLY B 318 -21.09 17.69 11.82
CA GLY B 318 -21.64 18.01 13.13
C GLY B 318 -20.94 19.19 13.79
N MET B 319 -19.60 19.19 13.76
CA MET B 319 -18.86 20.31 14.33
C MET B 319 -19.16 21.61 13.60
N ASP B 320 -19.26 21.56 12.27
CA ASP B 320 -19.55 22.76 11.50
C ASP B 320 -20.92 23.31 11.85
N GLN B 321 -21.93 22.44 11.98
CA GLN B 321 -23.25 22.92 12.33
C GLN B 321 -23.27 23.51 13.74
N MET B 322 -22.58 22.87 14.68
CA MET B 322 -22.48 23.41 16.03
C MET B 322 -21.81 24.78 16.03
N LYS B 323 -20.72 24.92 15.27
CA LYS B 323 -20.01 26.19 15.19
C LYS B 323 -20.89 27.28 14.59
N ARG B 324 -21.63 26.95 13.52
CA ARG B 324 -22.51 27.93 12.90
C ARG B 324 -23.61 28.36 13.86
N ARG B 325 -24.19 27.41 14.59
CA ARG B 325 -25.23 27.75 15.55
C ARG B 325 -24.69 28.64 16.67
N MET B 326 -23.49 28.32 17.18
CA MET B 326 -22.91 29.12 18.25
C MET B 326 -22.58 30.53 17.78
N LEU B 327 -22.04 30.67 16.56
CA LEU B 327 -21.77 31.99 16.03
C LEU B 327 -23.06 32.77 15.83
N GLU B 328 -24.13 32.10 15.36
CA GLU B 328 -25.41 32.77 15.21
C GLU B 328 -25.94 33.26 16.55
N LYS B 329 -25.83 32.43 17.59
CA LYS B 329 -26.26 32.85 18.91
C LYS B 329 -25.45 34.04 19.41
N ALA B 330 -24.14 34.01 19.20
CA ALA B 330 -23.30 35.12 19.63
C ALA B 330 -23.70 36.41 18.90
N PHE B 331 -23.91 36.33 17.59
CA PHE B 331 -24.29 37.52 16.84
C PHE B 331 -25.64 38.06 17.28
N GLY B 332 -26.61 37.17 17.51
CA GLY B 332 -27.89 37.60 18.01
C GLY B 332 -27.79 38.24 19.39
N LEU B 333 -26.86 37.74 20.21
CA LEU B 333 -26.67 38.31 21.53
C LEU B 333 -26.03 39.69 21.47
N ILE B 334 -25.04 39.88 20.59
CA ILE B 334 -24.30 41.13 20.55
C ILE B 334 -25.21 42.29 20.15
N ASP B 335 -25.93 42.13 19.04
CA ASP B 335 -26.75 43.21 18.51
C ASP B 335 -28.08 43.24 19.27
N SER B 336 -28.10 44.01 20.35
CA SER B 336 -29.34 44.26 21.07
C SER B 336 -30.15 45.37 20.44
N ASP B 337 -29.58 46.13 19.50
CA ASP B 337 -30.30 47.14 18.75
C ASP B 337 -31.02 46.58 17.54
N LYS B 338 -30.74 45.33 17.16
CA LYS B 338 -31.42 44.64 16.06
C LYS B 338 -31.27 45.39 14.74
N ASN B 339 -30.14 46.09 14.57
CA ASN B 339 -29.88 46.76 13.31
C ASN B 339 -29.49 45.77 12.21
N GLY B 340 -28.90 44.64 12.58
CA GLY B 340 -28.50 43.61 11.65
C GLY B 340 -27.03 43.63 11.30
N GLU B 341 -26.29 44.66 11.69
CA GLU B 341 -24.88 44.75 11.39
C GLU B 341 -24.14 45.37 12.57
N ILE B 342 -22.85 45.04 12.68
CA ILE B 342 -22.00 45.50 13.77
C ILE B 342 -21.08 46.59 13.24
N ASP B 343 -21.01 47.69 13.98
CA ASP B 343 -20.19 48.84 13.59
C ASP B 343 -18.75 48.66 14.08
N LYS B 344 -17.96 49.72 14.00
CA LYS B 344 -16.54 49.66 14.34
C LYS B 344 -16.33 49.44 15.84
N ASN B 345 -16.80 50.39 16.66
CA ASN B 345 -16.41 50.40 18.08
C ASN B 345 -16.93 49.18 18.82
N GLN B 346 -18.14 48.73 18.50
CA GLN B 346 -18.69 47.56 19.17
C GLN B 346 -17.86 46.32 18.87
N CYS B 347 -17.46 46.15 17.60
CA CYS B 347 -16.67 44.99 17.23
C CYS B 347 -15.27 45.07 17.84
N ILE B 348 -14.69 46.28 17.90
CA ILE B 348 -13.42 46.45 18.59
C ILE B 348 -13.54 46.03 20.05
N LYS B 349 -14.58 46.54 20.72
CA LYS B 349 -14.82 46.19 22.12
C LYS B 349 -14.93 44.69 22.30
N LEU B 350 -15.65 44.02 21.39
CA LEU B 350 -15.69 42.57 21.41
C LEU B 350 -14.30 41.97 21.30
N PHE B 351 -13.44 42.57 20.47
CA PHE B 351 -12.07 42.07 20.34
C PHE B 351 -11.31 42.14 21.67
N GLU B 352 -11.29 43.31 22.32
CA GLU B 352 -10.52 43.28 23.57
C GLU B 352 -11.24 42.56 24.69
N GLN B 353 -12.54 42.26 24.55
CA GLN B 353 -13.20 41.43 25.54
C GLN B 353 -12.82 39.96 25.37
N LEU B 354 -12.70 39.50 24.13
CA LEU B 354 -12.34 38.10 23.87
C LEU B 354 -10.84 37.86 23.81
N THR B 355 -10.02 38.91 23.83
CA THR B 355 -8.58 38.73 23.79
C THR B 355 -8.00 38.13 25.06
N ASN B 356 -8.78 38.05 26.14
CA ASN B 356 -8.28 37.54 27.42
C ASN B 356 -8.09 36.03 27.44
N TYR B 357 -8.75 35.29 26.55
CA TYR B 357 -8.67 33.83 26.55
C TYR B 357 -7.33 33.35 26.01
N ARG B 358 -6.78 32.31 26.63
CA ARG B 358 -5.54 31.72 26.17
C ARG B 358 -5.75 30.64 25.11
N THR B 359 -6.99 30.21 24.89
CA THR B 359 -7.29 29.20 23.90
C THR B 359 -7.49 29.77 22.51
N LEU B 360 -7.43 31.09 22.36
CA LEU B 360 -7.60 31.76 21.09
C LEU B 360 -6.30 32.39 20.64
N PRO B 361 -6.08 32.54 19.32
CA PRO B 361 -4.81 33.09 18.84
C PRO B 361 -4.58 34.52 19.31
N LYS B 362 -3.31 34.86 19.53
CA LYS B 362 -2.95 36.20 19.97
C LYS B 362 -3.29 37.22 18.90
N ILE B 363 -3.77 38.39 19.33
CA ILE B 363 -4.15 39.47 18.43
C ILE B 363 -3.51 40.76 18.93
N SER B 364 -2.96 41.54 18.00
CA SER B 364 -2.31 42.80 18.36
C SER B 364 -3.32 43.95 18.30
N LYS B 365 -2.84 45.18 18.48
CA LYS B 365 -3.72 46.33 18.56
C LYS B 365 -4.24 46.73 17.18
N GLU B 366 -3.34 47.05 16.25
CA GLU B 366 -3.74 47.35 14.88
C GLU B 366 -4.37 46.15 14.19
N GLU B 367 -4.08 44.93 14.67
CA GLU B 367 -4.74 43.76 14.13
C GLU B 367 -6.24 43.80 14.36
N PHE B 368 -6.72 44.55 15.35
CA PHE B 368 -8.16 44.70 15.52
C PHE B 368 -8.79 45.32 14.28
N GLY B 369 -8.24 46.47 13.84
CA GLY B 369 -8.74 47.10 12.64
C GLY B 369 -8.47 46.28 11.40
N LEU B 370 -7.32 45.60 11.36
CA LEU B 370 -7.01 44.76 10.20
C LEU B 370 -8.01 43.63 10.05
N ILE B 371 -8.36 42.97 11.15
CA ILE B 371 -9.34 41.89 11.14
C ILE B 371 -10.72 42.43 10.79
N PHE B 372 -11.09 43.59 11.34
CA PHE B 372 -12.38 44.15 11.00
C PHE B 372 -12.47 44.47 9.50
N ASP B 373 -11.40 45.02 8.94
CA ASP B 373 -11.37 45.33 7.51
C ASP B 373 -11.44 44.05 6.67
N GLU B 374 -10.70 43.02 7.08
CA GLU B 374 -10.74 41.75 6.34
C GLU B 374 -12.12 41.11 6.41
N LEU B 375 -12.79 41.18 7.55
CA LEU B 375 -14.08 40.52 7.71
C LEU B 375 -15.11 41.10 6.75
N ASP B 376 -15.04 42.40 6.49
CA ASP B 376 -16.01 43.04 5.62
C ASP B 376 -15.87 42.58 4.18
N ASP B 377 -16.90 41.91 3.67
CA ASP B 377 -16.92 41.45 2.29
C ASP B 377 -17.73 42.36 1.37
N THR B 378 -18.88 42.85 1.84
CA THR B 378 -19.70 43.77 1.07
C THR B 378 -19.15 45.19 1.08
N ARG B 379 -18.12 45.46 1.89
CA ARG B 379 -17.43 46.75 1.94
C ARG B 379 -18.41 47.88 2.29
N ASP B 380 -18.95 47.78 3.51
CA ASP B 380 -19.88 48.77 4.02
C ASP B 380 -19.56 49.19 5.45
N PHE B 381 -18.32 48.99 5.90
CA PHE B 381 -17.89 49.36 7.25
C PHE B 381 -18.75 48.70 8.33
N LYS B 382 -19.28 47.52 8.04
CA LYS B 382 -20.15 46.82 8.97
C LYS B 382 -20.13 45.33 8.64
N ILE B 383 -20.51 44.52 9.62
CA ILE B 383 -20.45 43.06 9.49
C ILE B 383 -21.86 42.49 9.60
N ASN B 384 -22.23 41.67 8.63
CA ASN B 384 -23.55 41.07 8.56
C ASN B 384 -23.62 39.83 9.44
N LYS B 385 -24.86 39.35 9.65
CA LYS B 385 -25.08 38.14 10.43
C LYS B 385 -24.38 36.94 9.81
N ASP B 386 -24.61 36.71 8.52
CA ASP B 386 -23.90 35.66 7.81
C ASP B 386 -22.44 35.98 7.60
N GLU B 387 -22.12 37.26 7.38
CA GLU B 387 -20.75 37.69 7.18
C GLU B 387 -19.91 37.51 8.45
N PHE B 388 -20.56 37.53 9.63
CA PHE B 388 -19.87 37.29 10.88
C PHE B 388 -19.59 35.82 11.12
N ALA B 389 -20.24 34.93 10.37
CA ALA B 389 -20.04 33.49 10.55
C ALA B 389 -18.65 33.02 10.14
N ASP B 390 -17.76 33.93 9.74
CA ASP B 390 -16.40 33.60 9.34
C ASP B 390 -15.36 34.26 10.24
N LEU B 391 -15.61 34.23 11.56
CA LEU B 391 -14.70 34.85 12.53
C LEU B 391 -13.54 33.93 12.89
N CYS B 392 -13.83 32.67 13.15
CA CYS B 392 -12.79 31.73 13.59
C CYS B 392 -11.70 31.59 12.54
N GLN B 393 -12.09 31.49 11.27
CA GLN B 393 -11.10 31.41 10.20
C GLN B 393 -10.35 32.73 10.05
N ALA B 394 -11.05 33.85 10.27
CA ALA B 394 -10.45 35.15 9.98
C ALA B 394 -9.42 35.56 11.01
N ILE B 395 -9.64 35.23 12.29
CA ILE B 395 -8.78 35.76 13.36
C ILE B 395 -7.34 35.27 13.19
N ALA B 396 -7.16 33.99 12.89
CA ALA B 396 -5.82 33.42 12.72
C ALA B 396 -5.47 33.32 11.24
N LEU B 397 -5.39 34.48 10.58
CA LEU B 397 -5.13 34.51 9.15
C LEU B 397 -4.16 35.59 8.68
N ARG B 398 -3.72 36.50 9.54
CA ARG B 398 -2.96 37.65 9.06
C ARG B 398 -1.48 37.31 8.89
N PHE B 399 -0.79 37.04 10.00
CA PHE B 399 0.62 36.66 10.02
C PHE B 399 1.46 37.56 9.10
N GLN B 400 1.32 38.87 9.30
CA GLN B 400 2.02 39.83 8.46
C GLN B 400 2.29 41.10 9.26
N LYS B 401 3.33 41.81 8.85
CA LYS B 401 3.76 43.06 9.49
C LYS B 401 3.94 42.89 10.99
N PRO B 405 10.35 49.14 10.58
CA PRO B 405 9.76 48.19 11.53
C PRO B 405 10.83 47.48 12.36
N SER B 406 12.09 47.80 12.11
CA SER B 406 13.21 47.22 12.85
C SER B 406 13.73 48.20 13.89
N LEU B 407 14.57 47.69 14.79
CA LEU B 407 15.15 48.52 15.83
C LEU B 407 16.52 49.07 15.43
N PHE B 408 17.04 48.72 14.26
CA PHE B 408 18.34 49.17 13.80
C PHE B 408 18.31 50.57 13.22
N GLU B 409 17.14 51.17 13.09
CA GLU B 409 16.97 52.49 12.50
C GLU B 409 17.02 53.61 13.53
N HIS B 410 17.34 53.27 14.79
CA HIS B 410 17.50 54.30 15.81
C HIS B 410 18.64 55.25 15.47
N PHE B 411 19.75 54.71 14.96
CA PHE B 411 20.88 55.52 14.55
C PHE B 411 20.96 55.53 13.03
N PRO B 412 20.56 56.62 12.37
CA PRO B 412 20.60 56.65 10.90
C PRO B 412 21.97 56.95 10.32
N GLN B 413 22.94 57.35 11.13
CA GLN B 413 24.28 57.64 10.66
C GLN B 413 25.07 56.38 10.33
N ILE B 414 24.62 55.22 10.82
CA ILE B 414 25.30 53.95 10.59
C ILE B 414 24.55 53.10 9.58
N TYR B 415 23.22 53.03 9.71
CA TYR B 415 22.43 52.22 8.79
C TYR B 415 22.54 52.73 7.37
N HIS B 416 22.46 54.04 7.17
CA HIS B 416 22.50 54.64 5.84
C HIS B 416 23.93 55.10 5.57
N SER B 417 24.74 54.21 5.03
CA SER B 417 26.13 54.51 4.68
C SER B 417 26.49 53.79 3.40
N ALA B 418 27.52 54.29 2.72
CA ALA B 418 27.92 53.73 1.43
C ALA B 418 28.31 52.27 1.56
N LEU B 419 29.19 51.95 2.53
CA LEU B 419 29.53 50.57 2.77
C LEU B 419 28.32 49.77 3.26
N SER B 420 27.50 50.38 4.13
CA SER B 420 26.29 49.70 4.59
C SER B 420 25.33 49.46 3.43
N GLN B 421 25.16 50.44 2.56
CA GLN B 421 24.27 50.27 1.42
C GLN B 421 24.78 49.20 0.47
N GLN B 422 26.08 49.17 0.21
CA GLN B 422 26.62 48.13 -0.66
C GLN B 422 26.46 46.75 -0.04
N LEU B 423 26.68 46.62 1.28
CA LEU B 423 26.44 45.34 1.94
C LEU B 423 24.98 44.94 1.88
N ARG B 424 24.07 45.90 2.06
CA ARG B 424 22.65 45.60 1.95
C ARG B 424 22.29 45.17 0.53
N ALA B 425 22.90 45.78 -0.48
CA ALA B 425 22.70 45.30 -1.85
C ALA B 425 23.20 43.86 -2.00
N PHE B 426 24.35 43.55 -1.39
CA PHE B 426 24.89 42.19 -1.48
C PHE B 426 24.00 41.17 -0.82
N VAL B 427 23.42 41.49 0.34
CA VAL B 427 22.72 40.47 1.12
C VAL B 427 21.47 39.98 0.39
N ARG B 428 20.71 40.88 -0.28
CA ARG B 428 19.60 40.38 -1.09
C ARG B 428 20.02 39.96 -2.49
N SER B 429 21.29 40.13 -2.86
CA SER B 429 21.72 39.69 -4.18
C SER B 429 21.60 38.17 -4.29
N PRO B 430 21.18 37.67 -5.45
CA PRO B 430 21.00 36.21 -5.59
C PRO B 430 22.30 35.43 -5.46
N ASN B 431 23.45 36.08 -5.66
CA ASN B 431 24.73 35.42 -5.49
C ASN B 431 25.09 35.19 -4.02
N PHE B 432 24.35 35.81 -3.10
CA PHE B 432 24.58 35.52 -1.68
C PHE B 432 24.27 34.07 -1.36
N GLY B 433 23.17 33.55 -1.90
CA GLY B 433 22.89 32.13 -1.76
C GLY B 433 23.93 31.27 -2.44
N TYR B 434 24.47 31.73 -3.55
CA TYR B 434 25.55 31.00 -4.23
C TYR B 434 26.77 30.89 -3.32
N ALA B 435 27.14 32.00 -2.68
CA ALA B 435 28.28 32.00 -1.77
C ALA B 435 28.02 31.11 -0.57
N ILE B 436 26.80 31.15 -0.04
CA ILE B 436 26.46 30.28 1.08
C ILE B 436 26.56 28.81 0.68
N SER B 437 26.09 28.48 -0.53
CA SER B 437 26.18 27.11 -1.01
C SER B 437 27.63 26.69 -1.20
N PHE B 438 28.48 27.59 -1.70
CA PHE B 438 29.90 27.28 -1.83
C PHE B 438 30.53 27.00 -0.47
N ILE B 439 30.22 27.83 0.53
CA ILE B 439 30.76 27.61 1.86
C ILE B 439 30.25 26.29 2.43
N LEU B 440 28.98 25.96 2.17
CA LEU B 440 28.44 24.69 2.60
C LEU B 440 29.14 23.50 1.94
N ILE B 441 29.49 23.63 0.66
CA ILE B 441 30.20 22.54 -0.02
C ILE B 441 31.61 22.39 0.55
N ILE B 442 32.28 23.50 0.84
CA ILE B 442 33.60 23.40 1.47
C ILE B 442 33.49 22.75 2.84
N ASN B 443 32.46 23.12 3.59
CA ASN B 443 32.21 22.48 4.88
C ASN B 443 31.94 21.00 4.70
N PHE B 444 31.22 20.63 3.64
CA PHE B 444 30.99 19.22 3.34
C PHE B 444 32.29 18.49 3.11
N ILE B 445 33.20 19.07 2.32
CA ILE B 445 34.48 18.43 2.07
C ILE B 445 35.26 18.28 3.37
N ALA B 446 35.25 19.32 4.21
CA ALA B 446 35.95 19.24 5.49
C ALA B 446 35.38 18.15 6.38
N VAL B 447 34.06 18.04 6.45
CA VAL B 447 33.44 17.03 7.31
C VAL B 447 33.72 15.63 6.77
N VAL B 448 33.68 15.45 5.45
CA VAL B 448 33.94 14.14 4.89
C VAL B 448 35.38 13.72 5.15
N VAL B 449 36.34 14.64 4.95
CA VAL B 449 37.72 14.25 5.22
C VAL B 449 37.95 14.03 6.71
N GLU B 450 37.25 14.78 7.56
CA GLU B 450 37.38 14.57 9.00
C GLU B 450 36.85 13.20 9.41
N THR B 451 35.69 12.81 8.87
CA THR B 451 35.14 11.48 9.14
C THR B 451 35.98 10.38 8.52
N THR B 452 36.75 10.69 7.48
CA THR B 452 37.66 9.69 6.91
C THR B 452 38.67 9.23 7.95
N LEU B 453 39.25 10.15 8.69
CA LEU B 453 40.17 9.83 9.78
C LEU B 453 39.44 9.77 11.12
N ALA B 454 38.36 8.98 11.17
CA ALA B 454 37.62 8.81 12.40
C ALA B 454 38.26 7.79 13.33
N ILE B 455 39.26 7.04 12.86
CA ILE B 455 39.97 6.07 13.68
C ILE B 455 41.14 6.69 14.43
N GLU B 456 41.82 7.67 13.84
CA GLU B 456 43.00 8.25 14.44
C GLU B 456 42.63 9.09 15.67
N GLU B 457 43.57 9.20 16.60
CA GLU B 457 43.33 9.79 17.90
C GLU B 457 43.21 11.31 17.73
N SER B 458 42.88 12.03 18.81
CA SER B 458 42.66 13.46 18.74
C SER B 458 43.97 14.26 18.61
N SER B 459 45.11 13.59 18.42
CA SER B 459 46.36 14.31 18.23
C SER B 459 46.34 15.14 16.96
N ALA B 460 45.86 14.57 15.86
CA ALA B 460 45.75 15.27 14.59
C ALA B 460 44.37 15.87 14.36
N GLN B 461 43.48 15.78 15.33
CA GLN B 461 42.12 16.28 15.16
C GLN B 461 42.00 17.77 15.45
N LYS B 462 43.01 18.36 16.11
CA LYS B 462 42.92 19.79 16.45
C LYS B 462 42.91 20.72 15.25
N PRO B 463 43.67 20.51 14.16
CA PRO B 463 43.52 21.42 13.01
C PRO B 463 42.13 21.40 12.42
N TRP B 464 41.53 20.20 12.31
CA TRP B 464 40.16 20.12 11.83
C TRP B 464 39.18 20.76 12.81
N GLN B 465 39.41 20.59 14.12
CA GLN B 465 38.53 21.22 15.10
C GLN B 465 38.59 22.74 14.98
N VAL B 466 39.79 23.29 14.76
CA VAL B 466 39.93 24.73 14.57
C VAL B 466 39.24 25.17 13.29
N ALA B 467 39.39 24.39 12.22
CA ALA B 467 38.72 24.74 10.96
C ALA B 467 37.21 24.75 11.13
N GLU B 468 36.66 23.77 11.85
CA GLU B 468 35.22 23.74 12.07
C GLU B 468 34.77 24.85 13.01
N PHE B 469 35.63 25.25 13.95
CA PHE B 469 35.38 26.46 14.73
C PHE B 469 35.25 27.66 13.80
N VAL B 470 36.15 27.78 12.84
CA VAL B 470 36.09 28.88 11.88
C VAL B 470 34.78 28.82 11.09
N PHE B 471 34.41 27.64 10.62
CA PHE B 471 33.18 27.49 9.84
C PHE B 471 31.95 27.85 10.67
N GLY B 472 31.90 27.39 11.91
CA GLY B 472 30.78 27.71 12.76
C GLY B 472 30.67 29.20 13.04
N TRP B 473 31.81 29.86 13.25
CA TRP B 473 31.77 31.29 13.51
C TRP B 473 31.41 32.07 12.25
N ILE B 474 31.80 31.57 11.07
CA ILE B 474 31.34 32.21 9.83
C ILE B 474 29.84 32.05 9.67
N TYR B 475 29.28 30.90 10.04
CA TYR B 475 27.83 30.75 10.00
C TYR B 475 27.15 31.67 11.00
N VAL B 476 27.77 31.87 12.17
CA VAL B 476 27.25 32.84 13.13
C VAL B 476 27.28 34.25 12.54
N LEU B 477 28.36 34.59 11.85
CA LEU B 477 28.44 35.88 11.17
C LEU B 477 27.33 36.00 10.12
N GLU B 478 27.06 34.90 9.40
CA GLU B 478 26.00 34.89 8.40
C GLU B 478 24.65 35.19 9.03
N MET B 479 24.30 34.47 10.09
CA MET B 479 23.01 34.68 10.73
C MET B 479 22.91 36.06 11.37
N ALA B 480 24.01 36.54 11.98
CA ALA B 480 24.01 37.87 12.56
C ALA B 480 23.80 38.94 11.49
N LEU B 481 24.46 38.78 10.34
CA LEU B 481 24.27 39.72 9.24
C LEU B 481 22.85 39.65 8.70
N LYS B 482 22.26 38.46 8.65
CA LYS B 482 20.88 38.34 8.19
C LYS B 482 19.93 39.06 9.14
N ILE B 483 20.16 38.93 10.44
CA ILE B 483 19.36 39.68 11.42
C ILE B 483 19.59 41.17 11.22
N TYR B 484 20.84 41.57 11.00
CA TYR B 484 21.19 42.98 10.88
C TYR B 484 20.59 43.59 9.61
N THR B 485 20.27 42.74 8.63
CA THR B 485 19.59 43.22 7.43
C THR B 485 18.07 43.18 7.59
N TYR B 486 17.52 42.00 7.83
CA TYR B 486 16.08 41.82 7.89
C TYR B 486 15.43 42.45 9.13
N GLY B 487 16.22 42.88 10.09
CA GLY B 487 15.68 43.39 11.34
C GLY B 487 15.46 42.28 12.35
N PHE B 488 14.77 42.63 13.43
CA PHE B 488 14.55 41.69 14.52
C PHE B 488 13.20 41.00 14.40
N GLU B 489 12.12 41.77 14.37
CA GLU B 489 10.78 41.19 14.32
C GLU B 489 10.53 40.45 13.01
N ASN B 490 10.97 41.03 11.89
CA ASN B 490 10.85 40.33 10.62
C ASN B 490 11.63 39.03 10.63
N TYR B 491 12.76 39.01 11.36
CA TYR B 491 13.54 37.79 11.50
C TYR B 491 12.81 36.75 12.34
N TRP B 492 11.95 37.21 13.25
CA TRP B 492 11.26 36.34 14.21
C TRP B 492 9.87 35.91 13.77
N ARG B 493 9.30 36.51 12.72
CA ARG B 493 7.95 36.12 12.31
C ARG B 493 7.89 34.67 11.87
N GLU B 494 8.75 34.26 10.95
CA GLU B 494 8.67 32.89 10.46
C GLU B 494 9.36 31.92 11.42
N GLY B 495 8.84 30.70 11.46
CA GLY B 495 9.31 29.71 12.41
C GLY B 495 10.58 28.99 12.00
N ALA B 496 10.76 28.77 10.69
CA ALA B 496 11.97 28.12 10.21
C ALA B 496 13.20 28.96 10.53
N ASN B 497 13.06 30.29 10.46
CA ASN B 497 14.17 31.15 10.85
C ASN B 497 14.49 31.01 12.32
N ARG B 498 13.46 30.85 13.17
CA ARG B 498 13.69 30.60 14.58
C ARG B 498 14.39 29.27 14.81
N PHE B 499 14.02 28.24 14.04
CA PHE B 499 14.70 26.95 14.14
C PHE B 499 16.17 27.08 13.74
N ASP B 500 16.44 27.82 12.66
CA ASP B 500 17.82 28.07 12.26
C ASP B 500 18.59 28.83 13.34
N PHE B 501 17.92 29.82 13.94
CA PHE B 501 18.47 30.57 15.05
C PHE B 501 18.92 29.62 16.17
N LEU B 502 18.02 28.74 16.59
CA LEU B 502 18.30 27.83 17.68
C LEU B 502 19.43 26.86 17.34
N VAL B 503 19.40 26.29 16.13
CA VAL B 503 20.42 25.31 15.80
C VAL B 503 21.79 25.98 15.69
N THR B 504 21.83 27.20 15.13
CA THR B 504 23.11 27.90 15.04
C THR B 504 23.68 28.19 16.43
N TRP B 505 22.85 28.69 17.35
CA TRP B 505 23.36 28.94 18.69
C TRP B 505 23.80 27.67 19.40
N VAL B 506 23.02 26.59 19.31
CA VAL B 506 23.41 25.39 20.06
C VAL B 506 24.70 24.83 19.51
N ILE B 507 24.86 24.79 18.18
CA ILE B 507 26.09 24.22 17.62
C ILE B 507 27.28 25.11 17.92
N VAL B 508 27.11 26.43 17.88
CA VAL B 508 28.27 27.29 18.13
C VAL B 508 28.67 27.24 19.61
N ILE B 509 27.70 27.17 20.53
CA ILE B 509 28.07 27.09 21.93
C ILE B 509 28.73 25.74 22.23
N GLY B 510 28.27 24.68 21.56
CA GLY B 510 28.95 23.40 21.71
C GLY B 510 30.38 23.43 21.22
N GLU B 511 30.62 24.04 20.05
CA GLU B 511 31.97 24.09 19.52
C GLU B 511 32.87 24.98 20.39
N THR B 512 32.32 26.08 20.92
CA THR B 512 33.10 26.91 21.83
C THR B 512 33.44 26.18 23.12
N ALA B 513 32.49 25.43 23.67
CA ALA B 513 32.77 24.65 24.87
C ALA B 513 33.86 23.63 24.60
N THR B 514 33.83 23.01 23.42
CA THR B 514 34.89 22.07 23.05
C THR B 514 36.24 22.76 22.93
N PHE B 515 36.27 23.95 22.31
CA PHE B 515 37.54 24.58 21.98
C PHE B 515 38.20 25.21 23.21
N ILE B 516 37.44 25.93 24.03
CA ILE B 516 38.04 26.77 25.06
C ILE B 516 38.47 25.93 26.25
N THR B 517 38.31 24.62 26.15
CA THR B 517 38.68 23.68 27.21
C THR B 517 39.58 22.61 26.60
N PRO B 518 40.83 22.97 26.26
CA PRO B 518 41.71 22.02 25.58
C PRO B 518 42.20 20.89 26.47
N ASP B 519 42.14 21.03 27.78
CA ASP B 519 42.60 19.97 28.67
C ASP B 519 41.57 18.84 28.74
N GLU B 520 42.03 17.67 29.16
CA GLU B 520 41.16 16.52 29.27
C GLU B 520 40.13 16.72 30.37
N ASN B 521 38.87 16.43 30.06
CA ASN B 521 37.78 16.50 31.02
C ASN B 521 36.73 15.47 30.64
N THR B 522 35.91 15.10 31.62
CA THR B 522 34.90 14.07 31.42
C THR B 522 33.67 14.59 30.69
N PHE B 523 33.59 15.90 30.44
CA PHE B 523 32.49 16.47 29.67
C PHE B 523 32.91 17.04 28.33
N PHE B 524 34.20 17.06 28.00
CA PHE B 524 34.66 17.64 26.75
C PHE B 524 35.65 16.76 25.99
N SER B 525 36.38 15.89 26.67
CA SER B 525 37.28 14.96 26.01
C SER B 525 36.62 13.61 25.74
N ASN B 526 35.36 13.43 26.11
CA ASN B 526 34.67 12.19 25.84
C ASN B 526 34.28 12.10 24.37
N GLY B 527 34.30 10.86 23.84
CA GLY B 527 33.98 10.66 22.44
C GLY B 527 32.52 10.94 22.11
N ALA B 528 31.63 10.84 23.10
CA ALA B 528 30.22 11.11 22.85
C ALA B 528 30.00 12.55 22.44
N TRP B 529 30.71 13.48 23.09
CA TRP B 529 30.60 14.89 22.71
C TRP B 529 31.09 15.11 21.29
N ILE B 530 32.19 14.45 20.92
CA ILE B 530 32.72 14.57 19.56
C ILE B 530 31.72 14.04 18.56
N ARG B 531 31.10 12.89 18.86
CA ARG B 531 30.09 12.34 17.96
C ARG B 531 28.91 13.29 17.82
N TYR B 532 28.48 13.90 18.92
CA TYR B 532 27.40 14.87 18.85
C TYR B 532 27.78 16.05 17.95
N LEU B 533 29.02 16.50 18.07
CA LEU B 533 29.50 17.59 17.21
C LEU B 533 29.47 17.18 15.74
N LEU B 534 29.92 15.95 15.44
CA LEU B 534 29.86 15.45 14.08
C LEU B 534 28.43 15.45 13.55
N LEU B 535 27.48 14.95 14.35
CA LEU B 535 26.09 14.93 13.91
C LEU B 535 25.56 16.34 13.70
N ALA B 536 26.00 17.30 14.52
CA ALA B 536 25.58 18.68 14.30
C ALA B 536 26.04 19.18 12.94
N ARG B 537 27.31 18.95 12.59
CA ARG B 537 27.77 19.34 11.27
C ARG B 537 27.02 18.59 10.16
N MET B 538 26.67 17.33 10.38
CA MET B 538 25.95 16.58 9.35
C MET B 538 24.54 17.15 9.13
N LEU B 539 23.86 17.58 10.19
CA LEU B 539 22.59 18.27 10.00
C LEU B 539 22.80 19.59 9.24
N ARG B 540 23.85 20.33 9.60
CA ARG B 540 24.13 21.57 8.90
C ARG B 540 24.40 21.31 7.42
N LEU B 541 24.96 20.14 7.09
CA LEU B 541 25.15 19.75 5.70
C LEU B 541 23.85 19.29 5.04
N ILE B 542 22.95 18.66 5.79
CA ILE B 542 21.61 18.41 5.27
C ILE B 542 20.97 19.70 4.81
N ARG B 543 21.23 20.80 5.50
CA ARG B 543 20.66 22.07 5.10
C ARG B 543 20.79 22.26 3.60
N LEU B 544 21.89 21.76 3.03
CA LEU B 544 22.12 21.90 1.59
C LEU B 544 21.01 21.33 0.73
N LEU B 545 20.35 20.26 1.17
CA LEU B 545 19.43 19.53 0.30
C LEU B 545 18.22 20.36 -0.11
N MET B 546 17.98 21.50 0.55
CA MET B 546 16.87 22.36 0.16
C MET B 546 17.13 23.12 -1.13
N ASN B 547 18.35 23.02 -1.69
CA ASN B 547 18.63 23.69 -2.95
C ASN B 547 17.79 23.13 -4.09
N VAL B 548 17.61 21.81 -4.14
CA VAL B 548 16.82 21.18 -5.20
C VAL B 548 15.35 21.42 -4.91
N GLN B 549 14.66 22.08 -5.85
CA GLN B 549 13.28 22.48 -5.62
C GLN B 549 12.37 21.26 -5.46
N ARG B 550 12.56 20.25 -6.31
CA ARG B 550 11.68 19.08 -6.27
C ARG B 550 11.82 18.30 -4.98
N TYR B 551 13.04 18.16 -4.45
CA TYR B 551 13.22 17.51 -3.17
C TYR B 551 12.71 18.37 -2.03
N ARG B 552 12.93 19.68 -2.11
CA ARG B 552 12.45 20.59 -1.07
C ARG B 552 10.93 20.51 -0.95
N ALA B 553 10.24 20.36 -2.07
CA ALA B 553 8.79 20.22 -2.02
C ALA B 553 8.38 18.98 -1.24
N PHE B 554 9.04 17.85 -1.47
CA PHE B 554 8.67 16.62 -0.78
C PHE B 554 8.99 16.71 0.71
N ILE B 555 10.14 17.27 1.07
CA ILE B 555 10.45 17.43 2.49
C ILE B 555 9.45 18.36 3.16
N ALA B 556 9.05 19.44 2.47
CA ALA B 556 8.06 20.33 3.03
C ALA B 556 6.72 19.62 3.21
N THR B 557 6.34 18.78 2.25
CA THR B 557 5.09 18.03 2.37
C THR B 557 5.13 17.09 3.58
N PHE B 558 6.24 16.40 3.77
CA PHE B 558 6.37 15.53 4.93
C PHE B 558 6.28 16.32 6.24
N ILE B 559 7.02 17.43 6.31
CA ILE B 559 7.05 18.23 7.54
C ILE B 559 5.66 18.77 7.87
N THR B 560 4.94 19.25 6.85
CA THR B 560 3.58 19.70 7.06
C THR B 560 2.63 18.55 7.41
N LEU B 561 2.90 17.35 6.92
CA LEU B 561 2.04 16.21 7.21
C LEU B 561 2.16 15.74 8.66
N ILE B 562 3.37 15.82 9.24
CA ILE B 562 3.56 15.26 10.59
C ILE B 562 2.59 15.80 11.62
N PRO B 563 2.36 17.12 11.74
CA PRO B 563 1.39 17.57 12.76
C PRO B 563 0.00 17.00 12.57
N SER B 564 -0.44 16.85 11.31
CA SER B 564 -1.79 16.36 11.05
C SER B 564 -1.94 14.88 11.33
N LEU B 565 -0.85 14.13 11.40
CA LEU B 565 -0.88 12.70 11.68
C LEU B 565 -0.75 12.39 13.16
N MET B 566 -0.66 13.41 14.01
CA MET B 566 -0.38 13.19 15.43
C MET B 566 -1.49 12.46 16.16
N PRO B 567 -2.77 12.81 16.03
CA PRO B 567 -3.80 12.09 16.79
C PRO B 567 -3.86 10.60 16.52
N TYR B 568 -3.67 10.17 15.28
CA TYR B 568 -3.72 8.74 14.98
C TYR B 568 -2.50 8.02 15.55
N LEU B 569 -1.33 8.65 15.47
CA LEU B 569 -0.15 8.07 16.11
C LEU B 569 -0.33 7.97 17.62
N GLY B 570 -1.00 8.95 18.22
CA GLY B 570 -1.29 8.89 19.64
C GLY B 570 -2.26 7.77 19.99
N THR B 571 -3.27 7.57 19.14
CA THR B 571 -4.20 6.46 19.35
C THR B 571 -3.47 5.12 19.24
N ILE B 572 -2.59 4.99 18.26
CA ILE B 572 -1.78 3.77 18.14
C ILE B 572 -0.91 3.58 19.37
N PHE B 573 -0.34 4.68 19.88
CA PHE B 573 0.48 4.60 21.07
C PHE B 573 -0.33 4.12 22.27
N CYS B 574 -1.55 4.63 22.43
CA CYS B 574 -2.39 4.19 23.54
C CYS B 574 -2.79 2.73 23.40
N VAL B 575 -3.07 2.28 22.17
CA VAL B 575 -3.39 0.88 21.94
C VAL B 575 -2.20 0.00 22.29
N LEU B 576 -0.99 0.44 21.91
CA LEU B 576 0.21 -0.29 22.31
C LEU B 576 0.38 -0.30 23.82
N CYS B 577 0.02 0.79 24.49
CA CYS B 577 0.08 0.80 25.95
C CYS B 577 -0.86 -0.23 26.56
N ILE B 578 -2.08 -0.29 26.07
CA ILE B 578 -3.05 -1.27 26.57
C ILE B 578 -2.54 -2.68 26.33
N TYR B 579 -2.03 -2.95 25.13
CA TYR B 579 -1.55 -4.29 24.83
C TYR B 579 -0.31 -4.64 25.63
N CYS B 580 0.53 -3.65 25.94
CA CYS B 580 1.68 -3.92 26.79
C CYS B 580 1.24 -4.27 28.21
N SER B 581 0.24 -3.56 28.73
CA SER B 581 -0.29 -3.92 30.04
C SER B 581 -0.82 -5.34 30.03
N ILE B 582 -1.60 -5.69 29.00
CA ILE B 582 -2.14 -7.04 28.90
C ILE B 582 -1.03 -8.07 28.81
N GLY B 583 -0.03 -7.82 27.98
CA GLY B 583 1.04 -8.79 27.79
C GLY B 583 1.88 -9.00 29.03
N VAL B 584 2.16 -7.93 29.76
CA VAL B 584 2.86 -8.08 31.04
C VAL B 584 1.99 -8.83 32.02
N GLN B 585 0.67 -8.61 31.98
CA GLN B 585 -0.23 -9.32 32.88
C GLN B 585 -0.25 -10.82 32.62
N VAL B 586 -0.31 -11.24 31.36
CA VAL B 586 -0.54 -12.64 31.02
C VAL B 586 0.75 -13.37 30.67
N PHE B 587 1.64 -12.74 29.91
CA PHE B 587 2.90 -13.35 29.49
C PHE B 587 4.06 -12.88 30.34
N GLY B 588 3.81 -12.63 31.63
CA GLY B 588 4.71 -11.88 32.48
C GLY B 588 6.18 -12.30 32.48
N GLY B 589 6.48 -13.45 33.04
CA GLY B 589 7.87 -13.84 33.18
C GLY B 589 8.18 -15.21 32.62
N LEU B 590 7.53 -15.57 31.53
CA LEU B 590 7.74 -16.88 30.92
C LEU B 590 9.06 -16.98 30.18
N VAL B 591 9.70 -15.86 29.86
CA VAL B 591 10.99 -15.84 29.20
C VAL B 591 12.04 -15.53 30.26
N ASN B 592 12.91 -16.49 30.51
CA ASN B 592 13.96 -16.38 31.52
C ASN B 592 15.29 -16.82 30.92
N ALA B 593 16.31 -16.89 31.76
CA ALA B 593 17.54 -17.56 31.40
C ALA B 593 17.60 -18.99 31.91
N GLY B 594 16.61 -19.41 32.70
CA GLY B 594 16.60 -20.74 33.27
C GLY B 594 15.41 -21.57 32.81
N ASN B 595 14.61 -21.02 31.91
CA ASN B 595 13.49 -21.77 31.35
C ASN B 595 14.00 -22.92 30.49
N LYS B 596 13.25 -24.01 30.48
CA LYS B 596 13.62 -25.19 29.70
C LYS B 596 12.92 -25.22 28.34
N LYS B 597 11.62 -24.98 28.32
CA LYS B 597 10.85 -25.08 27.08
C LYS B 597 10.95 -23.83 26.22
N LEU B 598 11.64 -22.80 26.70
CA LEU B 598 11.82 -21.58 25.90
C LEU B 598 12.88 -21.78 24.82
N PHE B 599 13.91 -22.57 25.12
CA PHE B 599 15.02 -22.76 24.18
C PHE B 599 14.67 -23.68 23.02
N GLU B 600 13.51 -24.34 23.06
CA GLU B 600 13.00 -25.11 21.93
C GLU B 600 12.05 -24.30 21.07
N THR B 601 11.87 -23.02 21.35
CA THR B 601 10.97 -22.16 20.60
C THR B 601 11.73 -21.38 19.54
N GLU B 602 10.98 -20.69 18.69
CA GLU B 602 11.58 -19.87 17.66
C GLU B 602 12.25 -18.62 18.23
N LEU B 603 11.77 -18.12 19.37
CA LEU B 603 12.27 -16.86 19.89
C LEU B 603 13.75 -16.95 20.26
N ALA B 604 14.15 -18.04 20.92
CA ALA B 604 15.54 -18.16 21.36
C ALA B 604 16.47 -18.47 20.21
N GLU B 605 16.01 -19.29 19.25
CA GLU B 605 16.85 -19.68 18.14
C GLU B 605 17.18 -18.49 17.25
N ASP B 606 16.22 -17.59 17.04
CA ASP B 606 16.43 -16.39 16.25
C ASP B 606 17.14 -15.29 17.03
N ASP B 607 17.35 -15.49 18.33
CA ASP B 607 18.07 -14.53 19.18
C ASP B 607 17.28 -13.24 19.36
N TYR B 608 15.97 -13.37 19.62
CA TYR B 608 15.11 -12.24 19.89
C TYR B 608 14.73 -12.14 21.36
N LEU B 609 15.44 -12.84 22.24
CA LEU B 609 15.02 -12.96 23.63
C LEU B 609 14.98 -11.61 24.34
N LEU B 610 15.69 -10.62 23.81
CA LEU B 610 15.59 -9.27 24.34
C LEU B 610 14.34 -8.55 23.86
N PHE B 611 13.58 -9.17 22.97
CA PHE B 611 12.29 -8.63 22.52
C PHE B 611 11.21 -9.51 23.14
N ASN B 612 10.75 -9.10 24.33
CA ASN B 612 9.80 -9.88 25.11
C ASN B 612 8.81 -8.98 25.84
N PHE B 613 8.00 -9.55 26.74
CA PHE B 613 6.96 -8.80 27.44
C PHE B 613 7.19 -8.73 28.95
N ASN B 614 8.44 -8.89 29.38
CA ASN B 614 8.73 -8.84 30.81
C ASN B 614 8.53 -7.44 31.37
N ASP B 615 9.11 -6.43 30.72
CA ASP B 615 9.01 -5.04 31.14
C ASP B 615 7.85 -4.36 30.44
N TYR B 616 7.71 -3.08 30.71
CA TYR B 616 6.89 -2.21 29.89
C TYR B 616 7.66 -1.72 28.68
N PRO B 617 8.91 -1.23 28.81
CA PRO B 617 9.66 -0.88 27.59
C PRO B 617 9.92 -2.05 26.67
N ASN B 618 10.12 -3.25 27.24
CA ASN B 618 10.30 -4.44 26.42
C ASN B 618 9.05 -4.71 25.59
N GLY B 619 7.87 -4.53 26.20
CA GLY B 619 6.64 -4.61 25.43
C GLY B 619 6.53 -3.51 24.40
N MET B 620 7.00 -2.30 24.73
CA MET B 620 6.97 -1.20 23.77
C MET B 620 7.77 -1.52 22.52
N VAL B 621 8.92 -2.16 22.67
CA VAL B 621 9.69 -2.53 21.48
C VAL B 621 9.19 -3.80 20.80
N THR B 622 8.69 -4.77 21.56
CA THR B 622 8.17 -6.00 20.95
C THR B 622 6.94 -5.70 20.11
N LEU B 623 6.06 -4.83 20.60
CA LEU B 623 4.89 -4.46 19.81
C LEU B 623 5.29 -3.63 18.60
N PHE B 624 6.43 -2.96 18.64
CA PHE B 624 6.92 -2.29 17.44
C PHE B 624 7.42 -3.30 16.41
N ASN B 625 8.11 -4.34 16.87
CA ASN B 625 8.56 -5.36 15.94
C ASN B 625 7.39 -6.13 15.32
N LEU B 626 6.38 -6.44 16.12
CA LEU B 626 5.15 -6.99 15.54
C LEU B 626 4.39 -5.94 14.73
N LEU B 627 4.69 -4.67 14.93
CA LEU B 627 3.95 -3.60 14.26
C LEU B 627 4.31 -3.54 12.79
N VAL B 628 5.42 -4.17 12.40
CA VAL B 628 5.90 -4.08 11.02
C VAL B 628 5.76 -5.37 10.22
N MET B 629 5.26 -6.45 10.83
CA MET B 629 5.22 -7.76 10.20
C MET B 629 6.61 -8.25 9.79
N GLY B 630 7.60 -8.03 10.64
CA GLY B 630 8.92 -8.59 10.39
C GLY B 630 9.19 -9.78 11.29
N ASN B 631 9.13 -10.98 10.71
CA ASN B 631 9.23 -12.22 11.48
C ASN B 631 8.21 -12.27 12.60
N TRP B 632 7.03 -11.69 12.35
CA TRP B 632 6.04 -11.50 13.40
C TRP B 632 5.52 -12.82 13.96
N GLN B 633 5.59 -13.91 13.19
CA GLN B 633 5.09 -15.17 13.69
C GLN B 633 6.03 -15.82 14.68
N VAL B 634 7.24 -15.29 14.86
CA VAL B 634 8.19 -15.89 15.79
C VAL B 634 7.67 -15.78 17.22
N TRP B 635 7.19 -14.61 17.61
CA TRP B 635 6.64 -14.44 18.95
C TRP B 635 5.38 -15.27 19.13
N MET B 636 4.48 -15.23 18.15
CA MET B 636 3.21 -15.93 18.28
C MET B 636 3.40 -17.44 18.35
N GLU B 637 4.36 -17.96 17.59
CA GLU B 637 4.70 -19.38 17.70
C GLU B 637 5.25 -19.72 19.09
N SER B 638 6.08 -18.84 19.64
CA SER B 638 6.82 -19.19 20.85
C SER B 638 5.96 -19.04 22.11
N TYR B 639 5.31 -17.88 22.27
CA TYR B 639 4.50 -17.70 23.47
C TYR B 639 3.34 -18.68 23.52
N LYS B 640 2.84 -19.12 22.37
CA LYS B 640 1.87 -20.20 22.35
C LYS B 640 2.44 -21.47 22.97
N ASP B 641 3.74 -21.68 22.80
CA ASP B 641 4.38 -22.85 23.39
C ASP B 641 4.57 -22.69 24.89
N LEU B 642 5.01 -21.50 25.32
CA LEU B 642 5.26 -21.28 26.75
C LEU B 642 3.96 -21.29 27.55
N THR B 643 2.93 -20.63 27.04
CA THR B 643 1.66 -20.58 27.76
C THR B 643 0.99 -21.95 27.80
N GLY B 644 1.20 -22.76 26.76
CA GLY B 644 0.63 -24.09 26.72
C GLY B 644 -0.80 -24.17 26.26
N THR B 645 -1.37 -23.07 25.76
CA THR B 645 -2.73 -23.07 25.27
C THR B 645 -2.79 -22.40 23.90
N TRP B 646 -3.76 -22.82 23.09
CA TRP B 646 -4.00 -22.18 21.81
C TRP B 646 -4.81 -20.90 21.94
N TRP B 647 -5.23 -20.56 23.16
CA TRP B 647 -5.94 -19.30 23.38
C TRP B 647 -5.00 -18.11 23.36
N SER B 648 -3.71 -18.32 23.67
CA SER B 648 -2.77 -17.20 23.74
C SER B 648 -2.62 -16.49 22.42
N ILE B 649 -2.72 -17.20 21.29
CA ILE B 649 -2.66 -16.55 20.00
C ILE B 649 -3.80 -15.57 19.78
N THR B 650 -4.90 -15.72 20.51
CA THR B 650 -5.97 -14.73 20.44
C THR B 650 -5.46 -13.36 20.83
N TYR B 651 -4.39 -13.29 21.61
CA TYR B 651 -3.75 -12.01 21.89
C TYR B 651 -3.12 -11.43 20.62
N PHE B 652 -2.32 -12.23 19.92
CA PHE B 652 -1.60 -11.72 18.76
C PHE B 652 -2.51 -11.51 17.56
N VAL B 653 -3.40 -12.46 17.28
CA VAL B 653 -4.32 -12.30 16.17
C VAL B 653 -5.14 -11.03 16.34
N SER B 654 -5.74 -10.86 17.52
CA SER B 654 -6.49 -9.64 17.80
C SER B 654 -5.59 -8.41 17.71
N PHE B 655 -4.31 -8.56 18.02
CA PHE B 655 -3.39 -7.44 17.81
C PHE B 655 -3.22 -7.16 16.33
N TYR B 656 -3.04 -8.21 15.52
CA TYR B 656 -2.85 -7.99 14.09
C TYR B 656 -4.12 -7.43 13.45
N VAL B 657 -5.28 -7.94 13.85
CA VAL B 657 -6.54 -7.53 13.24
C VAL B 657 -6.86 -6.09 13.59
N ILE B 658 -6.59 -5.69 14.83
CA ILE B 658 -6.96 -4.35 15.27
C ILE B 658 -5.91 -3.33 14.85
N THR B 659 -4.62 -3.68 14.97
CA THR B 659 -3.56 -2.70 14.75
C THR B 659 -3.18 -2.60 13.28
N ILE B 660 -2.71 -3.70 12.69
CA ILE B 660 -2.19 -3.65 11.33
C ILE B 660 -3.31 -3.41 10.33
N LEU B 661 -4.42 -4.13 10.48
CA LEU B 661 -5.47 -4.07 9.47
C LEU B 661 -6.39 -2.86 9.62
N LEU B 662 -6.36 -2.17 10.76
CA LEU B 662 -7.27 -1.05 11.00
C LEU B 662 -6.53 0.26 11.22
N LEU B 663 -5.46 0.26 12.02
CA LEU B 663 -4.80 1.53 12.35
C LEU B 663 -3.70 1.86 11.34
N LEU B 664 -2.78 0.92 11.11
CA LEU B 664 -1.70 1.18 10.17
C LEU B 664 -2.22 1.41 8.77
N ASN B 665 -3.25 0.65 8.37
CA ASN B 665 -3.88 0.91 7.08
C ASN B 665 -4.41 2.33 7.03
N LEU B 666 -4.96 2.82 8.13
CA LEU B 666 -5.44 4.19 8.18
C LEU B 666 -4.30 5.19 8.01
N VAL B 667 -3.18 4.96 8.70
CA VAL B 667 -2.04 5.87 8.59
C VAL B 667 -1.49 5.88 7.16
N VAL B 668 -1.37 4.70 6.56
CA VAL B 668 -0.91 4.60 5.19
C VAL B 668 -1.87 5.32 4.26
N ALA B 669 -3.17 5.23 4.53
CA ALA B 669 -4.15 5.93 3.72
C ALA B 669 -3.95 7.43 3.81
N PHE B 670 -3.72 7.97 5.01
CA PHE B 670 -3.47 9.40 5.13
C PHE B 670 -2.21 9.83 4.40
N VAL B 671 -1.14 9.04 4.52
CA VAL B 671 0.10 9.39 3.84
C VAL B 671 -0.11 9.43 2.33
N LEU B 672 -0.76 8.39 1.80
CA LEU B 672 -1.04 8.35 0.37
C LEU B 672 -1.93 9.51 -0.05
N GLU B 673 -2.95 9.83 0.75
CA GLU B 673 -3.86 10.90 0.37
C GLU B 673 -3.15 12.25 0.35
N ALA B 674 -2.31 12.52 1.35
CA ALA B 674 -1.55 13.77 1.38
C ALA B 674 -0.65 13.88 0.17
N PHE B 675 0.11 12.81 -0.12
CA PHE B 675 1.00 12.84 -1.27
C PHE B 675 0.24 13.02 -2.57
N PHE B 676 -0.87 12.30 -2.74
CA PHE B 676 -1.64 12.37 -3.98
C PHE B 676 -2.24 13.75 -4.16
N THR B 677 -2.80 14.33 -3.10
CA THR B 677 -3.41 15.65 -3.20
C THR B 677 -2.36 16.71 -3.53
N GLU B 678 -1.21 16.69 -2.84
CA GLU B 678 -0.19 17.69 -3.14
C GLU B 678 0.35 17.52 -4.55
N LEU B 679 0.60 16.27 -4.96
CA LEU B 679 1.11 15.97 -6.29
C LEU B 679 0.16 16.51 -7.35
N ASP B 680 -1.13 16.22 -7.21
CA ASP B 680 -2.10 16.82 -8.11
C ASP B 680 -2.15 18.33 -7.96
N LEU B 681 -1.72 18.88 -6.82
CA LEU B 681 -1.79 20.32 -6.62
C LEU B 681 -0.74 21.05 -7.44
N GLU B 682 0.47 20.48 -7.60
CA GLU B 682 1.44 21.21 -8.43
C GLU B 682 0.97 21.35 -9.87
N GLU B 683 0.60 20.24 -10.52
CA GLU B 683 0.19 20.35 -11.92
C GLU B 683 -1.20 20.96 -12.10
N GLU B 684 -1.96 21.15 -11.04
CA GLU B 684 -3.26 21.81 -11.15
C GLU B 684 -3.13 23.31 -10.90
CA CA C . -8.22 -2.39 -36.93
CA CA D . -25.21 11.67 -48.78
CA CA E . -28.12 14.64 -37.99
CA CA F . -12.88 26.90 23.41
CA CA G . -25.68 46.95 16.11
CA CA H . -22.14 44.32 5.40
#